data_1IQ3
#
_entry.id   1IQ3
#
loop_
_entity.id
_entity.type
_entity.pdbx_description
1 polymer 'RALBP1-INTERACTING PROTEIN (PARTNER OF RALBP1)'
2 non-polymer 'CALCIUM ION'
#
_entity_poly.entity_id   1
_entity_poly.type   'polypeptide(L)'
_entity_poly.pdbx_seq_one_letter_code
;GSLQDNSSYPDEPWRITEEQREYYVNQFRSLQPDPSSFISGSVAKNFFTKSKLSIPELSYIWELSDADCDGALTLPEFCA
AFHLIVARKNGYPLPEGLPPTLQPEFIVTD
;
_entity_poly.pdbx_strand_id   A
#
loop_
_chem_comp.id
_chem_comp.type
_chem_comp.name
_chem_comp.formula
CA non-polymer 'CALCIUM ION' 'Ca 2'
#
# COMPACT_ATOMS: atom_id res chain seq x y z
N GLY A 1 9.92 -35.44 7.04
CA GLY A 1 10.53 -35.55 5.68
C GLY A 1 9.79 -34.64 4.71
N SER A 2 8.60 -34.22 5.05
CA SER A 2 7.84 -33.32 4.15
C SER A 2 8.09 -31.85 4.51
N LEU A 3 7.39 -30.94 3.89
CA LEU A 3 7.58 -29.50 4.21
C LEU A 3 9.07 -29.17 4.31
N GLN A 4 9.70 -28.88 3.21
CA GLN A 4 11.15 -28.55 3.23
C GLN A 4 11.35 -27.03 3.36
N ASP A 5 12.54 -26.57 3.12
CA ASP A 5 12.79 -25.09 3.22
C ASP A 5 14.20 -24.77 2.72
N ASN A 6 14.53 -25.20 1.53
CA ASN A 6 15.88 -24.91 0.98
C ASN A 6 15.86 -23.63 0.14
N SER A 7 14.97 -22.72 0.45
CA SER A 7 14.89 -21.46 -0.33
C SER A 7 14.94 -20.25 0.60
N SER A 8 15.71 -19.25 0.25
CA SER A 8 15.80 -18.03 1.11
C SER A 8 15.45 -16.79 0.29
N TYR A 9 14.39 -16.11 0.65
CA TYR A 9 13.99 -14.89 -0.11
C TYR A 9 12.97 -14.08 0.68
N PRO A 10 13.43 -13.46 1.73
CA PRO A 10 12.54 -12.64 2.59
C PRO A 10 11.88 -11.53 1.76
N ASP A 11 11.43 -10.50 2.40
CA ASP A 11 10.78 -9.38 1.65
C ASP A 11 10.53 -8.19 2.58
N GLU A 12 10.72 -6.99 2.09
CA GLU A 12 10.50 -5.78 2.93
C GLU A 12 10.61 -4.52 2.08
N PRO A 13 11.77 -4.32 1.53
CA PRO A 13 12.00 -3.11 0.68
C PRO A 13 11.25 -3.24 -0.65
N TRP A 14 10.56 -4.33 -0.86
CA TRP A 14 9.82 -4.51 -2.14
C TRP A 14 10.80 -4.53 -3.31
N ARG A 15 12.05 -4.80 -3.03
CA ARG A 15 13.07 -4.85 -4.12
C ARG A 15 12.50 -5.56 -5.36
N ILE A 16 12.91 -5.15 -6.52
CA ILE A 16 12.41 -5.81 -7.77
C ILE A 16 13.09 -5.18 -9.00
N THR A 17 12.42 -5.19 -10.12
CA THR A 17 13.04 -4.60 -11.34
C THR A 17 12.04 -4.65 -12.50
N GLU A 18 11.10 -3.75 -12.53
CA GLU A 18 10.10 -3.75 -13.63
C GLU A 18 9.34 -5.07 -13.66
N GLU A 19 9.46 -5.86 -12.63
CA GLU A 19 8.74 -7.17 -12.59
C GLU A 19 7.42 -6.99 -11.82
N GLN A 20 7.37 -6.03 -10.94
CA GLN A 20 6.13 -5.79 -10.17
C GLN A 20 5.64 -4.36 -10.40
N ARG A 21 6.55 -3.45 -10.64
CA ARG A 21 6.13 -2.03 -10.88
C ARG A 21 5.29 -1.96 -12.16
N GLU A 22 5.56 -2.81 -13.10
CA GLU A 22 4.78 -2.79 -14.38
C GLU A 22 3.32 -3.14 -14.08
N TYR A 23 3.09 -4.20 -13.35
CA TYR A 23 1.69 -4.59 -13.03
C TYR A 23 1.10 -3.61 -12.01
N TYR A 24 1.93 -2.94 -11.27
CA TYR A 24 1.42 -1.96 -10.26
C TYR A 24 0.91 -0.71 -10.97
N VAL A 25 1.56 -0.32 -12.03
CA VAL A 25 1.11 0.89 -12.78
C VAL A 25 -0.05 0.53 -13.72
N ASN A 26 -0.06 -0.66 -14.25
CA ASN A 26 -1.15 -1.06 -15.17
C ASN A 26 -2.51 -0.99 -14.44
N GLN A 27 -2.50 -1.17 -13.15
CA GLN A 27 -3.77 -1.11 -12.39
C GLN A 27 -4.10 0.35 -12.05
N PHE A 28 -3.25 1.00 -11.30
CA PHE A 28 -3.51 2.43 -10.96
C PHE A 28 -3.76 3.23 -12.23
N ARG A 29 -3.35 2.72 -13.37
CA ARG A 29 -3.57 3.44 -14.65
C ARG A 29 -4.99 3.20 -15.15
N SER A 30 -5.48 2.00 -15.01
CA SER A 30 -6.87 1.70 -15.48
C SER A 30 -7.81 2.85 -15.07
N LEU A 31 -7.52 3.48 -13.97
CA LEU A 31 -8.38 4.59 -13.50
C LEU A 31 -7.65 5.92 -13.77
N GLN A 32 -6.35 5.91 -13.73
CA GLN A 32 -5.59 7.16 -14.00
C GLN A 32 -5.18 7.23 -15.47
N PRO A 33 -5.90 8.03 -16.22
CA PRO A 33 -5.60 8.20 -17.66
C PRO A 33 -4.16 8.66 -17.87
N ASP A 34 -3.68 9.54 -17.04
CA ASP A 34 -2.28 10.02 -17.18
C ASP A 34 -1.31 8.88 -16.86
N PRO A 35 -0.14 8.97 -17.47
CA PRO A 35 0.90 7.94 -17.25
C PRO A 35 1.16 7.74 -15.75
N SER A 36 1.41 8.82 -15.05
CA SER A 36 1.67 8.70 -13.58
C SER A 36 0.62 9.51 -12.81
N SER A 37 0.82 10.79 -12.70
CA SER A 37 -0.16 11.64 -11.96
C SER A 37 -0.52 11.00 -10.61
N PHE A 38 -1.68 11.30 -10.09
CA PHE A 38 -2.09 10.73 -8.78
C PHE A 38 -3.58 10.36 -8.81
N ILE A 39 -3.95 9.30 -8.14
CA ILE A 39 -5.39 8.89 -8.14
C ILE A 39 -6.10 9.54 -6.94
N SER A 40 -7.40 9.62 -6.97
CA SER A 40 -8.14 10.24 -5.83
C SER A 40 -8.15 9.29 -4.63
N GLY A 41 -8.80 9.68 -3.57
CA GLY A 41 -8.87 8.81 -2.37
C GLY A 41 -10.16 8.00 -2.41
N SER A 42 -11.26 8.63 -2.66
CA SER A 42 -12.56 7.88 -2.72
C SER A 42 -12.59 7.03 -4.00
N VAL A 43 -11.85 7.41 -4.99
CA VAL A 43 -11.83 6.63 -6.26
C VAL A 43 -11.06 5.32 -6.06
N ALA A 44 -9.91 5.40 -5.42
CA ALA A 44 -9.11 4.16 -5.20
C ALA A 44 -9.74 3.32 -4.08
N LYS A 45 -10.34 3.95 -3.12
CA LYS A 45 -10.98 3.17 -2.01
C LYS A 45 -12.27 2.53 -2.52
N ASN A 46 -12.70 2.89 -3.69
CA ASN A 46 -13.94 2.31 -4.26
C ASN A 46 -13.68 0.90 -4.79
N PHE A 47 -12.70 0.74 -5.63
CA PHE A 47 -12.39 -0.61 -6.18
C PHE A 47 -11.42 -1.36 -5.27
N PHE A 48 -10.62 -0.65 -4.52
CA PHE A 48 -9.65 -1.33 -3.61
C PHE A 48 -10.33 -2.51 -2.91
N THR A 49 -11.62 -2.47 -2.75
CA THR A 49 -12.34 -3.59 -2.10
C THR A 49 -12.37 -4.82 -3.01
N LYS A 50 -11.33 -5.59 -3.03
CA LYS A 50 -11.29 -6.80 -3.90
C LYS A 50 -10.23 -7.78 -3.38
N SER A 51 -10.32 -8.15 -2.14
CA SER A 51 -9.32 -9.10 -1.57
C SER A 51 -9.72 -9.51 -0.15
N LYS A 52 -10.03 -8.56 0.68
CA LYS A 52 -10.44 -8.88 2.08
C LYS A 52 -11.62 -9.86 2.08
N LEU A 53 -12.29 -10.00 0.96
CA LEU A 53 -13.46 -10.93 0.90
C LEU A 53 -14.50 -10.54 1.94
N SER A 54 -15.57 -9.93 1.53
CA SER A 54 -16.64 -9.52 2.49
C SER A 54 -16.03 -8.71 3.64
N ILE A 55 -16.84 -8.27 4.56
CA ILE A 55 -16.31 -7.48 5.70
C ILE A 55 -15.39 -6.36 5.19
N PRO A 56 -15.97 -5.20 5.02
CA PRO A 56 -15.19 -4.04 4.53
C PRO A 56 -14.05 -3.70 5.50
N GLU A 57 -12.88 -4.23 5.26
CA GLU A 57 -11.74 -3.95 6.18
C GLU A 57 -10.73 -3.01 5.50
N LEU A 58 -11.19 -2.21 4.57
CA LEU A 58 -10.27 -1.27 3.88
C LEU A 58 -9.99 -0.06 4.77
N SER A 59 -10.52 -0.03 5.95
CA SER A 59 -10.28 1.13 6.85
C SER A 59 -8.80 1.20 7.23
N TYR A 60 -8.18 0.08 7.50
CA TYR A 60 -6.73 0.10 7.86
C TYR A 60 -5.88 0.11 6.59
N ILE A 61 -6.38 -0.46 5.52
CA ILE A 61 -5.59 -0.47 4.25
C ILE A 61 -5.39 0.97 3.76
N TRP A 62 -6.41 1.76 3.80
CA TRP A 62 -6.30 3.18 3.33
C TRP A 62 -5.59 4.02 4.40
N GLU A 63 -5.91 3.81 5.65
CA GLU A 63 -5.26 4.60 6.73
C GLU A 63 -3.74 4.58 6.54
N LEU A 64 -3.22 3.51 6.01
CA LEU A 64 -1.75 3.42 5.80
C LEU A 64 -1.37 3.98 4.43
N SER A 65 -2.25 3.86 3.47
CA SER A 65 -1.95 4.39 2.11
C SER A 65 -1.80 5.90 2.15
N ASP A 66 -2.83 6.59 2.54
CA ASP A 66 -2.76 8.08 2.61
C ASP A 66 -1.79 8.51 3.72
N ALA A 67 -1.12 9.62 3.55
CA ALA A 67 -0.17 10.08 4.59
C ALA A 67 -0.17 11.61 4.67
N ASP A 68 -1.29 12.24 4.40
CA ASP A 68 -1.34 13.72 4.45
C ASP A 68 -2.80 14.16 4.27
N CYS A 69 -3.70 13.31 4.65
CA CYS A 69 -5.14 13.62 4.51
C CYS A 69 -5.40 14.39 3.21
N ASP A 70 -4.63 14.11 2.19
CA ASP A 70 -4.82 14.82 0.90
C ASP A 70 -5.89 14.12 0.06
N GLY A 71 -6.42 13.03 0.55
CA GLY A 71 -7.48 12.30 -0.22
C GLY A 71 -6.93 11.97 -1.62
N ALA A 72 -5.65 11.87 -1.75
CA ALA A 72 -5.05 11.55 -3.07
C ALA A 72 -3.75 10.78 -2.90
N LEU A 73 -3.30 10.08 -3.91
CA LEU A 73 -2.03 9.31 -3.79
C LEU A 73 -1.33 9.22 -5.14
N THR A 74 -0.28 9.97 -5.33
CA THR A 74 0.46 9.90 -6.63
C THR A 74 0.71 8.44 -7.01
N LEU A 75 1.16 8.18 -8.21
CA LEU A 75 1.40 6.77 -8.60
C LEU A 75 2.39 6.14 -7.61
N PRO A 76 3.43 6.88 -7.29
CA PRO A 76 4.44 6.36 -6.33
C PRO A 76 3.75 5.99 -5.01
N GLU A 77 2.67 6.66 -4.69
CA GLU A 77 1.95 6.35 -3.42
C GLU A 77 1.15 5.06 -3.59
N PHE A 78 0.62 4.83 -4.78
CA PHE A 78 -0.17 3.59 -5.01
C PHE A 78 0.77 2.38 -5.05
N CYS A 79 2.01 2.60 -5.38
CA CYS A 79 2.97 1.46 -5.44
C CYS A 79 2.95 0.68 -4.12
N ALA A 80 2.76 1.37 -3.02
CA ALA A 80 2.73 0.67 -1.71
C ALA A 80 1.30 0.29 -1.34
N ALA A 81 0.34 1.04 -1.81
CA ALA A 81 -1.08 0.72 -1.49
C ALA A 81 -1.40 -0.72 -1.93
N PHE A 82 -1.18 -1.04 -3.18
CA PHE A 82 -1.47 -2.42 -3.65
C PHE A 82 -0.60 -3.43 -2.90
N HIS A 83 0.60 -3.05 -2.56
CA HIS A 83 1.50 -3.99 -1.82
C HIS A 83 0.81 -4.49 -0.56
N LEU A 84 -0.04 -3.68 0.03
CA LEU A 84 -0.75 -4.12 1.26
C LEU A 84 -1.97 -4.97 0.91
N ILE A 85 -2.59 -4.69 -0.21
CA ILE A 85 -3.78 -5.50 -0.61
C ILE A 85 -3.37 -6.94 -0.90
N VAL A 86 -2.26 -7.13 -1.57
CA VAL A 86 -1.82 -8.52 -1.89
C VAL A 86 -1.55 -9.30 -0.60
N ALA A 87 -1.13 -8.62 0.44
CA ALA A 87 -0.85 -9.33 1.73
C ALA A 87 -2.05 -10.19 2.13
N ARG A 88 -3.23 -9.81 1.73
CA ARG A 88 -4.43 -10.61 2.09
C ARG A 88 -4.54 -11.84 1.19
N LYS A 89 -4.51 -11.66 -0.10
CA LYS A 89 -4.62 -12.82 -1.02
C LYS A 89 -3.31 -13.61 -1.02
N ASN A 90 -2.33 -13.15 -0.30
CA ASN A 90 -1.04 -13.88 -0.26
C ASN A 90 -0.97 -14.76 1.00
N GLY A 91 -1.61 -14.36 2.06
CA GLY A 91 -1.59 -15.17 3.31
C GLY A 91 -0.48 -14.65 4.23
N TYR A 92 -0.18 -13.38 4.16
CA TYR A 92 0.89 -12.81 5.03
C TYR A 92 0.29 -12.27 6.33
N PRO A 93 0.84 -12.69 7.43
CA PRO A 93 0.35 -12.24 8.75
C PRO A 93 0.40 -10.71 8.83
N LEU A 94 -0.25 -10.14 9.81
CA LEU A 94 -0.24 -8.65 9.94
C LEU A 94 0.82 -8.21 10.96
N PRO A 95 1.90 -7.71 10.46
CA PRO A 95 3.01 -7.24 11.33
C PRO A 95 2.61 -5.95 12.05
N GLU A 96 2.29 -4.92 11.33
CA GLU A 96 1.90 -3.64 11.97
C GLU A 96 0.65 -3.05 11.32
N GLY A 97 0.42 -1.78 11.49
CA GLY A 97 -0.78 -1.14 10.87
C GLY A 97 -1.28 -0.02 11.78
N LEU A 98 -1.11 -0.16 13.07
CA LEU A 98 -1.57 0.90 14.00
C LEU A 98 -0.42 1.29 14.95
N PRO A 99 -0.55 2.44 15.55
CA PRO A 99 0.49 2.92 16.49
C PRO A 99 0.74 1.89 17.59
N PRO A 100 -0.34 1.42 18.16
CA PRO A 100 -0.23 0.41 19.24
C PRO A 100 0.26 -0.93 18.66
N THR A 101 0.40 -1.93 19.48
CA THR A 101 0.87 -3.25 18.97
C THR A 101 1.21 -4.18 20.14
N LEU A 102 0.21 -4.69 20.80
CA LEU A 102 0.47 -5.60 21.96
C LEU A 102 -0.81 -6.37 22.32
N GLN A 103 -1.80 -5.70 22.84
CA GLN A 103 -3.06 -6.40 23.21
C GLN A 103 -4.19 -5.40 23.46
N PRO A 104 -4.49 -4.61 22.46
CA PRO A 104 -5.56 -3.60 22.58
C PRO A 104 -6.93 -4.28 22.73
N GLU A 105 -6.97 -5.57 22.55
CA GLU A 105 -8.26 -6.29 22.68
C GLU A 105 -8.09 -7.49 23.61
N PHE A 106 -6.91 -7.71 24.11
CA PHE A 106 -6.68 -8.86 25.04
C PHE A 106 -6.00 -8.38 26.31
N ILE A 107 -6.51 -7.33 26.90
CA ILE A 107 -5.89 -6.81 28.16
C ILE A 107 -5.52 -7.96 29.09
N VAL A 108 -6.50 -8.63 29.65
CA VAL A 108 -6.19 -9.76 30.56
C VAL A 108 -5.36 -10.82 29.83
N THR A 109 -4.07 -10.87 30.09
CA THR A 109 -3.21 -11.87 29.42
C THR A 109 -3.16 -13.16 30.24
N ASP A 110 -3.29 -13.06 31.53
CA ASP A 110 -3.25 -14.28 32.39
C ASP A 110 -2.08 -15.19 31.96
CA CA B . -1.46 10.44 0.32
N GLY A 1 3.62 1.06 19.69
CA GLY A 1 2.17 1.06 19.39
C GLY A 1 1.89 2.02 18.23
N SER A 2 1.71 3.28 18.53
CA SER A 2 1.42 4.27 17.45
C SER A 2 2.49 5.37 17.45
N LEU A 3 3.74 5.00 17.35
CA LEU A 3 4.82 6.03 17.35
C LEU A 3 5.58 6.00 16.01
N GLN A 4 6.61 6.79 15.88
CA GLN A 4 7.38 6.80 14.60
C GLN A 4 6.44 7.03 13.42
N ASP A 5 6.43 8.23 12.89
CA ASP A 5 5.54 8.52 11.72
C ASP A 5 6.18 9.59 10.84
N ASN A 6 6.56 9.23 9.64
CA ASN A 6 7.19 10.23 8.74
C ASN A 6 6.91 9.87 7.28
N SER A 7 7.75 10.30 6.37
CA SER A 7 7.54 9.98 4.94
C SER A 7 7.91 8.52 4.66
N SER A 8 7.64 8.05 3.46
CA SER A 8 7.98 6.64 3.14
C SER A 8 9.20 6.59 2.21
N TYR A 9 9.52 7.67 1.55
CA TYR A 9 10.70 7.68 0.64
C TYR A 9 10.50 6.65 -0.47
N PRO A 10 9.73 7.04 -1.45
CA PRO A 10 9.46 6.14 -2.60
C PRO A 10 10.75 5.75 -3.31
N ASP A 11 10.71 4.75 -4.15
CA ASP A 11 11.94 4.33 -4.88
C ASP A 11 13.04 3.96 -3.88
N GLU A 12 12.77 3.04 -2.99
CA GLU A 12 13.80 2.63 -2.00
C GLU A 12 13.38 1.35 -1.29
N PRO A 13 12.29 1.41 -0.57
CA PRO A 13 11.78 0.23 0.17
C PRO A 13 11.33 -0.85 -0.82
N TRP A 14 11.04 -0.48 -2.04
CA TRP A 14 10.60 -1.49 -3.04
C TRP A 14 11.78 -2.33 -3.51
N ARG A 15 12.73 -1.71 -4.16
CA ARG A 15 13.92 -2.45 -4.66
C ARG A 15 13.54 -3.44 -5.76
N ILE A 16 12.96 -2.96 -6.82
CA ILE A 16 12.58 -3.88 -7.93
C ILE A 16 13.13 -3.35 -9.26
N THR A 17 12.48 -3.63 -10.35
CA THR A 17 12.98 -3.15 -11.67
C THR A 17 12.04 -3.56 -12.79
N GLU A 18 10.97 -2.84 -12.97
CA GLU A 18 10.00 -3.17 -14.05
C GLU A 18 9.41 -4.57 -13.85
N GLU A 19 9.66 -5.18 -12.72
CA GLU A 19 9.09 -6.53 -12.48
C GLU A 19 7.77 -6.39 -11.72
N GLN A 20 7.67 -5.38 -10.90
CA GLN A 20 6.41 -5.15 -10.15
C GLN A 20 5.83 -3.78 -10.51
N ARG A 21 6.68 -2.86 -10.93
CA ARG A 21 6.17 -1.51 -11.30
C ARG A 21 5.37 -1.60 -12.61
N GLU A 22 5.63 -2.60 -13.40
CA GLU A 22 4.87 -2.74 -14.68
C GLU A 22 3.43 -3.19 -14.39
N TYR A 23 3.27 -4.12 -13.50
CA TYR A 23 1.89 -4.59 -13.17
C TYR A 23 1.17 -3.56 -12.30
N TYR A 24 1.89 -2.89 -11.44
CA TYR A 24 1.25 -1.87 -10.56
C TYR A 24 0.86 -0.64 -11.38
N VAL A 25 1.64 -0.31 -12.37
CA VAL A 25 1.32 0.88 -13.22
C VAL A 25 0.25 0.52 -14.25
N ASN A 26 0.17 -0.73 -14.62
CA ASN A 26 -0.85 -1.15 -15.62
C ASN A 26 -2.25 -1.15 -14.98
N GLN A 27 -2.31 -1.25 -13.69
CA GLN A 27 -3.63 -1.25 -13.00
C GLN A 27 -4.03 0.20 -12.65
N PHE A 28 -3.20 0.88 -11.92
CA PHE A 28 -3.52 2.29 -11.56
C PHE A 28 -3.69 3.13 -12.83
N ARG A 29 -3.27 2.62 -13.95
CA ARG A 29 -3.41 3.37 -15.23
C ARG A 29 -4.89 3.53 -15.60
N SER A 30 -5.64 2.46 -15.54
CA SER A 30 -7.09 2.56 -15.89
C SER A 30 -7.71 3.76 -15.18
N LEU A 31 -7.15 4.16 -14.08
CA LEU A 31 -7.72 5.32 -13.32
C LEU A 31 -6.89 6.58 -13.61
N GLN A 32 -5.64 6.43 -13.96
CA GLN A 32 -4.79 7.61 -14.25
C GLN A 32 -3.76 7.28 -15.32
N PRO A 33 -4.00 7.77 -16.51
CA PRO A 33 -3.07 7.53 -17.64
C PRO A 33 -1.68 8.07 -17.31
N ASP A 34 -1.58 9.35 -17.08
CA ASP A 34 -0.26 9.95 -16.75
C ASP A 34 0.50 9.04 -15.78
N PRO A 35 1.71 8.70 -16.14
CA PRO A 35 2.55 7.84 -15.28
C PRO A 35 2.92 8.56 -13.98
N SER A 36 3.08 9.85 -14.04
CA SER A 36 3.45 10.62 -12.81
C SER A 36 2.24 11.43 -12.31
N SER A 37 1.21 10.76 -11.88
CA SER A 37 0.01 11.50 -11.39
C SER A 37 -0.60 10.79 -10.18
N PHE A 38 -1.34 11.50 -9.38
CA PHE A 38 -1.97 10.87 -8.18
C PHE A 38 -3.48 10.67 -8.42
N ILE A 39 -4.02 9.57 -8.00
CA ILE A 39 -5.48 9.33 -8.19
C ILE A 39 -6.27 9.90 -7.02
N SER A 40 -7.54 10.13 -7.21
CA SER A 40 -8.36 10.68 -6.10
C SER A 40 -8.34 9.74 -4.90
N GLY A 41 -8.99 10.10 -3.83
CA GLY A 41 -8.99 9.22 -2.63
C GLY A 41 -10.13 8.20 -2.75
N SER A 42 -11.29 8.55 -2.25
CA SER A 42 -12.44 7.59 -2.34
C SER A 42 -12.49 6.95 -3.73
N VAL A 43 -12.11 7.68 -4.74
CA VAL A 43 -12.13 7.10 -6.12
C VAL A 43 -11.31 5.82 -6.16
N ALA A 44 -10.09 5.87 -5.69
CA ALA A 44 -9.23 4.64 -5.71
C ALA A 44 -9.76 3.63 -4.67
N LYS A 45 -9.99 4.06 -3.46
CA LYS A 45 -10.51 3.13 -2.43
C LYS A 45 -11.80 2.49 -2.92
N ASN A 46 -12.42 3.10 -3.89
CA ASN A 46 -13.70 2.56 -4.42
C ASN A 46 -13.49 1.14 -4.98
N PHE A 47 -12.58 0.99 -5.89
CA PHE A 47 -12.34 -0.36 -6.47
C PHE A 47 -11.39 -1.17 -5.57
N PHE A 48 -10.67 -0.51 -4.71
CA PHE A 48 -9.74 -1.23 -3.80
C PHE A 48 -10.47 -2.36 -3.05
N THR A 49 -11.78 -2.30 -3.01
CA THR A 49 -12.56 -3.35 -2.29
C THR A 49 -12.20 -4.76 -2.79
N LYS A 50 -11.54 -4.87 -3.92
CA LYS A 50 -11.18 -6.22 -4.45
C LYS A 50 -9.96 -6.77 -3.73
N SER A 51 -10.12 -7.22 -2.51
CA SER A 51 -8.96 -7.78 -1.76
C SER A 51 -9.43 -8.36 -0.42
N LYS A 52 -10.20 -7.62 0.32
CA LYS A 52 -10.69 -8.14 1.63
C LYS A 52 -11.92 -9.02 1.43
N LEU A 53 -12.40 -9.12 0.21
CA LEU A 53 -13.60 -9.96 -0.05
C LEU A 53 -14.68 -9.70 1.00
N SER A 54 -14.70 -10.48 2.05
CA SER A 54 -15.72 -10.26 3.11
C SER A 54 -15.12 -9.50 4.29
N ILE A 55 -15.89 -9.27 5.31
CA ILE A 55 -15.36 -8.53 6.50
C ILE A 55 -14.79 -7.17 6.06
N PRO A 56 -15.62 -6.17 6.13
CA PRO A 56 -15.20 -4.79 5.74
C PRO A 56 -14.00 -4.34 6.59
N GLU A 57 -12.83 -4.36 6.02
CA GLU A 57 -11.62 -3.93 6.78
C GLU A 57 -10.72 -3.06 5.91
N LEU A 58 -11.31 -2.25 5.06
CA LEU A 58 -10.49 -1.37 4.17
C LEU A 58 -9.95 -0.17 4.96
N SER A 59 -10.23 -0.12 6.24
CA SER A 59 -9.73 1.02 7.06
C SER A 59 -8.21 0.97 7.17
N TYR A 60 -7.65 -0.19 7.37
CA TYR A 60 -6.17 -0.28 7.49
C TYR A 60 -5.52 -0.26 6.10
N ILE A 61 -6.18 -0.80 5.12
CA ILE A 61 -5.61 -0.80 3.74
C ILE A 61 -5.41 0.64 3.27
N TRP A 62 -6.33 1.50 3.59
CA TRP A 62 -6.21 2.92 3.17
C TRP A 62 -5.33 3.70 4.15
N GLU A 63 -5.43 3.39 5.41
CA GLU A 63 -4.59 4.11 6.42
C GLU A 63 -3.12 4.12 5.97
N LEU A 64 -2.69 3.08 5.31
CA LEU A 64 -1.27 3.04 4.83
C LEU A 64 -1.18 3.62 3.41
N SER A 65 -2.21 3.46 2.64
CA SER A 65 -2.18 3.99 1.24
C SER A 65 -1.93 5.51 1.26
N ASP A 66 -2.31 6.15 2.33
CA ASP A 66 -2.09 7.63 2.43
C ASP A 66 -1.01 7.95 3.46
N ALA A 67 -0.26 9.00 3.25
CA ALA A 67 0.80 9.35 4.23
C ALA A 67 0.60 10.78 4.74
N ASP A 68 -0.58 11.32 4.56
CA ASP A 68 -0.84 12.71 5.02
C ASP A 68 -2.34 12.97 4.95
N CYS A 69 -3.12 11.93 5.00
CA CYS A 69 -4.59 12.06 4.92
C CYS A 69 -4.97 13.14 3.92
N ASP A 70 -4.19 13.30 2.90
CA ASP A 70 -4.50 14.35 1.88
C ASP A 70 -5.68 13.89 1.01
N GLY A 71 -6.10 12.66 1.15
CA GLY A 71 -7.24 12.17 0.34
C GLY A 71 -6.72 11.67 -1.01
N ALA A 72 -5.83 12.40 -1.62
CA ALA A 72 -5.28 11.98 -2.93
C ALA A 72 -4.04 11.10 -2.72
N LEU A 73 -3.68 10.34 -3.71
CA LEU A 73 -2.48 9.46 -3.56
C LEU A 73 -1.68 9.45 -4.87
N THR A 74 -0.40 9.71 -4.81
CA THR A 74 0.42 9.70 -6.05
C THR A 74 0.55 8.27 -6.58
N LEU A 75 0.78 8.12 -7.86
CA LEU A 75 0.93 6.74 -8.42
C LEU A 75 1.96 5.96 -7.62
N PRO A 76 3.05 6.60 -7.30
CA PRO A 76 4.12 5.94 -6.52
C PRO A 76 3.59 5.51 -5.15
N GLU A 77 2.69 6.26 -4.58
CA GLU A 77 2.14 5.87 -3.26
C GLU A 77 1.07 4.79 -3.45
N PHE A 78 0.61 4.63 -4.66
CA PHE A 78 -0.42 3.58 -4.94
C PHE A 78 0.26 2.22 -5.04
N CYS A 79 1.50 2.20 -5.46
CA CYS A 79 2.22 0.90 -5.57
C CYS A 79 2.28 0.22 -4.20
N ALA A 80 2.46 0.98 -3.16
CA ALA A 80 2.51 0.38 -1.79
C ALA A 80 1.10 -0.03 -1.35
N ALA A 81 0.16 0.84 -1.51
CA ALA A 81 -1.24 0.50 -1.11
C ALA A 81 -1.59 -0.90 -1.62
N PHE A 82 -1.17 -1.23 -2.81
CA PHE A 82 -1.46 -2.59 -3.36
C PHE A 82 -0.74 -3.66 -2.54
N HIS A 83 0.51 -3.44 -2.23
CA HIS A 83 1.27 -4.44 -1.44
C HIS A 83 0.41 -4.96 -0.29
N LEU A 84 -0.30 -4.07 0.37
CA LEU A 84 -1.17 -4.51 1.51
C LEU A 84 -2.33 -5.35 1.00
N ILE A 85 -2.94 -4.95 -0.08
CA ILE A 85 -4.07 -5.73 -0.64
C ILE A 85 -3.64 -7.19 -0.86
N VAL A 86 -2.37 -7.43 -0.98
CA VAL A 86 -1.89 -8.82 -1.20
C VAL A 86 -1.77 -9.54 0.14
N ALA A 87 -1.41 -8.83 1.19
CA ALA A 87 -1.28 -9.49 2.52
C ALA A 87 -2.56 -10.24 2.86
N ARG A 88 -3.67 -9.84 2.30
CA ARG A 88 -4.96 -10.54 2.58
C ARG A 88 -4.88 -11.99 2.09
N LYS A 89 -4.36 -12.20 0.91
CA LYS A 89 -4.25 -13.59 0.39
C LYS A 89 -2.97 -14.25 0.88
N ASN A 90 -2.38 -13.70 1.91
CA ASN A 90 -1.11 -14.29 2.44
C ASN A 90 0.02 -14.14 1.42
N GLY A 91 -0.12 -13.22 0.51
CA GLY A 91 0.95 -13.03 -0.51
C GLY A 91 2.19 -12.42 0.15
N TYR A 92 1.99 -11.53 1.09
CA TYR A 92 3.14 -10.90 1.79
C TYR A 92 4.19 -10.43 0.78
N PRO A 93 3.93 -9.29 0.20
CA PRO A 93 4.87 -8.71 -0.79
C PRO A 93 6.06 -8.08 -0.08
N LEU A 94 7.04 -8.88 0.28
CA LEU A 94 8.23 -8.32 0.99
C LEU A 94 7.79 -7.69 2.32
N PRO A 95 8.47 -8.08 3.37
CA PRO A 95 8.15 -7.55 4.72
C PRO A 95 8.31 -6.02 4.75
N GLU A 96 7.24 -5.30 4.88
CA GLU A 96 7.34 -3.81 4.91
C GLU A 96 7.23 -3.30 6.35
N GLY A 97 6.78 -2.09 6.53
CA GLY A 97 6.65 -1.54 7.91
C GLY A 97 5.97 -2.57 8.81
N LEU A 98 4.67 -2.46 8.97
CA LEU A 98 3.94 -3.42 9.83
C LEU A 98 4.51 -3.39 11.26
N PRO A 99 3.65 -3.10 12.20
CA PRO A 99 4.07 -3.03 13.62
C PRO A 99 4.88 -4.27 14.00
N PRO A 100 4.26 -5.41 13.88
CA PRO A 100 4.94 -6.68 14.22
C PRO A 100 6.14 -6.89 13.30
N THR A 101 7.32 -7.06 13.85
CA THR A 101 8.52 -7.27 13.00
C THR A 101 9.43 -8.33 13.62
N LEU A 102 8.93 -9.52 13.79
CA LEU A 102 9.77 -10.60 14.39
C LEU A 102 10.06 -11.68 13.35
N GLN A 103 9.08 -12.04 12.57
CA GLN A 103 9.29 -13.09 11.53
C GLN A 103 9.62 -14.43 12.18
N PRO A 104 8.89 -15.44 11.80
CA PRO A 104 9.11 -16.79 12.36
C PRO A 104 10.52 -17.29 12.03
N GLU A 105 11.48 -16.93 12.82
CA GLU A 105 12.88 -17.37 12.54
C GLU A 105 12.98 -18.91 12.63
N PHE A 106 12.14 -19.52 13.40
CA PHE A 106 12.20 -21.00 13.54
C PHE A 106 11.21 -21.67 12.57
N ILE A 107 11.12 -21.17 11.37
CA ILE A 107 10.18 -21.77 10.39
C ILE A 107 10.63 -21.43 8.95
N VAL A 108 10.94 -20.19 8.70
CA VAL A 108 11.37 -19.80 7.33
C VAL A 108 12.66 -20.52 6.96
N THR A 109 12.79 -20.93 5.72
CA THR A 109 14.03 -21.64 5.30
C THR A 109 14.91 -20.73 4.44
N ASP A 110 14.31 -20.04 3.50
CA ASP A 110 15.11 -19.13 2.63
C ASP A 110 16.28 -19.89 1.99
CA CA B . -1.46 10.53 0.24
N GLY A 1 14.12 17.32 -2.65
CA GLY A 1 13.89 17.34 -1.18
C GLY A 1 12.46 16.91 -0.88
N SER A 2 11.64 17.83 -0.46
CA SER A 2 10.21 17.48 -0.15
C SER A 2 10.15 16.48 1.01
N LEU A 3 10.87 16.74 2.07
CA LEU A 3 10.85 15.80 3.23
C LEU A 3 9.50 15.90 3.95
N GLN A 4 8.57 15.05 3.59
CA GLN A 4 7.24 15.09 4.27
C GLN A 4 6.42 13.85 3.88
N ASP A 5 6.25 13.60 2.62
CA ASP A 5 5.47 12.40 2.19
C ASP A 5 6.28 11.13 2.41
N ASN A 6 7.59 11.23 2.33
CA ASN A 6 8.44 10.02 2.54
C ASN A 6 9.26 10.17 3.82
N SER A 7 10.09 9.21 4.13
CA SER A 7 10.92 9.31 5.36
C SER A 7 12.38 9.52 5.01
N SER A 8 13.27 8.92 5.75
CA SER A 8 14.72 9.09 5.46
C SER A 8 15.17 8.08 4.40
N TYR A 9 14.62 6.90 4.44
CA TYR A 9 14.99 5.86 3.43
C TYR A 9 13.73 5.29 2.78
N PRO A 10 13.30 5.95 1.73
CA PRO A 10 12.08 5.50 1.01
C PRO A 10 12.27 4.08 0.50
N ASP A 11 11.19 3.46 0.07
CA ASP A 11 11.31 2.06 -0.44
C ASP A 11 10.85 1.98 -1.90
N GLU A 12 11.71 2.34 -2.81
CA GLU A 12 11.33 2.29 -4.25
C GLU A 12 11.37 0.85 -4.79
N PRO A 13 12.36 0.10 -4.37
CA PRO A 13 12.49 -1.30 -4.83
C PRO A 13 11.17 -2.05 -4.62
N TRP A 14 10.50 -1.82 -3.53
CA TRP A 14 9.21 -2.54 -3.29
C TRP A 14 9.41 -4.05 -3.48
N ARG A 15 10.47 -4.59 -2.95
CA ARG A 15 10.71 -6.06 -3.11
C ARG A 15 10.69 -6.43 -4.59
N ILE A 16 10.43 -7.68 -4.90
CA ILE A 16 10.40 -8.13 -6.31
C ILE A 16 11.44 -7.40 -7.15
N THR A 17 11.15 -7.17 -8.39
CA THR A 17 12.13 -6.45 -9.27
C THR A 17 11.48 -6.11 -10.61
N GLU A 18 10.75 -5.03 -10.67
CA GLU A 18 10.10 -4.65 -11.95
C GLU A 18 9.23 -5.79 -12.48
N GLU A 19 8.92 -6.74 -11.63
CA GLU A 19 8.07 -7.88 -12.07
C GLU A 19 6.63 -7.67 -11.59
N GLN A 20 6.45 -6.86 -10.59
CA GLN A 20 5.08 -6.61 -10.09
C GLN A 20 4.78 -5.11 -10.11
N ARG A 21 5.79 -4.29 -10.01
CA ARG A 21 5.56 -2.82 -10.04
C ARG A 21 4.97 -2.41 -11.39
N GLU A 22 5.28 -3.16 -12.42
CA GLU A 22 4.74 -2.83 -13.76
C GLU A 22 3.27 -3.25 -13.84
N TYR A 23 2.91 -4.33 -13.20
CA TYR A 23 1.49 -4.79 -13.24
C TYR A 23 0.66 -4.02 -12.21
N TYR A 24 1.30 -3.42 -11.25
CA TYR A 24 0.55 -2.65 -10.22
C TYR A 24 0.25 -1.24 -10.76
N VAL A 25 1.21 -0.63 -11.41
CA VAL A 25 0.96 0.72 -11.97
C VAL A 25 -0.02 0.64 -13.14
N ASN A 26 -0.07 -0.50 -13.78
CA ASN A 26 -1.02 -0.67 -14.93
C ASN A 26 -2.45 -0.55 -14.44
N GLN A 27 -2.69 -0.80 -13.18
CA GLN A 27 -4.07 -0.71 -12.64
C GLN A 27 -4.36 0.75 -12.25
N PHE A 28 -3.49 1.35 -11.49
CA PHE A 28 -3.72 2.78 -11.11
C PHE A 28 -4.04 3.59 -12.35
N ARG A 29 -3.60 3.15 -13.49
CA ARG A 29 -3.87 3.90 -14.75
C ARG A 29 -5.37 3.81 -15.10
N SER A 30 -5.95 2.65 -14.98
CA SER A 30 -7.40 2.52 -15.30
C SER A 30 -8.16 3.67 -14.65
N LEU A 31 -7.73 4.09 -13.49
CA LEU A 31 -8.41 5.21 -12.79
C LEU A 31 -7.75 6.54 -13.15
N GLN A 32 -6.50 6.49 -13.51
CA GLN A 32 -5.77 7.74 -13.88
C GLN A 32 -5.23 7.62 -15.31
N PRO A 33 -5.77 8.43 -16.18
CA PRO A 33 -5.33 8.43 -17.60
C PRO A 33 -3.83 8.76 -17.69
N ASP A 34 -3.39 9.70 -16.91
CA ASP A 34 -1.95 10.08 -16.94
C ASP A 34 -1.07 8.85 -16.66
N PRO A 35 0.04 8.79 -17.35
CA PRO A 35 0.99 7.67 -17.17
C PRO A 35 1.58 7.68 -15.77
N SER A 36 1.80 8.86 -15.22
CA SER A 36 2.38 8.94 -13.84
C SER A 36 1.85 10.18 -13.13
N SER A 37 0.71 10.06 -12.50
CA SER A 37 0.13 11.23 -11.77
C SER A 37 -0.33 10.82 -10.37
N PHE A 38 -1.22 11.57 -9.79
CA PHE A 38 -1.72 11.23 -8.43
C PHE A 38 -3.24 11.06 -8.44
N ILE A 39 -3.77 10.21 -7.60
CA ILE A 39 -5.25 10.01 -7.57
C ILE A 39 -5.88 10.94 -6.54
N SER A 40 -7.05 11.46 -6.82
CA SER A 40 -7.72 12.38 -5.87
C SER A 40 -8.25 11.60 -4.67
N GLY A 41 -8.46 10.32 -4.82
CA GLY A 41 -8.98 9.50 -3.69
C GLY A 41 -10.41 9.04 -4.02
N SER A 42 -10.90 8.06 -3.29
CA SER A 42 -12.28 7.54 -3.53
C SER A 42 -12.31 6.63 -4.77
N VAL A 43 -12.18 7.19 -5.94
CA VAL A 43 -12.20 6.35 -7.18
C VAL A 43 -11.40 5.07 -6.97
N ALA A 44 -10.31 5.15 -6.26
CA ALA A 44 -9.48 3.94 -6.01
C ALA A 44 -10.09 3.12 -4.87
N LYS A 45 -10.48 3.76 -3.81
CA LYS A 45 -11.09 3.01 -2.66
C LYS A 45 -12.38 2.32 -3.10
N ASN A 46 -12.86 2.65 -4.26
CA ASN A 46 -14.12 2.03 -4.77
C ASN A 46 -13.84 0.59 -5.21
N PHE A 47 -12.85 0.40 -6.05
CA PHE A 47 -12.55 -0.98 -6.52
C PHE A 47 -11.54 -1.66 -5.59
N PHE A 48 -10.95 -0.92 -4.68
CA PHE A 48 -9.97 -1.53 -3.74
C PHE A 48 -10.62 -2.69 -2.97
N THR A 49 -11.93 -2.78 -3.01
CA THR A 49 -12.62 -3.88 -2.28
C THR A 49 -12.56 -5.17 -3.10
N LYS A 50 -11.55 -5.97 -2.88
CA LYS A 50 -11.42 -7.24 -3.64
C LYS A 50 -10.26 -8.08 -3.09
N SER A 51 -10.11 -8.12 -1.80
CA SER A 51 -8.99 -8.92 -1.20
C SER A 51 -9.32 -9.27 0.25
N LYS A 52 -9.42 -8.28 1.10
CA LYS A 52 -9.74 -8.56 2.52
C LYS A 52 -10.83 -9.62 2.63
N LEU A 53 -11.75 -9.62 1.71
CA LEU A 53 -12.85 -10.64 1.75
C LEU A 53 -13.61 -10.54 3.07
N SER A 54 -13.16 -11.22 4.08
CA SER A 54 -13.86 -11.17 5.40
C SER A 54 -14.00 -9.72 5.89
N ILE A 55 -15.18 -9.17 5.78
CA ILE A 55 -15.39 -7.76 6.23
C ILE A 55 -14.47 -6.80 5.48
N PRO A 56 -15.06 -5.81 4.87
CA PRO A 56 -14.28 -4.81 4.12
C PRO A 56 -13.44 -3.95 5.07
N GLU A 57 -12.30 -4.45 5.48
CA GLU A 57 -11.44 -3.65 6.42
C GLU A 57 -10.45 -2.80 5.63
N LEU A 58 -10.93 -2.03 4.68
CA LEU A 58 -10.01 -1.19 3.87
C LEU A 58 -9.61 0.06 4.66
N SER A 59 -10.08 0.19 5.86
CA SER A 59 -9.73 1.40 6.67
C SER A 59 -8.23 1.38 7.01
N TYR A 60 -7.67 0.22 7.21
CA TYR A 60 -6.22 0.14 7.54
C TYR A 60 -5.39 0.11 6.25
N ILE A 61 -5.93 -0.46 5.20
CA ILE A 61 -5.17 -0.50 3.91
C ILE A 61 -4.98 0.91 3.38
N TRP A 62 -6.05 1.65 3.27
CA TRP A 62 -5.95 3.05 2.76
C TRP A 62 -5.25 3.92 3.81
N GLU A 63 -5.50 3.66 5.07
CA GLU A 63 -4.84 4.48 6.13
C GLU A 63 -3.32 4.39 5.98
N LEU A 64 -2.84 3.35 5.37
CA LEU A 64 -1.37 3.21 5.17
C LEU A 64 -0.97 3.76 3.82
N SER A 65 -1.88 3.80 2.88
CA SER A 65 -1.54 4.34 1.53
C SER A 65 -1.48 5.87 1.56
N ASP A 66 -2.22 6.49 2.43
CA ASP A 66 -2.21 7.97 2.50
C ASP A 66 -1.86 8.44 3.92
N ALA A 67 -1.17 9.54 4.04
CA ALA A 67 -0.81 10.04 5.39
C ALA A 67 -0.53 11.55 5.33
N ASP A 68 -1.54 12.33 5.06
CA ASP A 68 -1.34 13.80 4.99
C ASP A 68 -2.70 14.46 4.79
N CYS A 69 -3.72 13.82 5.26
CA CYS A 69 -5.10 14.36 5.12
C CYS A 69 -5.28 14.98 3.73
N ASP A 70 -4.62 14.44 2.75
CA ASP A 70 -4.75 14.97 1.37
C ASP A 70 -5.90 14.29 0.65
N GLY A 71 -6.16 13.04 0.98
CA GLY A 71 -7.27 12.32 0.31
C GLY A 71 -6.80 11.76 -1.04
N ALA A 72 -5.67 12.19 -1.51
CA ALA A 72 -5.16 11.68 -2.82
C ALA A 72 -3.88 10.86 -2.60
N LEU A 73 -3.54 10.04 -3.55
CA LEU A 73 -2.31 9.21 -3.39
C LEU A 73 -1.48 9.23 -4.68
N THR A 74 -0.44 10.02 -4.70
CA THR A 74 0.42 10.09 -5.93
C THR A 74 0.70 8.67 -6.43
N LEU A 75 1.28 8.53 -7.60
CA LEU A 75 1.58 7.17 -8.11
C LEU A 75 2.39 6.40 -7.06
N PRO A 76 3.38 7.06 -6.53
CA PRO A 76 4.24 6.43 -5.49
C PRO A 76 3.38 6.00 -4.30
N GLU A 77 2.32 6.70 -4.03
CA GLU A 77 1.45 6.32 -2.88
C GLU A 77 0.62 5.09 -3.25
N PHE A 78 0.23 4.97 -4.49
CA PHE A 78 -0.57 3.78 -4.90
C PHE A 78 0.31 2.53 -4.97
N CYS A 79 1.59 2.71 -5.11
CA CYS A 79 2.50 1.53 -5.18
C CYS A 79 2.37 0.68 -3.92
N ALA A 80 2.56 1.27 -2.77
CA ALA A 80 2.44 0.50 -1.50
C ALA A 80 0.99 0.10 -1.26
N ALA A 81 0.07 0.92 -1.68
CA ALA A 81 -1.38 0.58 -1.47
C ALA A 81 -1.69 -0.82 -1.99
N PHE A 82 -1.50 -1.04 -3.26
CA PHE A 82 -1.79 -2.39 -3.83
C PHE A 82 -0.79 -3.42 -3.30
N HIS A 83 0.32 -2.98 -2.78
CA HIS A 83 1.33 -3.93 -2.25
C HIS A 83 0.84 -4.58 -0.97
N LEU A 84 -0.08 -3.96 -0.28
CA LEU A 84 -0.60 -4.56 0.98
C LEU A 84 -1.88 -5.37 0.72
N ILE A 85 -2.82 -4.80 0.02
CA ILE A 85 -4.08 -5.54 -0.27
C ILE A 85 -3.76 -6.96 -0.75
N VAL A 86 -2.94 -7.10 -1.75
CA VAL A 86 -2.59 -8.46 -2.25
C VAL A 86 -1.67 -9.17 -1.25
N ALA A 87 -0.98 -8.43 -0.44
CA ALA A 87 -0.07 -9.05 0.55
C ALA A 87 -0.85 -10.02 1.45
N ARG A 88 -2.15 -9.92 1.45
CA ARG A 88 -2.96 -10.84 2.29
C ARG A 88 -2.75 -12.29 1.88
N LYS A 89 -3.26 -12.67 0.73
CA LYS A 89 -3.08 -14.08 0.26
C LYS A 89 -1.59 -14.44 0.21
N ASN A 90 -0.84 -13.78 -0.63
CA ASN A 90 0.61 -14.09 -0.73
C ASN A 90 1.22 -14.25 0.67
N GLY A 91 0.63 -13.63 1.65
CA GLY A 91 1.18 -13.75 3.03
C GLY A 91 2.42 -12.86 3.17
N TYR A 92 2.53 -11.84 2.37
CA TYR A 92 3.71 -10.94 2.45
C TYR A 92 4.02 -10.60 3.90
N PRO A 93 5.13 -11.11 4.37
CA PRO A 93 5.54 -10.85 5.77
C PRO A 93 6.13 -9.45 5.90
N LEU A 94 5.32 -8.48 6.25
CA LEU A 94 5.83 -7.10 6.39
C LEU A 94 5.56 -6.57 7.81
N PRO A 95 6.61 -6.16 8.47
CA PRO A 95 6.49 -5.62 9.84
C PRO A 95 5.51 -4.46 9.88
N GLU A 96 5.34 -3.78 8.77
CA GLU A 96 4.39 -2.63 8.74
C GLU A 96 2.97 -3.11 9.01
N GLY A 97 2.01 -2.22 8.94
CA GLY A 97 0.60 -2.63 9.20
C GLY A 97 0.15 -2.12 10.56
N LEU A 98 1.05 -1.59 11.34
CA LEU A 98 0.67 -1.06 12.68
C LEU A 98 0.09 -2.19 13.54
N PRO A 99 0.79 -3.29 13.56
CA PRO A 99 0.35 -4.47 14.36
C PRO A 99 0.35 -4.13 15.85
N PRO A 100 -0.19 -5.04 16.62
CA PRO A 100 -0.25 -4.86 18.09
C PRO A 100 1.16 -4.82 18.68
N THR A 101 1.79 -3.68 18.67
CA THR A 101 3.17 -3.57 19.23
C THR A 101 3.62 -2.12 19.20
N LEU A 102 2.72 -1.20 19.40
CA LEU A 102 3.11 0.25 19.37
C LEU A 102 2.70 0.92 20.68
N GLN A 103 1.43 0.96 20.98
CA GLN A 103 0.98 1.61 22.24
C GLN A 103 -0.53 1.38 22.44
N PRO A 104 -0.94 1.44 23.67
CA PRO A 104 -2.37 1.24 24.01
C PRO A 104 -3.21 2.44 23.59
N GLU A 105 -3.53 2.54 22.32
CA GLU A 105 -4.37 3.68 21.84
C GLU A 105 -3.96 4.97 22.54
N PHE A 106 -2.75 5.40 22.38
CA PHE A 106 -2.29 6.66 23.03
C PHE A 106 -2.85 6.77 24.45
N ILE A 107 -2.69 5.74 25.24
CA ILE A 107 -3.20 5.79 26.64
C ILE A 107 -2.05 5.96 27.62
N VAL A 108 -1.39 4.91 27.98
CA VAL A 108 -0.26 5.01 28.94
C VAL A 108 1.08 4.87 28.20
N THR A 109 2.13 5.41 28.75
CA THR A 109 3.46 5.30 28.08
C THR A 109 4.57 5.17 29.13
N ASP A 110 4.40 4.30 30.10
CA ASP A 110 5.44 4.14 31.15
C ASP A 110 5.33 2.74 31.78
CA CA B . -1.32 12.15 -0.30
N GLY A 1 27.79 -0.95 5.27
CA GLY A 1 26.79 -0.64 6.33
C GLY A 1 25.55 -1.52 6.12
N SER A 2 25.63 -2.48 5.25
CA SER A 2 24.45 -3.36 5.01
C SER A 2 24.72 -4.77 5.58
N LEU A 3 25.41 -4.85 6.68
CA LEU A 3 25.70 -6.19 7.27
C LEU A 3 24.53 -6.65 8.13
N GLN A 4 24.22 -5.94 9.17
CA GLN A 4 23.08 -6.35 10.04
C GLN A 4 23.35 -7.72 10.66
N ASP A 5 22.40 -8.25 11.38
CA ASP A 5 22.60 -9.60 12.00
C ASP A 5 21.25 -10.26 12.28
N ASN A 6 20.32 -10.11 11.37
CA ASN A 6 18.98 -10.74 11.58
C ASN A 6 18.56 -11.53 10.34
N SER A 7 18.08 -10.85 9.33
CA SER A 7 17.66 -11.57 8.09
C SER A 7 18.52 -11.13 6.90
N SER A 8 19.06 -9.94 6.96
CA SER A 8 19.92 -9.46 5.84
C SER A 8 19.15 -9.55 4.52
N TYR A 9 17.88 -9.28 4.54
CA TYR A 9 17.07 -9.35 3.28
C TYR A 9 17.13 -8.00 2.55
N PRO A 10 17.24 -8.09 1.26
CA PRO A 10 17.30 -6.87 0.41
C PRO A 10 15.95 -6.14 0.43
N ASP A 11 15.95 -4.86 0.19
CA ASP A 11 14.67 -4.09 0.20
C ASP A 11 13.77 -4.58 -0.95
N GLU A 12 12.93 -5.54 -0.68
CA GLU A 12 12.03 -6.07 -1.75
C GLU A 12 10.80 -5.17 -1.91
N PRO A 13 10.01 -5.07 -0.87
CA PRO A 13 8.79 -4.23 -0.93
C PRO A 13 9.16 -2.75 -1.10
N TRP A 14 10.37 -2.39 -0.81
CA TRP A 14 10.78 -0.97 -0.96
C TRP A 14 11.72 -0.80 -2.17
N ARG A 15 11.92 -1.85 -2.92
CA ARG A 15 12.82 -1.74 -4.11
C ARG A 15 12.50 -2.85 -5.11
N ILE A 16 12.87 -2.64 -6.35
CA ILE A 16 12.61 -3.68 -7.38
C ILE A 16 13.20 -3.23 -8.73
N THR A 17 12.61 -3.66 -9.82
CA THR A 17 13.14 -3.25 -11.15
C THR A 17 12.13 -3.61 -12.25
N GLU A 18 11.24 -2.71 -12.56
CA GLU A 18 10.22 -2.99 -13.62
C GLU A 18 9.72 -4.42 -13.50
N GLU A 19 9.76 -4.98 -12.32
CA GLU A 19 9.28 -6.37 -12.13
C GLU A 19 7.95 -6.33 -11.39
N GLN A 20 7.79 -5.37 -10.53
CA GLN A 20 6.52 -5.24 -9.77
C GLN A 20 5.90 -3.87 -10.03
N ARG A 21 6.71 -2.92 -10.42
CA ARG A 21 6.17 -1.55 -10.70
C ARG A 21 5.38 -1.56 -12.01
N GLU A 22 5.67 -2.49 -12.87
CA GLU A 22 4.94 -2.55 -14.17
C GLU A 22 3.53 -3.12 -13.95
N TYR A 23 3.42 -4.12 -13.11
CA TYR A 23 2.07 -4.71 -12.85
C TYR A 23 1.29 -3.82 -11.88
N TYR A 24 1.96 -3.19 -10.95
CA TYR A 24 1.25 -2.30 -9.99
C TYR A 24 0.71 -1.07 -10.72
N VAL A 25 1.50 -0.51 -11.59
CA VAL A 25 1.03 0.70 -12.33
C VAL A 25 -0.05 0.31 -13.35
N ASN A 26 0.04 -0.86 -13.91
CA ASN A 26 -0.98 -1.29 -14.91
C ASN A 26 -2.39 -1.17 -14.33
N GLN A 27 -2.51 -1.24 -13.04
CA GLN A 27 -3.85 -1.12 -12.40
C GLN A 27 -4.17 0.35 -12.13
N PHE A 28 -3.34 1.02 -11.39
CA PHE A 28 -3.58 2.46 -11.09
C PHE A 28 -3.74 3.24 -12.40
N ARG A 29 -3.32 2.69 -13.50
CA ARG A 29 -3.44 3.40 -14.81
C ARG A 29 -4.91 3.43 -15.24
N SER A 30 -5.58 2.31 -15.22
CA SER A 30 -7.01 2.29 -15.64
C SER A 30 -7.74 3.50 -15.04
N LEU A 31 -7.35 3.90 -13.86
CA LEU A 31 -8.02 5.06 -13.21
C LEU A 31 -7.29 6.35 -13.61
N GLN A 32 -6.00 6.28 -13.83
CA GLN A 32 -5.24 7.49 -14.21
C GLN A 32 -4.48 7.24 -15.52
N PRO A 33 -5.06 7.69 -16.59
CA PRO A 33 -4.44 7.51 -17.93
C PRO A 33 -3.00 8.07 -17.93
N ASP A 34 -2.73 9.03 -17.10
CA ASP A 34 -1.36 9.62 -17.06
C ASP A 34 -0.44 8.73 -16.22
N PRO A 35 0.64 8.30 -16.84
CA PRO A 35 1.62 7.44 -16.13
C PRO A 35 2.25 8.19 -14.96
N SER A 36 2.33 9.49 -15.05
CA SER A 36 2.94 10.28 -13.95
C SER A 36 1.90 11.21 -13.33
N SER A 37 0.92 10.66 -12.66
CA SER A 37 -0.13 11.51 -12.04
C SER A 37 -0.65 10.87 -10.75
N PHE A 38 -1.41 11.59 -9.97
CA PHE A 38 -1.95 11.02 -8.71
C PHE A 38 -3.45 10.75 -8.85
N ILE A 39 -3.93 9.68 -8.28
CA ILE A 39 -5.40 9.37 -8.38
C ILE A 39 -6.14 10.04 -7.22
N SER A 40 -7.42 10.19 -7.34
CA SER A 40 -8.18 10.83 -6.23
C SER A 40 -8.13 9.93 -4.99
N GLY A 41 -9.13 10.02 -4.14
CA GLY A 41 -9.14 9.16 -2.93
C GLY A 41 -10.22 8.09 -3.06
N SER A 42 -11.46 8.46 -2.84
CA SER A 42 -12.56 7.46 -2.98
C SER A 42 -12.47 6.76 -4.33
N VAL A 43 -11.85 7.38 -5.29
CA VAL A 43 -11.73 6.75 -6.64
C VAL A 43 -10.97 5.43 -6.52
N ALA A 44 -9.84 5.43 -5.88
CA ALA A 44 -9.05 4.17 -5.73
C ALA A 44 -9.69 3.27 -4.67
N LYS A 45 -10.02 3.82 -3.53
CA LYS A 45 -10.65 2.99 -2.47
C LYS A 45 -11.92 2.33 -3.02
N ASN A 46 -12.43 2.84 -4.11
CA ASN A 46 -13.66 2.26 -4.71
C ASN A 46 -13.42 0.80 -5.09
N PHE A 47 -12.48 0.56 -5.95
CA PHE A 47 -12.20 -0.84 -6.39
C PHE A 47 -11.33 -1.55 -5.35
N PHE A 48 -10.62 -0.81 -4.54
CA PHE A 48 -9.75 -1.44 -3.50
C PHE A 48 -10.53 -2.53 -2.75
N THR A 49 -11.83 -2.45 -2.75
CA THR A 49 -12.65 -3.47 -2.03
C THR A 49 -12.06 -4.88 -2.23
N LYS A 50 -11.37 -5.11 -3.31
CA LYS A 50 -10.79 -6.46 -3.54
C LYS A 50 -9.64 -6.72 -2.57
N SER A 51 -9.94 -7.16 -1.38
CA SER A 51 -8.85 -7.42 -0.39
C SER A 51 -9.45 -8.04 0.88
N LYS A 52 -10.23 -7.30 1.61
CA LYS A 52 -10.85 -7.84 2.85
C LYS A 52 -12.02 -8.75 2.48
N LEU A 53 -12.46 -8.70 1.25
CA LEU A 53 -13.61 -9.55 0.82
C LEU A 53 -14.86 -9.25 1.65
N SER A 54 -15.03 -9.94 2.75
CA SER A 54 -16.23 -9.69 3.59
C SER A 54 -15.83 -9.02 4.92
N ILE A 55 -15.01 -9.66 5.69
CA ILE A 55 -14.59 -9.05 6.99
C ILE A 55 -14.32 -7.54 6.82
N PRO A 56 -15.24 -6.76 7.29
CA PRO A 56 -15.11 -5.28 7.20
C PRO A 56 -13.86 -4.80 7.95
N GLU A 57 -12.90 -4.29 7.24
CA GLU A 57 -11.66 -3.81 7.92
C GLU A 57 -10.73 -3.13 6.91
N LEU A 58 -11.26 -2.27 6.08
CA LEU A 58 -10.41 -1.58 5.07
C LEU A 58 -9.90 -0.25 5.63
N SER A 59 -10.12 -0.01 6.89
CA SER A 59 -9.64 1.27 7.50
C SER A 59 -8.12 1.25 7.66
N TYR A 60 -7.54 0.09 7.87
CA TYR A 60 -6.07 0.02 8.03
C TYR A 60 -5.37 0.03 6.66
N ILE A 61 -6.03 -0.46 5.65
CA ILE A 61 -5.42 -0.45 4.29
C ILE A 61 -5.31 0.99 3.79
N TRP A 62 -6.36 1.74 3.91
CA TRP A 62 -6.34 3.16 3.45
C TRP A 62 -5.48 3.99 4.40
N GLU A 63 -5.57 3.75 5.67
CA GLU A 63 -4.75 4.53 6.65
C GLU A 63 -3.28 4.48 6.25
N LEU A 64 -2.86 3.39 5.66
CA LEU A 64 -1.43 3.28 5.22
C LEU A 64 -1.28 3.76 3.78
N SER A 65 -2.36 3.78 3.04
CA SER A 65 -2.27 4.23 1.63
C SER A 65 -2.08 5.75 1.56
N ASP A 66 -2.60 6.46 2.53
CA ASP A 66 -2.46 7.94 2.52
C ASP A 66 -1.30 8.36 3.44
N ALA A 67 -0.68 9.48 3.16
CA ALA A 67 0.44 9.94 4.01
C ALA A 67 0.34 11.46 4.24
N ASP A 68 -0.83 12.01 4.11
CA ASP A 68 -0.99 13.47 4.33
C ASP A 68 -2.48 13.80 4.34
N CYS A 69 -3.28 12.84 4.70
CA CYS A 69 -4.75 13.02 4.73
C CYS A 69 -5.21 13.90 3.58
N ASP A 70 -4.54 13.81 2.46
CA ASP A 70 -4.92 14.63 1.28
C ASP A 70 -6.10 13.98 0.55
N GLY A 71 -6.40 12.74 0.87
CA GLY A 71 -7.53 12.05 0.19
C GLY A 71 -7.03 11.42 -1.11
N ALA A 72 -6.22 12.12 -1.85
CA ALA A 72 -5.70 11.57 -3.12
C ALA A 72 -4.37 10.86 -2.88
N LEU A 73 -4.00 9.96 -3.75
CA LEU A 73 -2.71 9.23 -3.59
C LEU A 73 -1.93 9.23 -4.90
N THR A 74 -0.73 9.74 -4.90
CA THR A 74 0.08 9.76 -6.14
C THR A 74 0.30 8.34 -6.67
N LEU A 75 0.55 8.20 -7.95
CA LEU A 75 0.79 6.84 -8.50
C LEU A 75 1.92 6.15 -7.73
N PRO A 76 2.97 6.90 -7.46
CA PRO A 76 4.12 6.35 -6.73
C PRO A 76 3.69 5.90 -5.33
N GLU A 77 2.69 6.52 -4.77
CA GLU A 77 2.24 6.10 -3.41
C GLU A 77 1.30 4.90 -3.54
N PHE A 78 0.67 4.77 -4.68
CA PHE A 78 -0.25 3.61 -4.89
C PHE A 78 0.57 2.34 -5.13
N CYS A 79 1.74 2.48 -5.68
CA CYS A 79 2.59 1.29 -5.94
C CYS A 79 2.81 0.51 -4.64
N ALA A 80 2.73 1.16 -3.52
CA ALA A 80 2.93 0.46 -2.22
C ALA A 80 1.59 -0.02 -1.66
N ALA A 81 0.59 0.82 -1.71
CA ALA A 81 -0.74 0.40 -1.18
C ALA A 81 -1.18 -0.91 -1.83
N PHE A 82 -0.89 -1.07 -3.10
CA PHE A 82 -1.28 -2.33 -3.80
C PHE A 82 -0.32 -3.47 -3.41
N HIS A 83 0.87 -3.16 -2.99
CA HIS A 83 1.83 -4.23 -2.61
C HIS A 83 1.23 -5.04 -1.46
N LEU A 84 0.53 -4.39 -0.57
CA LEU A 84 -0.06 -5.13 0.59
C LEU A 84 -1.44 -5.68 0.20
N ILE A 85 -2.10 -5.07 -0.75
CA ILE A 85 -3.45 -5.58 -1.17
C ILE A 85 -3.35 -7.07 -1.51
N VAL A 86 -2.32 -7.46 -2.21
CA VAL A 86 -2.17 -8.89 -2.58
C VAL A 86 -1.86 -9.73 -1.34
N ALA A 87 -1.07 -9.20 -0.44
CA ALA A 87 -0.72 -9.96 0.79
C ALA A 87 -1.98 -10.27 1.59
N ARG A 88 -3.08 -9.65 1.26
CA ARG A 88 -4.35 -9.92 2.02
C ARG A 88 -5.03 -11.17 1.45
N LYS A 89 -4.94 -11.38 0.17
CA LYS A 89 -5.59 -12.59 -0.43
C LYS A 89 -5.21 -13.85 0.35
N ASN A 90 -3.94 -14.13 0.48
CA ASN A 90 -3.51 -15.33 1.23
C ASN A 90 -3.11 -14.94 2.65
N GLY A 91 -3.20 -13.70 2.99
CA GLY A 91 -2.82 -13.25 4.37
C GLY A 91 -1.35 -12.85 4.39
N TYR A 92 -0.48 -13.72 3.98
CA TYR A 92 0.97 -13.40 3.97
C TYR A 92 1.44 -13.01 5.38
N PRO A 93 2.70 -13.29 5.64
CA PRO A 93 3.28 -12.98 6.97
C PRO A 93 3.52 -11.47 7.10
N LEU A 94 3.24 -10.92 8.25
CA LEU A 94 3.46 -9.47 8.46
C LEU A 94 3.01 -8.67 7.23
N PRO A 95 1.75 -8.34 7.20
CA PRO A 95 1.20 -7.56 6.06
C PRO A 95 1.77 -6.13 6.08
N GLU A 96 1.86 -5.53 7.24
CA GLU A 96 2.42 -4.15 7.31
C GLU A 96 2.39 -3.66 8.76
N GLY A 97 2.83 -2.45 9.00
CA GLY A 97 2.84 -1.92 10.39
C GLY A 97 1.64 -0.98 10.60
N LEU A 98 1.78 -0.01 11.44
CA LEU A 98 0.65 0.94 11.68
C LEU A 98 1.13 2.39 11.56
N PRO A 99 0.20 3.26 11.33
CA PRO A 99 0.53 4.71 11.19
C PRO A 99 1.04 5.27 12.52
N PRO A 100 1.53 6.48 12.46
CA PRO A 100 2.07 7.15 13.67
C PRO A 100 0.97 7.29 14.74
N THR A 101 0.77 6.28 15.53
CA THR A 101 -0.28 6.35 16.58
C THR A 101 0.13 5.51 17.80
N LEU A 102 1.40 5.39 18.04
CA LEU A 102 1.87 4.58 19.21
C LEU A 102 3.34 4.86 19.50
N GLN A 103 4.21 4.57 18.56
CA GLN A 103 5.66 4.82 18.79
C GLN A 103 6.13 4.09 20.04
N PRO A 104 6.55 2.86 19.84
CA PRO A 104 7.03 2.03 20.97
C PRO A 104 8.29 2.65 21.59
N GLU A 105 9.04 3.39 20.81
CA GLU A 105 10.28 4.01 21.35
C GLU A 105 11.20 2.94 21.94
N PHE A 106 10.97 1.71 21.59
CA PHE A 106 11.83 0.61 22.13
C PHE A 106 12.09 0.82 23.63
N ILE A 107 11.05 0.88 24.42
CA ILE A 107 11.24 1.08 25.88
C ILE A 107 11.84 -0.17 26.51
N VAL A 108 11.47 -1.33 26.02
CA VAL A 108 12.02 -2.60 26.60
C VAL A 108 13.55 -2.61 26.47
N THR A 109 14.25 -2.78 27.56
CA THR A 109 15.73 -2.82 27.49
C THR A 109 16.25 -1.72 26.57
N ASP A 110 15.69 -0.54 26.66
CA ASP A 110 16.15 0.58 25.78
C ASP A 110 16.14 0.14 24.31
CA CA B . -1.63 10.60 -0.11
N GLY A 1 19.88 12.64 17.02
CA GLY A 1 18.44 13.04 16.93
C GLY A 1 18.22 13.84 15.65
N SER A 2 19.05 13.65 14.66
CA SER A 2 18.87 14.40 13.39
C SER A 2 18.01 13.61 12.40
N LEU A 3 17.37 14.27 11.49
CA LEU A 3 16.50 13.56 10.51
C LEU A 3 16.32 14.42 9.25
N GLN A 4 17.37 14.68 8.53
CA GLN A 4 17.25 15.51 7.29
C GLN A 4 17.02 14.61 6.08
N ASP A 5 15.88 14.72 5.45
CA ASP A 5 15.60 13.88 4.26
C ASP A 5 16.74 13.99 3.25
N ASN A 6 17.31 12.90 2.83
CA ASN A 6 18.42 12.95 1.84
C ASN A 6 17.86 12.85 0.41
N SER A 7 16.66 13.30 0.21
CA SER A 7 16.07 13.25 -1.16
C SER A 7 15.97 11.79 -1.62
N SER A 8 14.80 11.36 -2.03
CA SER A 8 14.63 9.96 -2.50
C SER A 8 15.21 8.99 -1.46
N TYR A 9 15.15 7.71 -1.74
CA TYR A 9 15.70 6.72 -0.77
C TYR A 9 15.59 5.30 -1.35
N PRO A 10 16.50 4.47 -0.94
CA PRO A 10 16.50 3.07 -1.41
C PRO A 10 15.15 2.40 -1.14
N ASP A 11 14.98 1.18 -1.58
CA ASP A 11 13.68 0.48 -1.34
C ASP A 11 13.91 -1.03 -1.24
N GLU A 12 14.09 -1.53 -0.06
CA GLU A 12 14.31 -2.99 0.10
C GLU A 12 12.97 -3.75 0.17
N PRO A 13 12.00 -3.16 0.85
CA PRO A 13 10.68 -3.82 0.97
C PRO A 13 10.07 -4.06 -0.41
N TRP A 14 10.27 -3.14 -1.32
CA TRP A 14 9.71 -3.31 -2.70
C TRP A 14 10.76 -3.95 -3.61
N ARG A 15 11.61 -4.77 -3.06
CA ARG A 15 12.65 -5.42 -3.90
C ARG A 15 12.03 -6.13 -5.11
N ILE A 16 12.33 -5.67 -6.29
CA ILE A 16 11.75 -6.30 -7.51
C ILE A 16 12.38 -5.66 -8.75
N THR A 17 11.69 -5.68 -9.86
CA THR A 17 12.25 -5.07 -11.10
C THR A 17 11.23 -5.12 -12.23
N GLU A 18 10.33 -4.19 -12.27
CA GLU A 18 9.30 -4.18 -13.34
C GLU A 18 8.58 -5.53 -13.43
N GLU A 19 8.70 -6.34 -12.40
CA GLU A 19 8.01 -7.65 -12.42
C GLU A 19 6.70 -7.53 -11.66
N GLN A 20 6.68 -6.73 -10.63
CA GLN A 20 5.44 -6.53 -9.85
C GLN A 20 4.93 -5.10 -10.08
N ARG A 21 5.84 -4.18 -10.30
CA ARG A 21 5.42 -2.77 -10.54
C ARG A 21 4.79 -2.65 -11.93
N GLU A 22 5.15 -3.53 -12.83
CA GLU A 22 4.55 -3.47 -14.19
C GLU A 22 3.03 -3.54 -14.09
N TYR A 23 2.52 -4.49 -13.35
CA TYR A 23 1.05 -4.61 -13.20
C TYR A 23 0.53 -3.56 -12.21
N TYR A 24 1.26 -3.32 -11.14
CA TYR A 24 0.81 -2.30 -10.16
C TYR A 24 0.51 -0.98 -10.86
N VAL A 25 1.51 -0.35 -11.42
CA VAL A 25 1.28 0.95 -12.12
C VAL A 25 0.31 0.75 -13.29
N ASN A 26 0.29 -0.42 -13.87
CA ASN A 26 -0.62 -0.68 -15.01
C ASN A 26 -2.08 -0.55 -14.56
N GLN A 27 -2.35 -0.79 -13.31
CA GLN A 27 -3.74 -0.67 -12.80
C GLN A 27 -4.02 0.80 -12.43
N PHE A 28 -3.22 1.36 -11.57
CA PHE A 28 -3.42 2.77 -11.17
C PHE A 28 -3.60 3.66 -12.42
N ARG A 29 -3.09 3.21 -13.54
CA ARG A 29 -3.23 4.01 -14.79
C ARG A 29 -4.70 4.06 -15.23
N SER A 30 -5.37 2.94 -15.20
CA SER A 30 -6.81 2.93 -15.61
C SER A 30 -7.60 3.92 -14.77
N LEU A 31 -7.08 4.29 -13.63
CA LEU A 31 -7.81 5.27 -12.76
C LEU A 31 -7.19 6.65 -12.89
N GLN A 32 -5.95 6.74 -13.30
CA GLN A 32 -5.30 8.06 -13.44
C GLN A 32 -4.73 8.24 -14.86
N PRO A 33 -4.89 9.42 -15.37
CA PRO A 33 -4.38 9.73 -16.73
C PRO A 33 -2.86 9.60 -16.78
N ASP A 34 -2.17 10.42 -16.04
CA ASP A 34 -0.68 10.35 -16.03
C ASP A 34 -0.20 9.31 -15.03
N PRO A 35 0.84 8.61 -15.42
CA PRO A 35 1.42 7.55 -14.54
C PRO A 35 1.96 8.18 -13.24
N SER A 36 2.77 9.20 -13.36
CA SER A 36 3.33 9.83 -12.13
C SER A 36 2.37 10.89 -11.59
N SER A 37 1.14 10.52 -11.38
CA SER A 37 0.14 11.50 -10.84
C SER A 37 -0.56 10.91 -9.62
N PHE A 38 -1.40 11.68 -8.97
CA PHE A 38 -2.12 11.16 -7.77
C PHE A 38 -3.59 10.90 -8.11
N ILE A 39 -4.22 10.02 -7.38
CA ILE A 39 -5.67 9.72 -7.67
C ILE A 39 -6.56 10.65 -6.84
N SER A 40 -7.71 10.99 -7.36
CA SER A 40 -8.62 11.89 -6.60
C SER A 40 -8.83 11.36 -5.19
N GLY A 41 -8.65 10.08 -5.00
CA GLY A 41 -8.83 9.49 -3.64
C GLY A 41 -9.87 8.37 -3.70
N SER A 42 -11.12 8.70 -3.78
CA SER A 42 -12.18 7.64 -3.85
C SER A 42 -12.08 6.87 -5.16
N VAL A 43 -11.41 7.43 -6.14
CA VAL A 43 -11.29 6.73 -7.45
C VAL A 43 -10.66 5.34 -7.25
N ALA A 44 -9.64 5.26 -6.43
CA ALA A 44 -8.98 3.95 -6.21
C ALA A 44 -9.70 3.18 -5.10
N LYS A 45 -10.28 3.87 -4.16
CA LYS A 45 -11.00 3.17 -3.05
C LYS A 45 -12.23 2.45 -3.61
N ASN A 46 -12.56 2.70 -4.85
CA ASN A 46 -13.73 2.03 -5.46
C ASN A 46 -13.43 0.56 -5.72
N PHE A 47 -12.37 0.28 -6.43
CA PHE A 47 -12.03 -1.15 -6.73
C PHE A 47 -11.16 -1.75 -5.61
N PHE A 48 -10.48 -0.92 -4.87
CA PHE A 48 -9.63 -1.45 -3.76
C PHE A 48 -10.40 -2.52 -2.97
N THR A 49 -11.55 -2.17 -2.48
CA THR A 49 -12.35 -3.16 -1.70
C THR A 49 -13.19 -4.02 -2.64
N LYS A 50 -12.56 -4.74 -3.53
CA LYS A 50 -13.31 -5.60 -4.47
C LYS A 50 -14.45 -6.32 -3.73
N SER A 51 -14.11 -7.25 -2.89
CA SER A 51 -15.16 -7.99 -2.13
C SER A 51 -14.68 -8.27 -0.71
N LYS A 52 -14.30 -7.24 0.01
CA LYS A 52 -13.80 -7.43 1.41
C LYS A 52 -12.98 -8.72 1.51
N LEU A 53 -11.98 -8.84 0.66
CA LEU A 53 -11.12 -10.06 0.66
C LEU A 53 -11.04 -10.69 2.06
N SER A 54 -11.91 -11.59 2.36
CA SER A 54 -11.90 -12.24 3.70
C SER A 54 -11.94 -11.16 4.79
N ILE A 55 -10.81 -10.67 5.21
CA ILE A 55 -10.79 -9.62 6.26
C ILE A 55 -10.75 -8.24 5.62
N PRO A 56 -11.88 -7.57 5.67
CA PRO A 56 -11.99 -6.21 5.07
C PRO A 56 -11.10 -5.23 5.83
N GLU A 57 -11.61 -4.61 6.86
CA GLU A 57 -10.79 -3.64 7.63
C GLU A 57 -10.04 -2.71 6.67
N LEU A 58 -10.55 -2.53 5.48
CA LEU A 58 -9.86 -1.64 4.50
C LEU A 58 -9.52 -0.30 5.15
N SER A 59 -10.17 0.06 6.23
CA SER A 59 -9.86 1.36 6.89
C SER A 59 -8.36 1.50 7.13
N TYR A 60 -7.70 0.46 7.57
CA TYR A 60 -6.23 0.56 7.81
C TYR A 60 -5.46 0.51 6.48
N ILE A 61 -6.02 -0.10 5.48
CA ILE A 61 -5.32 -0.18 4.17
C ILE A 61 -5.27 1.22 3.54
N TRP A 62 -6.30 1.98 3.71
CA TRP A 62 -6.31 3.36 3.15
C TRP A 62 -5.64 4.32 4.11
N GLU A 63 -5.74 4.06 5.39
CA GLU A 63 -5.08 4.96 6.38
C GLU A 63 -3.57 5.02 6.10
N LEU A 64 -3.03 3.93 5.62
CA LEU A 64 -1.57 3.90 5.31
C LEU A 64 -1.33 4.34 3.87
N SER A 65 -2.32 4.19 3.03
CA SER A 65 -2.15 4.61 1.60
C SER A 65 -2.00 6.13 1.51
N ASP A 66 -2.59 6.84 2.43
CA ASP A 66 -2.49 8.33 2.40
C ASP A 66 -1.39 8.79 3.36
N ALA A 67 -0.60 9.76 2.95
CA ALA A 67 0.49 10.25 3.85
C ALA A 67 0.19 11.67 4.31
N ASP A 68 -1.03 12.13 4.17
CA ASP A 68 -1.37 13.51 4.61
C ASP A 68 -2.88 13.68 4.53
N CYS A 69 -3.60 12.60 4.62
CA CYS A 69 -5.08 12.66 4.55
C CYS A 69 -5.51 13.70 3.52
N ASP A 70 -4.73 13.89 2.49
CA ASP A 70 -5.10 14.89 1.45
C ASP A 70 -6.22 14.35 0.58
N GLY A 71 -6.63 13.13 0.79
CA GLY A 71 -7.73 12.55 -0.03
C GLY A 71 -7.13 11.91 -1.29
N ALA A 72 -6.22 12.57 -1.93
CA ALA A 72 -5.58 12.00 -3.15
C ALA A 72 -4.31 11.25 -2.77
N LEU A 73 -3.86 10.38 -3.63
CA LEU A 73 -2.62 9.61 -3.33
C LEU A 73 -1.74 9.51 -4.57
N THR A 74 -0.59 10.12 -4.54
CA THR A 74 0.32 10.06 -5.72
C THR A 74 0.45 8.61 -6.20
N LEU A 75 0.92 8.40 -7.40
CA LEU A 75 1.07 7.00 -7.89
C LEU A 75 1.95 6.19 -6.92
N PRO A 76 3.01 6.80 -6.45
CA PRO A 76 3.91 6.10 -5.50
C PRO A 76 3.11 5.63 -4.27
N GLU A 77 2.10 6.36 -3.90
CA GLU A 77 1.27 5.96 -2.72
C GLU A 77 0.42 4.73 -3.07
N PHE A 78 0.07 4.58 -4.31
CA PHE A 78 -0.75 3.41 -4.71
C PHE A 78 0.12 2.15 -4.80
N CYS A 79 1.31 2.29 -5.32
CA CYS A 79 2.21 1.10 -5.43
C CYS A 79 2.40 0.43 -4.07
N ALA A 80 2.24 1.17 -3.01
CA ALA A 80 2.42 0.58 -1.65
C ALA A 80 1.11 -0.05 -1.16
N ALA A 81 0.10 0.75 -0.96
CA ALA A 81 -1.20 0.21 -0.47
C ALA A 81 -1.65 -0.99 -1.30
N PHE A 82 -1.26 -1.06 -2.55
CA PHE A 82 -1.67 -2.21 -3.39
C PHE A 82 -1.03 -3.50 -2.90
N HIS A 83 0.28 -3.60 -2.96
CA HIS A 83 0.95 -4.84 -2.49
C HIS A 83 0.42 -5.25 -1.12
N LEU A 84 -0.13 -4.32 -0.38
CA LEU A 84 -0.67 -4.66 0.97
C LEU A 84 -1.90 -5.55 0.84
N ILE A 85 -2.85 -5.17 0.02
CA ILE A 85 -4.08 -5.98 -0.15
C ILE A 85 -3.72 -7.37 -0.72
N VAL A 86 -2.98 -7.41 -1.79
CA VAL A 86 -2.59 -8.72 -2.38
C VAL A 86 -1.63 -9.48 -1.46
N ALA A 87 -0.94 -8.76 -0.61
CA ALA A 87 0.02 -9.43 0.31
C ALA A 87 -0.73 -10.27 1.35
N ARG A 88 -2.01 -10.10 1.45
CA ARG A 88 -2.80 -10.89 2.44
C ARG A 88 -3.20 -12.24 1.85
N LYS A 89 -2.79 -12.50 0.64
CA LYS A 89 -3.14 -13.81 0.01
C LYS A 89 -1.99 -14.81 0.19
N ASN A 90 -0.87 -14.56 -0.43
CA ASN A 90 0.28 -15.50 -0.30
C ASN A 90 0.97 -15.30 1.05
N GLY A 91 0.44 -14.46 1.89
CA GLY A 91 1.07 -14.24 3.22
C GLY A 91 2.43 -13.57 3.02
N TYR A 92 2.48 -12.51 2.27
CA TYR A 92 3.79 -11.82 2.04
C TYR A 92 4.38 -11.36 3.37
N PRO A 93 5.62 -10.96 3.32
CA PRO A 93 6.33 -10.49 4.55
C PRO A 93 5.58 -9.32 5.17
N LEU A 94 6.09 -8.78 6.25
CA LEU A 94 5.40 -7.64 6.92
C LEU A 94 6.27 -6.38 6.83
N PRO A 95 6.02 -5.62 5.80
CA PRO A 95 6.78 -4.36 5.58
C PRO A 95 6.61 -3.42 6.77
N GLU A 96 5.42 -2.91 6.97
CA GLU A 96 5.17 -1.99 8.11
C GLU A 96 3.67 -1.81 8.33
N GLY A 97 3.29 -0.83 9.11
CA GLY A 97 1.84 -0.62 9.37
C GLY A 97 1.60 -0.51 10.88
N LEU A 98 1.49 -1.62 11.56
CA LEU A 98 1.25 -1.57 13.03
C LEU A 98 1.67 -2.91 13.66
N PRO A 99 2.89 -3.28 13.42
CA PRO A 99 3.43 -4.54 13.98
C PRO A 99 3.41 -4.50 15.51
N PRO A 100 3.81 -5.60 16.11
CA PRO A 100 3.84 -5.69 17.59
C PRO A 100 4.86 -4.69 18.15
N THR A 101 4.43 -3.49 18.43
CA THR A 101 5.37 -2.47 18.98
C THR A 101 4.59 -1.41 19.77
N LEU A 102 3.54 -1.81 20.43
CA LEU A 102 2.73 -0.83 21.22
C LEU A 102 2.55 -1.33 22.65
N GLN A 103 2.03 -2.53 22.79
CA GLN A 103 1.81 -3.13 24.15
C GLN A 103 1.70 -2.06 25.24
N PRO A 104 0.77 -1.15 25.09
CA PRO A 104 0.59 -0.07 26.07
C PRO A 104 -0.13 -0.60 27.31
N GLU A 105 -1.27 -1.21 27.13
CA GLU A 105 -2.03 -1.76 28.28
C GLU A 105 -1.72 -3.24 28.48
N PHE A 106 -0.94 -3.81 27.60
CA PHE A 106 -0.61 -5.26 27.73
C PHE A 106 0.74 -5.44 28.43
N ILE A 107 1.03 -4.61 29.39
CA ILE A 107 2.32 -4.73 30.12
C ILE A 107 2.12 -5.50 31.42
N VAL A 108 0.99 -5.31 32.07
CA VAL A 108 0.73 -6.04 33.34
C VAL A 108 0.09 -7.39 33.06
N THR A 109 0.87 -8.44 33.13
CA THR A 109 0.30 -9.80 32.86
C THR A 109 -0.59 -9.77 31.61
N ASP A 110 -0.25 -8.95 30.66
CA ASP A 110 -1.08 -8.88 29.42
C ASP A 110 -2.53 -8.60 29.77
CA CA B . -1.92 10.95 0.21
N GLY A 1 1.58 6.03 6.65
CA GLY A 1 2.48 5.26 7.54
C GLY A 1 2.49 5.88 8.93
N SER A 2 1.59 5.49 9.79
CA SER A 2 1.55 6.08 11.15
C SER A 2 2.91 5.90 11.83
N LEU A 3 3.38 4.69 11.93
CA LEU A 3 4.70 4.46 12.59
C LEU A 3 5.80 5.24 11.85
N GLN A 4 6.37 6.24 12.47
CA GLN A 4 7.43 7.02 11.80
C GLN A 4 8.68 6.16 11.59
N ASP A 5 8.97 5.81 10.37
CA ASP A 5 10.17 4.96 10.10
C ASP A 5 11.01 5.58 8.98
N ASN A 6 12.13 6.16 9.32
CA ASN A 6 12.99 6.78 8.27
C ASN A 6 13.73 5.69 7.48
N SER A 7 14.57 6.07 6.57
CA SER A 7 15.31 5.06 5.76
C SER A 7 16.56 5.69 5.14
N SER A 8 17.58 4.89 4.90
CA SER A 8 18.82 5.44 4.31
C SER A 8 19.27 4.58 3.11
N TYR A 9 18.38 3.78 2.59
CA TYR A 9 18.75 2.91 1.44
C TYR A 9 17.51 2.64 0.58
N PRO A 10 17.76 2.18 -0.62
CA PRO A 10 16.66 1.87 -1.57
C PRO A 10 15.69 0.85 -0.94
N ASP A 11 14.92 0.18 -1.74
CA ASP A 11 13.95 -0.82 -1.20
C ASP A 11 14.35 -2.23 -1.64
N GLU A 12 15.21 -2.88 -0.90
CA GLU A 12 15.63 -4.26 -1.29
C GLU A 12 14.55 -5.31 -0.97
N PRO A 13 13.66 -5.01 -0.04
CA PRO A 13 12.60 -6.00 0.30
C PRO A 13 11.73 -6.29 -0.92
N TRP A 14 11.31 -5.29 -1.63
CA TRP A 14 10.45 -5.51 -2.82
C TRP A 14 11.05 -6.61 -3.71
N ARG A 15 12.35 -6.61 -3.86
CA ARG A 15 12.99 -7.66 -4.70
C ARG A 15 12.21 -7.88 -5.98
N ILE A 16 12.49 -7.13 -7.01
CA ILE A 16 11.77 -7.31 -8.30
C ILE A 16 12.30 -6.31 -9.34
N THR A 17 12.32 -5.04 -9.01
CA THR A 17 12.85 -4.03 -9.97
C THR A 17 12.01 -4.01 -11.25
N GLU A 18 11.19 -3.01 -11.42
CA GLU A 18 10.34 -2.93 -12.64
C GLU A 18 9.80 -4.32 -13.01
N GLU A 19 9.67 -5.18 -12.04
CA GLU A 19 9.13 -6.54 -12.33
C GLU A 19 7.74 -6.66 -11.73
N GLN A 20 7.53 -6.05 -10.60
CA GLN A 20 6.18 -6.10 -9.98
C GLN A 20 5.53 -4.72 -10.10
N ARG A 21 6.33 -3.69 -10.22
CA ARG A 21 5.76 -2.32 -10.37
C ARG A 21 5.17 -2.16 -11.77
N GLU A 22 5.55 -3.02 -12.67
CA GLU A 22 5.01 -2.94 -14.06
C GLU A 22 3.53 -3.33 -14.06
N TYR A 23 3.20 -4.45 -13.46
CA TYR A 23 1.79 -4.89 -13.43
C TYR A 23 1.01 -4.05 -12.40
N TYR A 24 1.62 -3.73 -11.30
CA TYR A 24 0.91 -2.92 -10.27
C TYR A 24 0.47 -1.58 -10.86
N VAL A 25 1.32 -0.95 -11.61
CA VAL A 25 0.95 0.36 -12.22
C VAL A 25 -0.17 0.16 -13.25
N ASN A 26 -0.07 -0.88 -14.05
CA ASN A 26 -1.12 -1.12 -15.07
C ASN A 26 -2.51 -1.09 -14.43
N GLN A 27 -2.58 -1.29 -13.14
CA GLN A 27 -3.89 -1.26 -12.44
C GLN A 27 -4.24 0.17 -12.03
N PHE A 28 -3.28 0.88 -11.49
CA PHE A 28 -3.53 2.29 -11.08
C PHE A 28 -3.75 3.16 -12.32
N ARG A 29 -3.41 2.65 -13.47
CA ARG A 29 -3.60 3.44 -14.72
C ARG A 29 -5.05 3.39 -15.17
N SER A 30 -5.71 2.27 -15.03
CA SER A 30 -7.13 2.16 -15.44
C SER A 30 -7.89 3.41 -14.99
N LEU A 31 -7.47 4.02 -13.92
CA LEU A 31 -8.17 5.24 -13.43
C LEU A 31 -7.28 6.46 -13.67
N GLN A 32 -5.99 6.29 -13.64
CA GLN A 32 -5.07 7.45 -13.87
C GLN A 32 -4.35 7.30 -15.22
N PRO A 33 -4.68 8.18 -16.12
CA PRO A 33 -4.05 8.15 -17.46
C PRO A 33 -2.55 8.43 -17.35
N ASP A 34 -2.19 9.46 -16.65
CA ASP A 34 -0.74 9.80 -16.49
C ASP A 34 0.00 8.65 -15.80
N PRO A 35 1.10 8.26 -16.39
CA PRO A 35 1.91 7.16 -15.82
C PRO A 35 2.40 7.53 -14.42
N SER A 36 2.90 8.72 -14.24
CA SER A 36 3.39 9.14 -12.90
C SER A 36 2.44 10.19 -12.30
N SER A 37 1.23 9.79 -12.00
CA SER A 37 0.27 10.77 -11.41
C SER A 37 -0.37 10.18 -10.15
N PHE A 38 -1.39 10.82 -9.64
CA PHE A 38 -2.05 10.31 -8.40
C PHE A 38 -3.54 10.08 -8.66
N ILE A 39 -4.10 9.04 -8.12
CA ILE A 39 -5.56 8.79 -8.33
C ILE A 39 -6.37 9.49 -7.24
N SER A 40 -7.63 9.71 -7.48
CA SER A 40 -8.46 10.40 -6.45
C SER A 40 -8.58 9.53 -5.19
N GLY A 41 -9.08 10.09 -4.13
CA GLY A 41 -9.22 9.31 -2.87
C GLY A 41 -10.39 8.33 -2.98
N SER A 42 -11.57 8.75 -2.61
CA SER A 42 -12.74 7.83 -2.70
C SER A 42 -12.70 7.03 -4.01
N VAL A 43 -12.26 7.65 -5.08
CA VAL A 43 -12.19 6.94 -6.38
C VAL A 43 -11.34 5.67 -6.25
N ALA A 44 -10.15 5.80 -5.73
CA ALA A 44 -9.27 4.59 -5.59
C ALA A 44 -9.83 3.66 -4.52
N LYS A 45 -10.45 4.19 -3.50
CA LYS A 45 -11.02 3.31 -2.44
C LYS A 45 -12.28 2.61 -2.95
N ASN A 46 -12.78 3.04 -4.08
CA ASN A 46 -14.01 2.41 -4.63
C ASN A 46 -13.69 1.03 -5.21
N PHE A 47 -12.63 0.91 -5.96
CA PHE A 47 -12.27 -0.40 -6.55
C PHE A 47 -11.27 -1.13 -5.63
N PHE A 48 -10.50 -0.40 -4.87
CA PHE A 48 -9.52 -1.05 -3.94
C PHE A 48 -10.14 -2.29 -3.30
N THR A 49 -11.16 -2.10 -2.51
CA THR A 49 -11.82 -3.26 -1.85
C THR A 49 -12.89 -3.87 -2.76
N LYS A 50 -12.49 -4.48 -3.83
CA LYS A 50 -13.47 -5.09 -4.76
C LYS A 50 -14.49 -5.93 -3.97
N SER A 51 -14.02 -6.82 -3.15
CA SER A 51 -14.95 -7.66 -2.34
C SER A 51 -14.48 -7.72 -0.88
N LYS A 52 -14.18 -6.59 -0.31
CA LYS A 52 -13.72 -6.56 1.12
C LYS A 52 -12.78 -7.75 1.40
N LEU A 53 -12.06 -8.19 0.41
CA LEU A 53 -11.13 -9.34 0.61
C LEU A 53 -11.80 -10.42 1.47
N SER A 54 -11.52 -10.45 2.75
CA SER A 54 -12.14 -11.47 3.63
C SER A 54 -12.62 -10.85 4.94
N ILE A 55 -12.48 -9.55 5.08
CA ILE A 55 -12.92 -8.89 6.34
C ILE A 55 -12.92 -7.37 6.15
N PRO A 56 -14.05 -6.77 6.42
CA PRO A 56 -14.17 -5.30 6.28
C PRO A 56 -13.14 -4.59 7.16
N GLU A 57 -12.16 -3.98 6.54
CA GLU A 57 -11.12 -3.26 7.35
C GLU A 57 -10.25 -2.41 6.41
N LEU A 58 -10.85 -1.82 5.42
CA LEU A 58 -10.07 -0.97 4.47
C LEU A 58 -9.60 0.31 5.17
N SER A 59 -10.02 0.51 6.39
CA SER A 59 -9.60 1.75 7.13
C SER A 59 -8.08 1.80 7.28
N TYR A 60 -7.46 0.71 7.68
CA TYR A 60 -5.97 0.71 7.85
C TYR A 60 -5.29 0.66 6.49
N ILE A 61 -5.92 0.08 5.50
CA ILE A 61 -5.28 0.00 4.16
C ILE A 61 -5.16 1.40 3.56
N TRP A 62 -6.16 2.21 3.73
CA TRP A 62 -6.10 3.60 3.18
C TRP A 62 -5.21 4.47 4.08
N GLU A 63 -5.34 4.35 5.37
CA GLU A 63 -4.49 5.16 6.28
C GLU A 63 -3.03 5.09 5.85
N LEU A 64 -2.62 3.96 5.33
CA LEU A 64 -1.20 3.82 4.88
C LEU A 64 -1.08 4.28 3.42
N SER A 65 -2.14 4.16 2.67
CA SER A 65 -2.08 4.59 1.24
C SER A 65 -1.99 6.11 1.14
N ASP A 66 -2.38 6.81 2.17
CA ASP A 66 -2.32 8.30 2.13
C ASP A 66 -1.18 8.81 3.03
N ALA A 67 -0.32 9.65 2.50
CA ALA A 67 0.80 10.17 3.33
C ALA A 67 0.41 11.50 3.98
N ASP A 68 -0.82 11.92 3.81
CA ASP A 68 -1.26 13.21 4.42
C ASP A 68 -2.77 13.34 4.24
N CYS A 69 -3.43 12.22 4.14
CA CYS A 69 -4.90 12.23 3.95
C CYS A 69 -5.31 13.37 3.04
N ASP A 70 -4.46 13.74 2.12
CA ASP A 70 -4.80 14.86 1.19
C ASP A 70 -5.95 14.44 0.28
N GLY A 71 -6.29 13.18 0.27
CA GLY A 71 -7.42 12.72 -0.59
C GLY A 71 -6.86 12.11 -1.88
N ALA A 72 -5.76 12.62 -2.35
CA ALA A 72 -5.16 12.08 -3.59
C ALA A 72 -4.02 11.12 -3.25
N LEU A 73 -3.66 10.27 -4.17
CA LEU A 73 -2.54 9.31 -3.89
C LEU A 73 -1.67 9.13 -5.14
N THR A 74 -0.48 9.67 -5.11
CA THR A 74 0.41 9.54 -6.29
C THR A 74 0.72 8.06 -6.56
N LEU A 75 1.47 7.77 -7.58
CA LEU A 75 1.81 6.35 -7.89
C LEU A 75 2.44 5.71 -6.65
N PRO A 76 3.41 6.38 -6.11
CA PRO A 76 4.11 5.88 -4.90
C PRO A 76 3.10 5.54 -3.80
N GLU A 77 1.99 6.24 -3.78
CA GLU A 77 0.97 5.97 -2.73
C GLU A 77 0.19 4.69 -3.08
N PHE A 78 -0.01 4.44 -4.35
CA PHE A 78 -0.75 3.22 -4.76
C PHE A 78 0.18 2.00 -4.73
N CYS A 79 1.47 2.22 -4.65
CA CYS A 79 2.41 1.08 -4.61
C CYS A 79 2.25 0.29 -3.31
N ALA A 80 2.31 0.95 -2.18
CA ALA A 80 2.15 0.23 -0.89
C ALA A 80 0.69 -0.15 -0.67
N ALA A 81 -0.22 0.71 -1.04
CA ALA A 81 -1.66 0.40 -0.84
C ALA A 81 -2.00 -0.94 -1.50
N PHE A 82 -1.64 -1.11 -2.74
CA PHE A 82 -1.94 -2.40 -3.44
C PHE A 82 -1.01 -3.50 -2.94
N HIS A 83 0.20 -3.16 -2.56
CA HIS A 83 1.15 -4.20 -2.08
C HIS A 83 0.63 -4.85 -0.80
N LEU A 84 -0.30 -4.21 -0.13
CA LEU A 84 -0.86 -4.81 1.12
C LEU A 84 -2.09 -5.66 0.80
N ILE A 85 -3.02 -5.12 0.06
CA ILE A 85 -4.24 -5.91 -0.27
C ILE A 85 -3.85 -7.27 -0.85
N VAL A 86 -3.16 -7.28 -1.95
CA VAL A 86 -2.74 -8.57 -2.57
C VAL A 86 -1.83 -9.35 -1.60
N ALA A 87 -1.14 -8.66 -0.75
CA ALA A 87 -0.23 -9.35 0.21
C ALA A 87 -0.95 -10.53 0.88
N ARG A 88 -2.20 -10.36 1.20
CA ARG A 88 -2.96 -11.46 1.86
C ARG A 88 -3.27 -12.57 0.83
N LYS A 89 -3.62 -12.19 -0.37
CA LYS A 89 -3.95 -13.22 -1.40
C LYS A 89 -2.74 -14.12 -1.64
N ASN A 90 -1.55 -13.58 -1.58
CA ASN A 90 -0.34 -14.42 -1.81
C ASN A 90 -0.10 -15.34 -0.62
N GLY A 91 -0.66 -15.03 0.52
CA GLY A 91 -0.47 -15.89 1.72
C GLY A 91 0.21 -15.08 2.82
N TYR A 92 1.02 -14.13 2.46
CA TYR A 92 1.72 -13.32 3.49
C TYR A 92 0.77 -12.97 4.64
N PRO A 93 0.91 -13.68 5.72
CA PRO A 93 0.05 -13.46 6.90
C PRO A 93 0.40 -12.14 7.58
N LEU A 94 -0.30 -11.09 7.26
CA LEU A 94 -0.01 -9.77 7.90
C LEU A 94 -1.05 -9.47 8.98
N PRO A 95 -0.62 -9.57 10.21
CA PRO A 95 -1.51 -9.30 11.36
C PRO A 95 -2.19 -7.93 11.21
N GLU A 96 -1.42 -6.90 11.01
CA GLU A 96 -2.02 -5.54 10.87
C GLU A 96 -0.94 -4.49 10.60
N GLY A 97 -1.31 -3.37 10.07
CA GLY A 97 -0.30 -2.30 9.79
C GLY A 97 0.98 -2.92 9.23
N LEU A 98 2.05 -2.86 9.97
CA LEU A 98 3.34 -3.44 9.48
C LEU A 98 3.88 -4.42 10.52
N PRO A 99 4.96 -5.07 10.17
CA PRO A 99 5.58 -6.05 11.10
C PRO A 99 5.79 -5.42 12.48
N PRO A 100 6.47 -6.14 13.33
CA PRO A 100 6.74 -5.67 14.71
C PRO A 100 7.92 -4.69 14.74
N THR A 101 7.87 -3.64 13.95
CA THR A 101 8.99 -2.66 13.95
C THR A 101 10.34 -3.38 14.00
N LEU A 102 10.49 -4.45 13.27
CA LEU A 102 11.79 -5.19 13.28
C LEU A 102 12.39 -5.23 11.87
N GLN A 103 11.94 -6.13 11.05
CA GLN A 103 12.48 -6.22 9.66
C GLN A 103 11.73 -7.29 8.87
N PRO A 104 11.79 -7.16 7.56
CA PRO A 104 11.10 -8.12 6.67
C PRO A 104 11.82 -9.48 6.69
N GLU A 105 11.57 -10.27 7.70
CA GLU A 105 12.25 -11.60 7.78
C GLU A 105 11.30 -12.71 7.30
N PHE A 106 10.31 -13.03 8.08
CA PHE A 106 9.35 -14.10 7.67
C PHE A 106 8.30 -14.32 8.76
N ILE A 107 7.31 -13.47 8.84
CA ILE A 107 6.26 -13.64 9.88
C ILE A 107 5.46 -14.91 9.62
N VAL A 108 5.38 -15.33 8.39
CA VAL A 108 4.61 -16.57 8.08
C VAL A 108 5.27 -17.78 8.74
N THR A 109 4.48 -18.71 9.21
CA THR A 109 5.06 -19.92 9.87
C THR A 109 4.21 -21.16 9.56
N ASP A 110 3.31 -21.05 8.62
CA ASP A 110 2.46 -22.22 8.27
C ASP A 110 1.92 -22.88 9.55
CA CA B . -2.14 10.91 0.26
N GLY A 1 -5.77 4.70 20.40
CA GLY A 1 -5.39 4.41 18.99
C GLY A 1 -4.64 5.59 18.39
N SER A 2 -3.35 5.46 18.24
CA SER A 2 -2.55 6.58 17.67
C SER A 2 -2.67 6.60 16.14
N LEU A 3 -1.84 7.35 15.48
CA LEU A 3 -1.92 7.41 13.98
C LEU A 3 -0.53 7.14 13.38
N GLN A 4 -0.20 7.82 12.30
CA GLN A 4 1.12 7.61 11.68
C GLN A 4 2.12 8.67 12.14
N ASP A 5 3.37 8.34 12.20
CA ASP A 5 4.39 9.33 12.66
C ASP A 5 5.80 8.79 12.43
N ASN A 6 6.50 9.31 11.47
CA ASN A 6 7.88 8.82 11.19
C ASN A 6 7.85 7.37 10.74
N SER A 7 8.89 6.91 10.10
CA SER A 7 8.91 5.50 9.64
C SER A 7 10.30 4.88 9.88
N SER A 8 10.35 3.65 10.29
CA SER A 8 11.66 2.99 10.55
C SER A 8 12.48 2.95 9.25
N TYR A 9 12.21 2.00 8.40
CA TYR A 9 12.98 1.90 7.12
C TYR A 9 12.27 0.94 6.15
N PRO A 10 11.15 1.39 5.66
CA PRO A 10 10.36 0.56 4.70
C PRO A 10 11.19 0.26 3.44
N ASP A 11 10.54 -0.08 2.37
CA ASP A 11 11.29 -0.39 1.12
C ASP A 11 10.38 -0.16 -0.09
N GLU A 12 10.78 0.70 -0.98
CA GLU A 12 9.95 0.97 -2.19
C GLU A 12 10.27 -0.04 -3.30
N PRO A 13 11.53 -0.26 -3.51
CA PRO A 13 11.97 -1.22 -4.57
C PRO A 13 11.28 -2.58 -4.37
N TRP A 14 10.98 -2.93 -3.15
CA TRP A 14 10.31 -4.24 -2.91
C TRP A 14 11.15 -5.39 -3.49
N ARG A 15 12.45 -5.27 -3.43
CA ARG A 15 13.33 -6.34 -3.97
C ARG A 15 12.74 -6.94 -5.25
N ILE A 16 12.41 -6.12 -6.20
CA ILE A 16 11.83 -6.67 -7.46
C ILE A 16 12.54 -6.05 -8.68
N THR A 17 11.89 -6.08 -9.81
CA THR A 17 12.50 -5.51 -11.05
C THR A 17 11.48 -5.53 -12.19
N GLU A 18 10.78 -4.44 -12.38
CA GLU A 18 9.75 -4.39 -13.46
C GLU A 18 8.98 -5.71 -13.53
N GLU A 19 8.91 -6.42 -12.44
CA GLU A 19 8.15 -7.70 -12.44
C GLU A 19 6.80 -7.48 -11.77
N GLN A 20 6.76 -6.55 -10.85
CA GLN A 20 5.49 -6.23 -10.15
C GLN A 20 5.20 -4.73 -10.25
N ARG A 21 6.23 -3.93 -10.36
CA ARG A 21 6.03 -2.46 -10.48
C ARG A 21 5.33 -2.14 -11.79
N GLU A 22 5.66 -2.83 -12.84
CA GLU A 22 5.00 -2.57 -14.15
C GLU A 22 3.52 -2.95 -14.07
N TYR A 23 3.21 -3.97 -13.32
CA TYR A 23 1.79 -4.39 -13.17
C TYR A 23 1.08 -3.50 -12.16
N TYR A 24 1.82 -2.89 -11.27
CA TYR A 24 1.19 -2.00 -10.26
C TYR A 24 0.79 -0.67 -10.91
N VAL A 25 1.67 -0.10 -11.69
CA VAL A 25 1.35 1.19 -12.36
C VAL A 25 0.35 0.95 -13.49
N ASN A 26 0.33 -0.23 -14.05
CA ASN A 26 -0.61 -0.52 -15.16
C ASN A 26 -2.06 -0.42 -14.66
N GLN A 27 -2.29 -0.74 -13.42
CA GLN A 27 -3.67 -0.66 -12.87
C GLN A 27 -4.00 0.81 -12.53
N PHE A 28 -3.17 1.43 -11.73
CA PHE A 28 -3.43 2.86 -11.36
C PHE A 28 -3.51 3.70 -12.64
N ARG A 29 -3.02 3.18 -13.73
CA ARG A 29 -3.06 3.95 -15.01
C ARG A 29 -4.50 4.05 -15.51
N SER A 30 -5.21 2.96 -15.53
CA SER A 30 -6.63 3.00 -16.01
C SER A 30 -7.35 4.18 -15.37
N LEU A 31 -7.16 4.39 -14.10
CA LEU A 31 -7.82 5.53 -13.41
C LEU A 31 -7.00 6.81 -13.61
N GLN A 32 -5.73 6.67 -13.86
CA GLN A 32 -4.87 7.87 -14.06
C GLN A 32 -3.66 7.51 -14.94
N PRO A 33 -3.83 7.69 -16.22
CA PRO A 33 -2.75 7.38 -17.18
C PRO A 33 -1.50 8.19 -16.85
N ASP A 34 -1.65 9.46 -16.62
CA ASP A 34 -0.47 10.30 -16.28
C ASP A 34 0.40 9.61 -15.23
N PRO A 35 1.59 9.27 -15.61
CA PRO A 35 2.53 8.58 -14.69
C PRO A 35 2.84 9.49 -13.49
N SER A 36 2.98 10.76 -13.71
CA SER A 36 3.28 11.69 -12.59
C SER A 36 1.99 12.35 -12.10
N SER A 37 1.06 11.56 -11.62
CA SER A 37 -0.22 12.15 -11.12
C SER A 37 -0.81 11.30 -9.99
N PHE A 38 -1.69 11.86 -9.22
CA PHE A 38 -2.31 11.10 -8.10
C PHE A 38 -3.77 10.77 -8.43
N ILE A 39 -4.26 9.64 -7.99
CA ILE A 39 -5.68 9.29 -8.27
C ILE A 39 -6.58 9.84 -7.15
N SER A 40 -7.84 9.98 -7.40
CA SER A 40 -8.75 10.51 -6.34
C SER A 40 -8.72 9.59 -5.12
N GLY A 41 -9.53 9.86 -4.14
CA GLY A 41 -9.55 9.01 -2.92
C GLY A 41 -10.59 7.90 -3.09
N SER A 42 -11.82 8.17 -2.74
CA SER A 42 -12.87 7.14 -2.89
C SER A 42 -12.78 6.49 -4.28
N VAL A 43 -12.24 7.19 -5.24
CA VAL A 43 -12.12 6.61 -6.60
C VAL A 43 -11.23 5.37 -6.57
N ALA A 44 -10.07 5.48 -5.96
CA ALA A 44 -9.16 4.30 -5.89
C ALA A 44 -9.69 3.30 -4.85
N LYS A 45 -10.07 3.78 -3.70
CA LYS A 45 -10.60 2.85 -2.65
C LYS A 45 -11.83 2.11 -3.18
N ASN A 46 -12.46 2.66 -4.18
CA ASN A 46 -13.67 2.00 -4.76
C ASN A 46 -13.32 0.60 -5.26
N PHE A 47 -12.36 0.49 -6.13
CA PHE A 47 -11.99 -0.85 -6.66
C PHE A 47 -11.03 -1.57 -5.68
N PHE A 48 -10.39 -0.83 -4.81
CA PHE A 48 -9.47 -1.46 -3.84
C PHE A 48 -10.15 -2.64 -3.14
N THR A 49 -11.45 -2.68 -3.14
CA THR A 49 -12.17 -3.80 -2.47
C THR A 49 -12.27 -5.01 -3.40
N LYS A 50 -11.15 -5.59 -3.76
CA LYS A 50 -11.19 -6.78 -4.65
C LYS A 50 -10.23 -7.86 -4.14
N SER A 51 -10.42 -8.29 -2.92
CA SER A 51 -9.52 -9.33 -2.36
C SER A 51 -9.91 -9.63 -0.90
N LYS A 52 -10.33 -8.63 -0.18
CA LYS A 52 -10.72 -8.84 1.24
C LYS A 52 -12.02 -9.65 1.31
N LEU A 53 -12.72 -9.76 0.22
CA LEU A 53 -13.99 -10.54 0.22
C LEU A 53 -14.99 -9.91 1.20
N SER A 54 -15.74 -10.71 1.90
CA SER A 54 -16.72 -10.15 2.87
C SER A 54 -16.04 -9.87 4.21
N ILE A 55 -14.90 -9.25 4.19
CA ILE A 55 -14.18 -8.95 5.46
C ILE A 55 -13.80 -7.46 5.51
N PRO A 56 -14.65 -6.69 6.12
CA PRO A 56 -14.41 -5.23 6.24
C PRO A 56 -13.08 -4.97 6.96
N GLU A 57 -12.03 -4.73 6.22
CA GLU A 57 -10.70 -4.47 6.86
C GLU A 57 -9.85 -3.58 5.96
N LEU A 58 -10.46 -2.82 5.09
CA LEU A 58 -9.68 -1.93 4.19
C LEU A 58 -9.34 -0.61 4.90
N SER A 59 -9.55 -0.56 6.19
CA SER A 59 -9.24 0.68 6.94
C SER A 59 -7.73 0.80 7.19
N TYR A 60 -7.04 -0.30 7.33
CA TYR A 60 -5.57 -0.23 7.57
C TYR A 60 -4.81 -0.20 6.24
N ILE A 61 -5.37 -0.77 5.21
CA ILE A 61 -4.67 -0.74 3.89
C ILE A 61 -4.60 0.71 3.39
N TRP A 62 -5.70 1.41 3.45
CA TRP A 62 -5.72 2.82 2.98
C TRP A 62 -5.01 3.70 4.01
N GLU A 63 -5.27 3.50 5.27
CA GLU A 63 -4.61 4.33 6.32
C GLU A 63 -3.09 4.23 6.15
N LEU A 64 -2.63 3.16 5.56
CA LEU A 64 -1.16 3.00 5.36
C LEU A 64 -0.76 3.45 3.95
N SER A 65 -1.68 3.39 3.02
CA SER A 65 -1.35 3.83 1.63
C SER A 65 -1.49 5.35 1.50
N ASP A 66 -1.90 6.01 2.55
CA ASP A 66 -2.04 7.49 2.50
C ASP A 66 -0.73 8.17 2.90
N ALA A 67 -0.55 9.40 2.53
CA ALA A 67 0.71 10.11 2.89
C ALA A 67 0.41 11.47 3.50
N ASP A 68 -0.84 11.86 3.54
CA ASP A 68 -1.20 13.18 4.13
C ASP A 68 -2.72 13.30 4.21
N CYS A 69 -3.37 12.17 4.29
CA CYS A 69 -4.86 12.16 4.36
C CYS A 69 -5.44 13.23 3.45
N ASP A 70 -4.76 13.54 2.38
CA ASP A 70 -5.27 14.58 1.44
C ASP A 70 -6.46 14.04 0.66
N GLY A 71 -6.79 12.79 0.84
CA GLY A 71 -7.95 12.20 0.10
C GLY A 71 -7.44 11.55 -1.19
N ALA A 72 -6.50 12.17 -1.86
CA ALA A 72 -5.98 11.59 -3.12
C ALA A 72 -4.64 10.89 -2.84
N LEU A 73 -4.23 10.01 -3.70
CA LEU A 73 -2.95 9.30 -3.50
C LEU A 73 -2.06 9.43 -4.73
N THR A 74 -0.87 9.95 -4.57
CA THR A 74 0.04 10.09 -5.74
C THR A 74 0.30 8.71 -6.35
N LEU A 75 0.59 8.63 -7.61
CA LEU A 75 0.86 7.30 -8.22
C LEU A 75 1.97 6.59 -7.44
N PRO A 76 2.98 7.33 -7.06
CA PRO A 76 4.09 6.74 -6.29
C PRO A 76 3.58 6.18 -4.95
N GLU A 77 2.57 6.78 -4.39
CA GLU A 77 2.05 6.26 -3.10
C GLU A 77 1.11 5.07 -3.38
N PHE A 78 0.57 5.02 -4.57
CA PHE A 78 -0.33 3.88 -4.92
C PHE A 78 0.51 2.62 -5.18
N CYS A 79 1.71 2.79 -5.68
CA CYS A 79 2.57 1.61 -5.94
C CYS A 79 2.70 0.76 -4.68
N ALA A 80 2.50 1.35 -3.53
CA ALA A 80 2.61 0.58 -2.27
C ALA A 80 1.23 0.14 -1.79
N ALA A 81 0.22 0.94 -2.04
CA ALA A 81 -1.16 0.57 -1.61
C ALA A 81 -1.48 -0.85 -2.06
N PHE A 82 -1.10 -1.21 -3.26
CA PHE A 82 -1.39 -2.59 -3.76
C PHE A 82 -0.63 -3.62 -2.92
N HIS A 83 0.61 -3.36 -2.62
CA HIS A 83 1.40 -4.33 -1.81
C HIS A 83 0.64 -4.72 -0.54
N LEU A 84 0.01 -3.76 0.10
CA LEU A 84 -0.75 -4.08 1.34
C LEU A 84 -2.07 -4.78 0.99
N ILE A 85 -2.58 -4.54 -0.18
CA ILE A 85 -3.86 -5.18 -0.58
C ILE A 85 -3.68 -6.70 -0.70
N VAL A 86 -2.55 -7.13 -1.21
CA VAL A 86 -2.31 -8.59 -1.35
C VAL A 86 -2.07 -9.23 0.02
N ALA A 87 -1.60 -8.47 0.97
CA ALA A 87 -1.34 -9.04 2.32
C ALA A 87 -2.50 -9.96 2.75
N ARG A 88 -3.69 -9.45 2.79
CA ARG A 88 -4.85 -10.29 3.20
C ARG A 88 -4.98 -11.49 2.26
N LYS A 89 -4.85 -11.28 0.98
CA LYS A 89 -4.96 -12.41 0.02
C LYS A 89 -4.15 -13.61 0.50
N ASN A 90 -2.88 -13.42 0.75
CA ASN A 90 -2.03 -14.55 1.23
C ASN A 90 -2.33 -14.86 2.69
N GLY A 91 -2.92 -13.93 3.40
CA GLY A 91 -3.23 -14.17 4.84
C GLY A 91 -1.93 -14.14 5.65
N TYR A 92 -1.01 -13.30 5.27
CA TYR A 92 0.28 -13.22 6.02
C TYR A 92 0.05 -12.65 7.42
N PRO A 93 0.39 -13.44 8.41
CA PRO A 93 0.22 -13.00 9.82
C PRO A 93 0.86 -11.63 10.03
N LEU A 94 0.23 -10.77 10.77
CA LEU A 94 0.81 -9.42 11.01
C LEU A 94 0.84 -9.10 12.51
N PRO A 95 2.01 -9.19 13.08
CA PRO A 95 2.18 -8.90 14.53
C PRO A 95 1.85 -7.43 14.82
N GLU A 96 1.70 -6.64 13.80
CA GLU A 96 1.38 -5.20 14.02
C GLU A 96 0.85 -4.57 12.73
N GLY A 97 1.00 -3.28 12.58
CA GLY A 97 0.50 -2.62 11.34
C GLY A 97 1.55 -1.62 10.85
N LEU A 98 2.55 -2.08 10.17
CA LEU A 98 3.60 -1.14 9.65
C LEU A 98 4.02 -1.55 8.24
N PRO A 99 4.43 -0.57 7.47
CA PRO A 99 4.86 -0.82 6.08
C PRO A 99 6.00 -1.85 6.07
N PRO A 100 6.97 -1.63 6.93
CA PRO A 100 8.12 -2.55 7.02
C PRO A 100 7.67 -3.92 7.51
N THR A 101 7.68 -4.91 6.65
CA THR A 101 7.25 -6.27 7.08
C THR A 101 8.25 -7.33 6.58
N LEU A 102 9.42 -7.37 7.15
CA LEU A 102 10.43 -8.37 6.72
C LEU A 102 11.71 -8.21 7.55
N GLN A 103 12.11 -7.00 7.81
CA GLN A 103 13.34 -6.77 8.62
C GLN A 103 14.57 -7.31 7.89
N PRO A 104 15.48 -6.42 7.59
CA PRO A 104 16.73 -6.81 6.87
C PRO A 104 17.48 -7.87 7.69
N GLU A 105 17.14 -9.11 7.52
CA GLU A 105 17.83 -10.19 8.28
C GLU A 105 18.27 -11.32 7.32
N PHE A 106 17.34 -11.98 6.70
CA PHE A 106 17.70 -13.09 5.78
C PHE A 106 17.33 -12.72 4.33
N ILE A 107 17.70 -11.55 3.89
CA ILE A 107 17.37 -11.15 2.50
C ILE A 107 18.17 -12.00 1.50
N VAL A 108 19.46 -12.01 1.62
CA VAL A 108 20.30 -12.82 0.70
C VAL A 108 19.98 -14.31 0.86
N THR A 109 19.83 -15.03 -0.23
CA THR A 109 19.52 -16.48 -0.13
C THR A 109 20.24 -17.25 -1.23
N ASP A 110 21.54 -17.15 -1.28
CA ASP A 110 22.30 -17.88 -2.33
C ASP A 110 23.28 -18.88 -1.68
CA CA B . -2.17 10.58 -0.01
N GLY A 1 25.70 6.04 14.33
CA GLY A 1 26.68 5.51 15.33
C GLY A 1 27.80 4.76 14.60
N SER A 2 28.33 3.74 15.21
CA SER A 2 29.43 2.97 14.55
C SER A 2 29.36 1.49 14.97
N LEU A 3 29.65 0.61 14.06
CA LEU A 3 29.60 -0.84 14.40
C LEU A 3 28.17 -1.26 14.73
N GLN A 4 27.20 -0.45 14.37
CA GLN A 4 25.79 -0.80 14.67
C GLN A 4 25.08 -1.27 13.39
N ASP A 5 24.50 -0.36 12.64
CA ASP A 5 23.80 -0.76 11.40
C ASP A 5 22.69 -1.78 11.71
N ASN A 6 21.51 -1.30 12.01
CA ASN A 6 20.40 -2.23 12.33
C ASN A 6 20.16 -3.19 11.15
N SER A 7 20.26 -4.47 11.39
CA SER A 7 20.04 -5.45 10.28
C SER A 7 18.82 -5.06 9.45
N SER A 8 19.01 -4.80 8.19
CA SER A 8 17.85 -4.41 7.33
C SER A 8 18.15 -4.74 5.86
N TYR A 9 17.71 -5.88 5.41
CA TYR A 9 17.98 -6.26 3.99
C TYR A 9 17.18 -5.37 3.04
N PRO A 10 17.42 -5.55 1.76
CA PRO A 10 16.73 -4.74 0.73
C PRO A 10 15.21 -4.87 0.90
N ASP A 11 14.46 -4.63 -0.15
CA ASP A 11 12.98 -4.73 -0.07
C ASP A 11 12.57 -6.19 0.18
N GLU A 12 12.25 -6.54 1.39
CA GLU A 12 11.85 -7.94 1.68
C GLU A 12 10.43 -8.21 1.16
N PRO A 13 9.48 -7.47 1.66
CA PRO A 13 8.07 -7.64 1.23
C PRO A 13 7.90 -7.26 -0.24
N TRP A 14 8.66 -6.31 -0.72
CA TRP A 14 8.54 -5.90 -2.15
C TRP A 14 9.72 -6.42 -2.96
N ARG A 15 10.32 -7.49 -2.52
CA ARG A 15 11.49 -8.04 -3.26
C ARG A 15 11.16 -8.20 -4.75
N ILE A 16 11.83 -7.45 -5.60
CA ILE A 16 11.56 -7.56 -7.06
C ILE A 16 12.49 -6.64 -7.85
N THR A 17 12.08 -6.28 -9.03
CA THR A 17 12.94 -5.38 -9.87
C THR A 17 12.28 -5.15 -11.23
N GLU A 18 11.43 -4.17 -11.34
CA GLU A 18 10.76 -3.89 -12.64
C GLU A 18 9.97 -5.13 -13.11
N GLU A 19 9.78 -6.07 -12.24
CA GLU A 19 9.02 -7.30 -12.63
C GLU A 19 7.58 -7.20 -12.10
N GLN A 20 7.38 -6.39 -11.09
CA GLN A 20 6.01 -6.24 -10.52
C GLN A 20 5.63 -4.75 -10.51
N ARG A 21 6.60 -3.88 -10.45
CA ARG A 21 6.29 -2.42 -10.44
C ARG A 21 5.66 -2.02 -11.76
N GLU A 22 6.01 -2.69 -12.83
CA GLU A 22 5.42 -2.35 -14.15
C GLU A 22 3.94 -2.75 -14.18
N TYR A 23 3.64 -3.95 -13.77
CA TYR A 23 2.22 -4.40 -13.76
C TYR A 23 1.45 -3.66 -12.67
N TYR A 24 2.13 -3.17 -11.68
CA TYR A 24 1.44 -2.42 -10.58
C TYR A 24 0.94 -1.07 -11.12
N VAL A 25 1.76 -0.39 -11.86
CA VAL A 25 1.34 0.93 -12.41
C VAL A 25 0.28 0.72 -13.50
N ASN A 26 0.41 -0.32 -14.27
CA ASN A 26 -0.60 -0.60 -15.34
C ASN A 26 -2.01 -0.62 -14.75
N GLN A 27 -2.11 -0.95 -13.49
CA GLN A 27 -3.46 -0.99 -12.84
C GLN A 27 -3.88 0.44 -12.46
N PHE A 28 -3.07 1.11 -11.70
CA PHE A 28 -3.41 2.51 -11.30
C PHE A 28 -3.65 3.35 -12.55
N ARG A 29 -3.18 2.89 -13.68
CA ARG A 29 -3.37 3.66 -14.94
C ARG A 29 -4.83 3.57 -15.40
N SER A 30 -5.41 2.39 -15.37
CA SER A 30 -6.83 2.25 -15.80
C SER A 30 -7.67 3.40 -15.24
N LEU A 31 -7.37 3.82 -14.04
CA LEU A 31 -8.13 4.95 -13.42
C LEU A 31 -7.42 6.27 -13.74
N GLN A 32 -6.12 6.25 -13.83
CA GLN A 32 -5.38 7.51 -14.13
C GLN A 32 -4.52 7.33 -15.39
N PRO A 33 -5.03 7.84 -16.48
CA PRO A 33 -4.29 7.74 -17.77
C PRO A 33 -2.89 8.34 -17.64
N ASP A 34 -2.78 9.44 -16.96
CA ASP A 34 -1.43 10.08 -16.79
C ASP A 34 -0.60 9.30 -15.78
N PRO A 35 0.48 8.72 -16.27
CA PRO A 35 1.38 7.93 -15.39
C PRO A 35 1.98 8.83 -14.31
N SER A 36 1.97 10.12 -14.51
CA SER A 36 2.55 11.04 -13.50
C SER A 36 1.44 11.84 -12.81
N SER A 37 0.52 11.17 -12.16
CA SER A 37 -0.58 11.89 -11.47
C SER A 37 -1.04 11.13 -10.23
N PHE A 38 -1.98 11.66 -9.52
CA PHE A 38 -2.49 10.98 -8.29
C PHE A 38 -3.98 10.65 -8.45
N ILE A 39 -4.41 9.52 -7.95
CA ILE A 39 -5.85 9.15 -8.07
C ILE A 39 -6.62 9.71 -6.87
N SER A 40 -7.90 9.92 -7.02
CA SER A 40 -8.70 10.45 -5.89
C SER A 40 -8.64 9.51 -4.68
N GLY A 41 -9.25 9.90 -3.60
CA GLY A 41 -9.23 9.03 -2.38
C GLY A 41 -10.44 8.08 -2.42
N SER A 42 -11.60 8.61 -2.68
CA SER A 42 -12.80 7.74 -2.76
C SER A 42 -12.80 6.97 -4.07
N VAL A 43 -12.17 7.52 -5.09
CA VAL A 43 -12.12 6.82 -6.40
C VAL A 43 -11.27 5.56 -6.26
N ALA A 44 -10.10 5.68 -5.69
CA ALA A 44 -9.23 4.48 -5.53
C ALA A 44 -9.82 3.54 -4.48
N LYS A 45 -10.31 4.08 -3.40
CA LYS A 45 -10.91 3.22 -2.34
C LYS A 45 -12.20 2.60 -2.90
N ASN A 46 -12.66 3.08 -4.02
CA ASN A 46 -13.89 2.53 -4.65
C ASN A 46 -13.64 1.09 -5.10
N PHE A 47 -12.78 0.92 -6.07
CA PHE A 47 -12.49 -0.45 -6.57
C PHE A 47 -11.60 -1.20 -5.57
N PHE A 48 -10.76 -0.50 -4.85
CA PHE A 48 -9.88 -1.17 -3.85
C PHE A 48 -10.70 -2.22 -3.08
N THR A 49 -11.79 -1.80 -2.49
CA THR A 49 -12.64 -2.75 -1.72
C THR A 49 -13.95 -3.00 -2.49
N LYS A 50 -13.86 -3.54 -3.66
CA LYS A 50 -15.09 -3.81 -4.46
C LYS A 50 -16.12 -4.57 -3.62
N SER A 51 -15.69 -5.35 -2.67
CA SER A 51 -16.66 -6.11 -1.83
C SER A 51 -16.20 -6.14 -0.38
N LYS A 52 -15.80 -5.01 0.16
CA LYS A 52 -15.34 -4.96 1.57
C LYS A 52 -14.51 -6.21 1.90
N LEU A 53 -13.88 -6.80 0.92
CA LEU A 53 -13.06 -8.01 1.16
C LEU A 53 -13.72 -8.90 2.23
N SER A 54 -14.79 -9.55 1.90
CA SER A 54 -15.47 -10.42 2.89
C SER A 54 -15.82 -9.59 4.13
N ILE A 55 -14.93 -9.52 5.09
CA ILE A 55 -15.21 -8.72 6.31
C ILE A 55 -14.69 -7.28 6.13
N PRO A 56 -15.50 -6.35 6.53
CA PRO A 56 -15.13 -4.92 6.41
C PRO A 56 -13.91 -4.61 7.28
N GLU A 57 -12.78 -4.40 6.67
CA GLU A 57 -11.54 -4.10 7.46
C GLU A 57 -10.47 -3.47 6.55
N LEU A 58 -10.88 -2.83 5.48
CA LEU A 58 -9.89 -2.21 4.57
C LEU A 58 -9.48 -0.84 5.07
N SER A 59 -9.94 -0.46 6.24
CA SER A 59 -9.57 0.87 6.79
C SER A 59 -8.05 0.95 7.02
N TYR A 60 -7.45 -0.13 7.43
CA TYR A 60 -5.98 -0.11 7.67
C TYR A 60 -5.24 -0.14 6.33
N ILE A 61 -5.84 -0.70 5.32
CA ILE A 61 -5.18 -0.75 3.98
C ILE A 61 -5.05 0.67 3.43
N TRP A 62 -6.01 1.50 3.70
CA TRP A 62 -5.95 2.91 3.20
C TRP A 62 -5.07 3.75 4.12
N GLU A 63 -5.14 3.49 5.41
CA GLU A 63 -4.30 4.28 6.36
C GLU A 63 -2.83 4.21 5.93
N LEU A 64 -2.44 3.12 5.33
CA LEU A 64 -1.02 2.99 4.89
C LEU A 64 -0.87 3.51 3.46
N SER A 65 -1.92 3.45 2.68
CA SER A 65 -1.84 3.94 1.28
C SER A 65 -1.74 5.47 1.27
N ASP A 66 -2.21 6.11 2.32
CA ASP A 66 -2.12 7.60 2.38
C ASP A 66 -1.01 8.03 3.32
N ALA A 67 -0.59 9.26 3.24
CA ALA A 67 0.51 9.73 4.12
C ALA A 67 0.25 11.17 4.58
N ASP A 68 -0.95 11.65 4.38
CA ASP A 68 -1.27 13.05 4.81
C ASP A 68 -2.78 13.24 4.78
N CYS A 69 -3.51 12.16 4.85
CA CYS A 69 -4.99 12.22 4.81
C CYS A 69 -5.45 13.32 3.84
N ASP A 70 -4.68 13.56 2.82
CA ASP A 70 -5.06 14.62 1.84
C ASP A 70 -6.23 14.14 0.98
N GLY A 71 -6.55 12.88 1.06
CA GLY A 71 -7.68 12.34 0.24
C GLY A 71 -7.16 11.89 -1.13
N ALA A 72 -6.17 12.57 -1.64
CA ALA A 72 -5.60 12.18 -2.96
C ALA A 72 -4.36 11.31 -2.76
N LEU A 73 -3.98 10.57 -3.76
CA LEU A 73 -2.78 9.70 -3.64
C LEU A 73 -1.96 9.75 -4.93
N THR A 74 -0.71 10.08 -4.84
CA THR A 74 0.14 10.12 -6.07
C THR A 74 0.31 8.71 -6.62
N LEU A 75 0.64 8.58 -7.88
CA LEU A 75 0.83 7.22 -8.46
C LEU A 75 1.88 6.46 -7.65
N PRO A 76 2.94 7.15 -7.32
CA PRO A 76 4.04 6.52 -6.53
C PRO A 76 3.52 6.04 -5.17
N GLU A 77 2.48 6.65 -4.66
CA GLU A 77 1.96 6.18 -3.34
C GLU A 77 1.01 5.00 -3.56
N PHE A 78 0.55 4.82 -4.76
CA PHE A 78 -0.34 3.67 -5.06
C PHE A 78 0.49 2.39 -5.14
N CYS A 79 1.71 2.50 -5.61
CA CYS A 79 2.57 1.30 -5.72
C CYS A 79 2.64 0.58 -4.36
N ALA A 80 2.36 1.30 -3.30
CA ALA A 80 2.40 0.67 -1.96
C ALA A 80 1.00 0.20 -1.55
N ALA A 81 0.01 0.96 -1.86
CA ALA A 81 -1.39 0.56 -1.51
C ALA A 81 -1.66 -0.87 -1.99
N PHE A 82 -1.27 -1.18 -3.19
CA PHE A 82 -1.51 -2.55 -3.72
C PHE A 82 -0.59 -3.55 -3.00
N HIS A 83 0.63 -3.18 -2.75
CA HIS A 83 1.56 -4.11 -2.05
C HIS A 83 0.86 -4.75 -0.85
N LEU A 84 0.00 -4.01 -0.20
CA LEU A 84 -0.72 -4.59 0.97
C LEU A 84 -1.90 -5.44 0.50
N ILE A 85 -2.59 -5.01 -0.52
CA ILE A 85 -3.75 -5.79 -1.02
C ILE A 85 -3.37 -7.27 -1.17
N VAL A 86 -2.27 -7.55 -1.81
CA VAL A 86 -1.84 -8.97 -1.97
C VAL A 86 -1.51 -9.58 -0.61
N ALA A 87 -1.04 -8.80 0.31
CA ALA A 87 -0.71 -9.33 1.66
C ALA A 87 -1.96 -9.93 2.31
N ARG A 88 -3.11 -9.53 1.88
CA ARG A 88 -4.37 -10.08 2.48
C ARG A 88 -4.74 -11.40 1.80
N LYS A 89 -4.29 -11.60 0.59
CA LYS A 89 -4.63 -12.87 -0.12
C LYS A 89 -4.22 -14.08 0.73
N ASN A 90 -2.97 -14.18 1.08
CA ASN A 90 -2.52 -15.33 1.90
C ASN A 90 -2.16 -14.87 3.32
N GLY A 91 -2.07 -13.59 3.52
CA GLY A 91 -1.73 -13.07 4.89
C GLY A 91 -0.32 -12.48 4.87
N TYR A 92 0.62 -13.18 4.30
CA TYR A 92 2.02 -12.65 4.24
C TYR A 92 2.47 -12.19 5.64
N PRO A 93 2.65 -13.15 6.50
CA PRO A 93 3.08 -12.85 7.89
C PRO A 93 4.36 -11.99 7.87
N LEU A 94 4.23 -10.70 8.01
CA LEU A 94 5.44 -9.83 8.00
C LEU A 94 5.38 -8.83 9.16
N PRO A 95 6.23 -9.04 10.13
CA PRO A 95 6.29 -8.15 11.31
C PRO A 95 6.62 -6.72 10.89
N GLU A 96 5.62 -5.94 10.54
CA GLU A 96 5.88 -4.54 10.12
C GLU A 96 4.76 -3.61 10.60
N GLY A 97 4.86 -2.35 10.30
CA GLY A 97 3.79 -1.40 10.74
C GLY A 97 4.46 -0.15 11.35
N LEU A 98 3.69 0.68 11.99
CA LEU A 98 4.28 1.90 12.61
C LEU A 98 5.42 1.52 13.55
N PRO A 99 6.27 2.47 13.82
CA PRO A 99 7.43 2.23 14.73
C PRO A 99 6.94 1.92 16.14
N PRO A 100 7.84 1.43 16.95
CA PRO A 100 7.51 1.09 18.35
C PRO A 100 6.98 2.31 19.10
N THR A 101 5.70 2.55 19.04
CA THR A 101 5.12 3.73 19.74
C THR A 101 3.76 3.37 20.35
N LEU A 102 3.55 2.13 20.65
CA LEU A 102 2.25 1.71 21.25
C LEU A 102 2.21 0.19 21.46
N GLN A 103 3.20 -0.34 22.13
CA GLN A 103 3.23 -1.81 22.37
C GLN A 103 3.15 -2.15 23.87
N PRO A 104 2.43 -1.36 24.62
CA PRO A 104 2.32 -1.62 26.07
C PRO A 104 1.52 -2.90 26.32
N GLU A 105 0.67 -3.28 25.40
CA GLU A 105 -0.12 -4.52 25.58
C GLU A 105 0.44 -5.64 24.70
N PHE A 106 0.97 -5.28 23.56
CA PHE A 106 1.53 -6.31 22.65
C PHE A 106 3.04 -6.45 22.88
N ILE A 107 3.45 -6.61 24.11
CA ILE A 107 4.90 -6.75 24.40
C ILE A 107 5.42 -8.09 23.86
N VAL A 108 5.02 -9.18 24.45
CA VAL A 108 5.48 -10.51 23.98
C VAL A 108 4.80 -10.86 22.65
N THR A 109 5.38 -10.47 21.54
CA THR A 109 4.75 -10.79 20.23
C THR A 109 4.27 -12.23 20.20
N ASP A 110 5.14 -13.17 20.46
CA ASP A 110 4.73 -14.60 20.45
C ASP A 110 4.02 -14.95 19.14
CA CA B . -1.87 10.48 0.20
N GLY A 1 9.68 18.04 -0.40
CA GLY A 1 10.11 18.35 -1.79
C GLY A 1 11.04 17.26 -2.30
N SER A 2 10.87 16.85 -3.52
CA SER A 2 11.75 15.78 -4.08
C SER A 2 11.72 14.53 -3.17
N LEU A 3 12.20 13.43 -3.66
CA LEU A 3 12.20 12.19 -2.83
C LEU A 3 13.63 11.66 -2.68
N GLN A 4 14.61 12.50 -2.85
CA GLN A 4 16.02 12.05 -2.71
C GLN A 4 16.35 11.04 -3.81
N ASP A 5 17.62 10.81 -4.06
CA ASP A 5 18.00 9.84 -5.12
C ASP A 5 19.07 8.86 -4.59
N ASN A 6 19.05 8.59 -3.31
CA ASN A 6 20.06 7.65 -2.74
C ASN A 6 19.49 6.96 -1.49
N SER A 7 18.40 6.26 -1.63
CA SER A 7 17.81 5.56 -0.46
C SER A 7 16.88 4.44 -0.92
N SER A 8 17.37 3.55 -1.74
CA SER A 8 16.52 2.43 -2.22
C SER A 8 16.58 1.25 -1.24
N TYR A 9 15.46 0.67 -0.93
CA TYR A 9 15.45 -0.47 0.03
C TYR A 9 15.70 -1.79 -0.72
N PRO A 10 16.76 -2.45 -0.35
CA PRO A 10 17.11 -3.75 -0.99
C PRO A 10 15.95 -4.74 -0.87
N ASP A 11 16.23 -6.01 -0.96
CA ASP A 11 15.14 -7.03 -0.86
C ASP A 11 14.91 -7.41 0.61
N GLU A 12 15.13 -6.49 1.51
CA GLU A 12 14.93 -6.81 2.95
C GLU A 12 13.45 -6.67 3.32
N PRO A 13 12.81 -5.64 2.83
CA PRO A 13 11.37 -5.42 3.15
C PRO A 13 10.50 -6.38 2.34
N TRP A 14 10.19 -6.05 1.12
CA TRP A 14 9.34 -6.95 0.29
C TRP A 14 9.29 -6.45 -1.16
N ARG A 15 10.29 -5.74 -1.59
CA ARG A 15 10.29 -5.24 -2.99
C ARG A 15 10.21 -6.42 -3.97
N ILE A 16 9.45 -6.27 -5.02
CA ILE A 16 9.31 -7.39 -6.01
C ILE A 16 10.46 -7.32 -7.02
N THR A 17 10.39 -8.12 -8.05
CA THR A 17 11.47 -8.09 -9.07
C THR A 17 10.98 -7.35 -10.31
N GLU A 18 10.46 -6.16 -10.13
CA GLU A 18 9.95 -5.40 -11.30
C GLU A 18 9.14 -6.33 -12.19
N GLU A 19 8.59 -7.36 -11.63
CA GLU A 19 7.78 -8.32 -12.44
C GLU A 19 6.36 -8.37 -11.90
N GLN A 20 6.16 -7.93 -10.68
CA GLN A 20 4.79 -7.96 -10.12
C GLN A 20 4.37 -6.55 -9.70
N ARG A 21 5.29 -5.63 -9.71
CA ARG A 21 4.96 -4.23 -9.34
C ARG A 21 4.56 -3.46 -10.59
N GLU A 22 5.04 -3.89 -11.72
CA GLU A 22 4.69 -3.19 -12.99
C GLU A 22 3.21 -3.38 -13.29
N TYR A 23 2.65 -4.48 -12.87
CA TYR A 23 1.20 -4.73 -13.13
C TYR A 23 0.35 -3.83 -12.22
N TYR A 24 0.80 -3.58 -11.02
CA TYR A 24 0.01 -2.71 -10.10
C TYR A 24 -0.07 -1.29 -10.67
N VAL A 25 1.03 -0.77 -11.15
CA VAL A 25 0.99 0.61 -11.71
C VAL A 25 0.06 0.65 -12.93
N ASN A 26 0.03 -0.40 -13.70
CA ASN A 26 -0.85 -0.43 -14.90
C ASN A 26 -2.31 -0.24 -14.47
N GLN A 27 -2.61 -0.50 -13.23
CA GLN A 27 -4.01 -0.34 -12.75
C GLN A 27 -4.27 1.14 -12.40
N PHE A 28 -3.51 1.69 -11.51
CA PHE A 28 -3.70 3.12 -11.13
C PHE A 28 -3.86 3.96 -12.41
N ARG A 29 -3.21 3.57 -13.46
CA ARG A 29 -3.32 4.35 -14.73
C ARG A 29 -4.71 4.18 -15.35
N SER A 30 -5.19 2.97 -15.44
CA SER A 30 -6.55 2.75 -16.02
C SER A 30 -7.52 3.81 -15.51
N LEU A 31 -7.32 4.27 -14.31
CA LEU A 31 -8.23 5.31 -13.75
C LEU A 31 -7.64 6.70 -14.00
N GLN A 32 -6.35 6.82 -13.92
CA GLN A 32 -5.70 8.16 -14.16
C GLN A 32 -5.30 8.29 -15.63
N PRO A 33 -5.82 9.30 -16.27
CA PRO A 33 -5.51 9.54 -17.70
C PRO A 33 -3.99 9.60 -17.89
N ASP A 34 -3.27 10.01 -16.89
CA ASP A 34 -1.79 10.10 -17.02
C ASP A 34 -1.14 8.78 -16.58
N PRO A 35 -0.04 8.46 -17.21
CA PRO A 35 0.69 7.21 -16.88
C PRO A 35 1.29 7.29 -15.47
N SER A 36 1.48 8.48 -14.97
CA SER A 36 2.06 8.62 -13.60
C SER A 36 1.49 9.87 -12.91
N SER A 37 0.31 9.77 -12.39
CA SER A 37 -0.30 10.96 -11.70
C SER A 37 -0.84 10.55 -10.33
N PHE A 38 -1.74 11.32 -9.78
CA PHE A 38 -2.31 10.99 -8.45
C PHE A 38 -3.80 10.72 -8.55
N ILE A 39 -4.28 9.65 -7.99
CA ILE A 39 -5.74 9.35 -8.06
C ILE A 39 -6.45 9.99 -6.87
N SER A 40 -7.72 10.25 -6.99
CA SER A 40 -8.46 10.86 -5.85
C SER A 40 -8.55 9.88 -4.68
N GLY A 41 -9.32 10.20 -3.69
CA GLY A 41 -9.45 9.29 -2.51
C GLY A 41 -10.57 8.29 -2.78
N SER A 42 -11.80 8.66 -2.54
CA SER A 42 -12.93 7.73 -2.78
C SER A 42 -12.83 7.14 -4.19
N VAL A 43 -12.19 7.83 -5.09
CA VAL A 43 -12.05 7.30 -6.47
C VAL A 43 -11.25 5.99 -6.46
N ALA A 44 -10.15 5.98 -5.77
CA ALA A 44 -9.34 4.72 -5.71
C ALA A 44 -9.99 3.72 -4.76
N LYS A 45 -10.38 4.16 -3.59
CA LYS A 45 -11.04 3.22 -2.64
C LYS A 45 -12.28 2.62 -3.30
N ASN A 46 -12.74 3.24 -4.36
CA ASN A 46 -13.95 2.72 -5.07
C ASN A 46 -13.69 1.31 -5.61
N PHE A 47 -12.65 1.15 -6.38
CA PHE A 47 -12.35 -0.20 -6.94
C PHE A 47 -11.45 -0.99 -5.99
N PHE A 48 -10.85 -0.35 -5.03
CA PHE A 48 -9.97 -1.09 -4.07
C PHE A 48 -10.74 -2.25 -3.44
N THR A 49 -12.04 -2.15 -3.42
CA THR A 49 -12.86 -3.25 -2.81
C THR A 49 -12.32 -4.62 -3.22
N LYS A 50 -11.69 -4.71 -4.37
CA LYS A 50 -11.16 -6.02 -4.83
C LYS A 50 -9.94 -6.41 -3.98
N SER A 51 -10.16 -7.03 -2.86
CA SER A 51 -9.03 -7.44 -1.99
C SER A 51 -9.55 -7.96 -0.65
N LYS A 52 -10.57 -7.35 -0.12
CA LYS A 52 -11.13 -7.81 1.18
C LYS A 52 -11.86 -9.15 1.00
N LEU A 53 -12.14 -9.51 -0.21
CA LEU A 53 -12.84 -10.81 -0.46
C LEU A 53 -14.16 -10.84 0.30
N SER A 54 -14.15 -11.28 1.53
CA SER A 54 -15.41 -11.34 2.32
C SER A 54 -15.28 -10.49 3.58
N ILE A 55 -14.17 -10.57 4.26
CA ILE A 55 -14.00 -9.76 5.50
C ILE A 55 -13.49 -8.36 5.15
N PRO A 56 -13.99 -7.39 5.86
CA PRO A 56 -13.58 -5.98 5.63
C PRO A 56 -12.09 -5.79 5.93
N GLU A 57 -11.57 -4.64 5.64
CA GLU A 57 -10.11 -4.38 5.91
C GLU A 57 -9.66 -3.09 5.21
N LEU A 58 -10.36 -2.70 4.18
CA LEU A 58 -9.97 -1.45 3.44
C LEU A 58 -9.71 -0.30 4.43
N SER A 59 -10.24 -0.39 5.61
CA SER A 59 -10.02 0.71 6.61
C SER A 59 -8.53 0.85 6.92
N TYR A 60 -7.86 -0.23 7.17
CA TYR A 60 -6.40 -0.15 7.50
C TYR A 60 -5.58 -0.05 6.20
N ILE A 61 -6.00 -0.71 5.16
CA ILE A 61 -5.24 -0.65 3.88
C ILE A 61 -5.11 0.81 3.42
N TRP A 62 -6.20 1.53 3.43
CA TRP A 62 -6.16 2.96 3.00
C TRP A 62 -5.43 3.80 4.05
N GLU A 63 -5.63 3.51 5.30
CA GLU A 63 -4.95 4.29 6.37
C GLU A 63 -3.45 4.39 6.05
N LEU A 64 -2.89 3.38 5.45
CA LEU A 64 -1.43 3.42 5.12
C LEU A 64 -1.24 4.01 3.73
N SER A 65 -2.20 3.83 2.86
CA SER A 65 -2.05 4.38 1.48
C SER A 65 -1.93 5.91 1.53
N ASP A 66 -2.52 6.53 2.52
CA ASP A 66 -2.44 8.01 2.62
C ASP A 66 -1.48 8.40 3.76
N ALA A 67 -1.05 9.64 3.79
CA ALA A 67 -0.13 10.06 4.87
C ALA A 67 -0.45 11.50 5.31
N ASP A 68 -1.62 11.98 4.99
CA ASP A 68 -1.98 13.37 5.39
C ASP A 68 -3.47 13.59 5.11
N CYS A 69 -4.22 12.53 5.08
CA CYS A 69 -5.67 12.62 4.79
C CYS A 69 -5.93 13.68 3.72
N ASP A 70 -5.00 13.86 2.83
CA ASP A 70 -5.19 14.87 1.75
C ASP A 70 -6.36 14.47 0.85
N GLY A 71 -6.86 13.28 1.01
CA GLY A 71 -8.01 12.83 0.17
C GLY A 71 -7.50 12.42 -1.21
N ALA A 72 -6.20 12.33 -1.38
CA ALA A 72 -5.65 11.94 -2.71
C ALA A 72 -4.32 11.20 -2.52
N LEU A 73 -3.90 10.46 -3.51
CA LEU A 73 -2.62 9.72 -3.39
C LEU A 73 -1.88 9.70 -4.74
N THR A 74 -0.68 10.22 -4.76
CA THR A 74 0.09 10.24 -6.04
C THR A 74 0.37 8.80 -6.49
N LEU A 75 0.87 8.60 -7.68
CA LEU A 75 1.14 7.21 -8.14
C LEU A 75 2.10 6.53 -7.15
N PRO A 76 3.11 7.25 -6.72
CA PRO A 76 4.07 6.69 -5.76
C PRO A 76 3.33 6.23 -4.50
N GLU A 77 2.24 6.87 -4.17
CA GLU A 77 1.48 6.46 -2.96
C GLU A 77 0.70 5.18 -3.25
N PHE A 78 0.14 5.07 -4.42
CA PHE A 78 -0.63 3.84 -4.76
C PHE A 78 0.32 2.66 -5.00
N CYS A 79 1.57 2.95 -5.26
CA CYS A 79 2.55 1.86 -5.49
C CYS A 79 2.64 0.96 -4.25
N ALA A 80 2.98 1.52 -3.12
CA ALA A 80 3.09 0.70 -1.88
C ALA A 80 1.71 0.25 -1.42
N ALA A 81 0.71 1.06 -1.64
CA ALA A 81 -0.66 0.67 -1.21
C ALA A 81 -1.04 -0.68 -1.81
N PHE A 82 -0.91 -0.82 -3.10
CA PHE A 82 -1.27 -2.12 -3.75
C PHE A 82 -0.43 -3.25 -3.16
N HIS A 83 0.86 -3.07 -3.08
CA HIS A 83 1.73 -4.14 -2.51
C HIS A 83 1.08 -4.75 -1.25
N LEU A 84 0.43 -3.94 -0.47
CA LEU A 84 -0.21 -4.47 0.77
C LEU A 84 -1.42 -5.36 0.41
N ILE A 85 -2.30 -4.86 -0.41
CA ILE A 85 -3.49 -5.68 -0.80
C ILE A 85 -3.04 -7.07 -1.25
N VAL A 86 -1.99 -7.15 -2.01
CA VAL A 86 -1.51 -8.49 -2.49
C VAL A 86 -0.95 -9.29 -1.30
N ALA A 87 -0.37 -8.62 -0.33
CA ALA A 87 0.18 -9.34 0.85
C ALA A 87 -0.92 -10.11 1.57
N ARG A 88 -2.12 -9.59 1.58
CA ARG A 88 -3.24 -10.29 2.27
C ARG A 88 -3.18 -11.79 1.98
N LYS A 89 -3.06 -12.17 0.75
CA LYS A 89 -3.00 -13.62 0.41
C LYS A 89 -1.65 -14.20 0.80
N ASN A 90 -0.60 -13.79 0.13
CA ASN A 90 0.75 -14.33 0.47
C ASN A 90 1.83 -13.61 -0.36
N GLY A 91 1.64 -12.35 -0.64
CA GLY A 91 2.64 -11.61 -1.44
C GLY A 91 3.86 -11.29 -0.57
N TYR A 92 3.68 -11.18 0.72
CA TYR A 92 4.82 -10.87 1.61
C TYR A 92 4.34 -10.71 3.06
N PRO A 93 5.15 -11.17 3.97
CA PRO A 93 4.81 -11.08 5.41
C PRO A 93 4.53 -9.63 5.82
N LEU A 94 4.67 -9.33 7.09
CA LEU A 94 4.41 -7.92 7.55
C LEU A 94 5.18 -7.64 8.83
N PRO A 95 6.19 -6.81 8.71
CA PRO A 95 7.02 -6.45 9.88
C PRO A 95 6.20 -5.66 10.90
N GLU A 96 5.48 -4.67 10.45
CA GLU A 96 4.65 -3.86 11.39
C GLU A 96 3.49 -3.21 10.65
N GLY A 97 2.69 -2.43 11.32
CA GLY A 97 1.54 -1.77 10.65
C GLY A 97 1.61 -0.26 10.89
N LEU A 98 0.73 0.27 11.70
CA LEU A 98 0.74 1.73 11.97
C LEU A 98 2.17 2.22 12.17
N PRO A 99 2.43 3.41 11.70
CA PRO A 99 3.78 4.00 11.82
C PRO A 99 4.24 4.01 13.29
N PRO A 100 3.36 4.47 14.15
CA PRO A 100 3.69 4.53 15.59
C PRO A 100 3.61 3.13 16.21
N THR A 101 2.62 2.36 15.82
CA THR A 101 2.49 0.99 16.39
C THR A 101 2.24 1.05 17.90
N LEU A 102 1.35 1.92 18.33
CA LEU A 102 1.06 2.03 19.78
C LEU A 102 0.16 3.24 20.05
N GLN A 103 0.58 4.40 19.61
CA GLN A 103 -0.26 5.62 19.83
C GLN A 103 -0.30 5.97 21.33
N PRO A 104 -0.01 7.21 21.61
CA PRO A 104 -0.02 7.68 23.02
C PRO A 104 -1.46 7.77 23.55
N GLU A 105 -2.43 7.65 22.68
CA GLU A 105 -3.84 7.73 23.15
C GLU A 105 -3.99 6.89 24.42
N PHE A 106 -3.16 5.89 24.55
CA PHE A 106 -3.20 5.03 25.76
C PHE A 106 -2.71 5.83 26.98
N ILE A 107 -2.07 5.18 27.91
CA ILE A 107 -1.58 5.91 29.11
C ILE A 107 -0.05 6.03 29.06
N VAL A 108 0.61 5.08 28.46
CA VAL A 108 2.11 5.14 28.38
C VAL A 108 2.54 6.47 27.77
N THR A 109 3.49 7.13 28.37
CA THR A 109 3.96 8.43 27.82
C THR A 109 5.26 8.24 27.02
N ASP A 110 6.20 7.53 27.58
CA ASP A 110 7.49 7.31 26.85
C ASP A 110 8.17 8.64 26.56
CA CA B . -1.75 11.30 0.50
N GLY A 1 13.55 15.90 15.33
CA GLY A 1 13.57 16.35 16.75
C GLY A 1 13.92 15.17 17.65
N SER A 2 14.94 14.43 17.32
CA SER A 2 15.32 13.26 18.16
C SER A 2 14.09 12.42 18.51
N LEU A 3 13.68 11.57 17.60
CA LEU A 3 12.48 10.72 17.87
C LEU A 3 12.30 9.70 16.75
N GLN A 4 11.17 9.05 16.71
CA GLN A 4 10.93 8.04 15.63
C GLN A 4 9.51 7.48 15.74
N ASP A 5 8.55 8.19 15.23
CA ASP A 5 7.14 7.70 15.31
C ASP A 5 6.25 8.48 14.32
N ASN A 6 6.82 8.92 13.23
CA ASN A 6 6.00 9.69 12.24
C ASN A 6 6.83 9.93 10.97
N SER A 7 6.17 10.03 9.84
CA SER A 7 6.92 10.29 8.57
C SER A 7 7.97 9.20 8.34
N SER A 8 7.66 8.21 7.55
CA SER A 8 8.64 7.12 7.29
C SER A 8 8.80 6.90 5.78
N TYR A 9 9.28 5.75 5.39
CA TYR A 9 9.46 5.47 3.93
C TYR A 9 9.51 3.96 3.69
N PRO A 10 8.49 3.47 3.03
CA PRO A 10 8.41 2.02 2.73
C PRO A 10 9.62 1.58 1.89
N ASP A 11 9.54 0.44 1.27
CA ASP A 11 10.67 -0.05 0.43
C ASP A 11 10.54 0.49 -1.00
N GLU A 12 11.51 1.22 -1.46
CA GLU A 12 11.42 1.78 -2.85
C GLU A 12 11.69 0.67 -3.88
N PRO A 13 12.70 -0.11 -3.63
CA PRO A 13 13.06 -1.22 -4.55
C PRO A 13 11.89 -2.21 -4.66
N TRP A 14 11.00 -2.18 -3.70
CA TRP A 14 9.84 -3.12 -3.74
C TRP A 14 10.32 -4.55 -3.97
N ARG A 15 11.56 -4.82 -3.68
CA ARG A 15 12.10 -6.20 -3.86
C ARG A 15 11.62 -6.77 -5.20
N ILE A 16 12.11 -6.25 -6.28
CA ILE A 16 11.68 -6.77 -7.62
C ILE A 16 12.60 -6.23 -8.72
N THR A 17 12.09 -6.10 -9.91
CA THR A 17 12.93 -5.57 -11.04
C THR A 17 12.07 -5.44 -12.30
N GLU A 18 11.53 -4.26 -12.53
CA GLU A 18 10.67 -4.05 -13.74
C GLU A 18 9.80 -5.27 -13.99
N GLU A 19 9.46 -6.00 -12.97
CA GLU A 19 8.60 -7.20 -13.12
C GLU A 19 7.26 -6.95 -12.43
N GLN A 20 7.22 -6.02 -11.52
CA GLN A 20 5.96 -5.72 -10.81
C GLN A 20 5.64 -4.22 -10.88
N ARG A 21 6.65 -3.41 -11.08
CA ARG A 21 6.40 -1.94 -11.18
C ARG A 21 5.54 -1.64 -12.41
N GLU A 22 5.64 -2.47 -13.41
CA GLU A 22 4.83 -2.25 -14.65
C GLU A 22 3.38 -2.68 -14.39
N TYR A 23 3.19 -3.78 -13.73
CA TYR A 23 1.80 -4.25 -13.45
C TYR A 23 1.15 -3.35 -12.40
N TYR A 24 1.93 -2.69 -11.59
CA TYR A 24 1.35 -1.80 -10.56
C TYR A 24 0.83 -0.51 -11.19
N VAL A 25 1.51 -0.02 -12.19
CA VAL A 25 1.05 1.23 -12.86
C VAL A 25 -0.10 0.94 -13.83
N ASN A 26 -0.07 -0.22 -14.45
CA ASN A 26 -1.15 -0.57 -15.42
C ASN A 26 -2.49 -0.67 -14.70
N GLN A 27 -2.48 -0.99 -13.43
CA GLN A 27 -3.76 -1.10 -12.67
C GLN A 27 -4.14 0.27 -12.10
N PHE A 28 -3.16 1.05 -11.74
CA PHE A 28 -3.45 2.41 -11.17
C PHE A 28 -3.72 3.39 -12.33
N ARG A 29 -3.41 2.99 -13.53
CA ARG A 29 -3.64 3.90 -14.69
C ARG A 29 -5.14 3.98 -15.01
N SER A 30 -5.79 2.85 -15.14
CA SER A 30 -7.25 2.87 -15.44
C SER A 30 -7.95 3.83 -14.48
N LEU A 31 -7.52 3.88 -13.26
CA LEU A 31 -8.14 4.80 -12.27
C LEU A 31 -7.49 6.18 -12.37
N GLN A 32 -6.26 6.22 -12.82
CA GLN A 32 -5.55 7.53 -12.96
C GLN A 32 -5.05 7.70 -14.40
N PRO A 33 -5.56 8.70 -15.06
CA PRO A 33 -5.16 8.97 -16.47
C PRO A 33 -3.65 9.16 -16.56
N ASP A 34 -3.10 10.01 -15.74
CA ASP A 34 -1.63 10.24 -15.79
C ASP A 34 -0.89 9.03 -15.20
N PRO A 35 0.01 8.49 -15.98
CA PRO A 35 0.79 7.31 -15.53
C PRO A 35 1.53 7.62 -14.22
N SER A 36 2.24 8.72 -14.18
CA SER A 36 2.98 9.07 -12.93
C SER A 36 2.27 10.21 -12.19
N SER A 37 1.08 9.96 -11.71
CA SER A 37 0.33 11.02 -10.99
C SER A 37 -0.36 10.44 -9.75
N PHE A 38 -1.24 11.18 -9.15
CA PHE A 38 -1.96 10.68 -7.94
C PHE A 38 -3.44 10.42 -8.27
N ILE A 39 -4.10 9.62 -7.48
CA ILE A 39 -5.54 9.32 -7.75
C ILE A 39 -6.43 10.34 -7.03
N SER A 40 -7.56 10.67 -7.60
CA SER A 40 -8.45 11.67 -6.94
C SER A 40 -8.81 11.20 -5.52
N GLY A 41 -8.70 9.93 -5.26
CA GLY A 41 -9.03 9.42 -3.90
C GLY A 41 -10.24 8.48 -3.98
N SER A 42 -11.42 9.02 -4.10
CA SER A 42 -12.64 8.16 -4.18
C SER A 42 -12.60 7.31 -5.44
N VAL A 43 -11.69 7.59 -6.35
CA VAL A 43 -11.62 6.78 -7.59
C VAL A 43 -11.09 5.37 -7.28
N ALA A 44 -9.93 5.28 -6.69
CA ALA A 44 -9.38 3.94 -6.35
C ALA A 44 -10.10 3.36 -5.13
N LYS A 45 -10.51 4.18 -4.21
CA LYS A 45 -11.23 3.67 -3.02
C LYS A 45 -12.50 2.92 -3.46
N ASN A 46 -12.90 3.11 -4.69
CA ASN A 46 -14.12 2.42 -5.20
C ASN A 46 -13.91 0.91 -5.21
N PHE A 47 -12.92 0.45 -5.92
CA PHE A 47 -12.67 -1.02 -5.99
C PHE A 47 -11.79 -1.47 -4.81
N PHE A 48 -11.13 -0.56 -4.17
CA PHE A 48 -10.27 -0.93 -3.01
C PHE A 48 -11.08 -1.75 -2.00
N THR A 49 -12.38 -1.67 -2.07
CA THR A 49 -13.24 -2.44 -1.12
C THR A 49 -12.82 -3.92 -1.08
N LYS A 50 -13.56 -4.74 -0.39
CA LYS A 50 -13.22 -6.19 -0.29
C LYS A 50 -11.70 -6.39 -0.28
N SER A 51 -11.12 -6.77 -1.39
CA SER A 51 -9.65 -6.97 -1.41
C SER A 51 -9.25 -8.00 -0.36
N LYS A 52 -8.97 -7.57 0.84
CA LYS A 52 -8.62 -8.54 1.91
C LYS A 52 -9.80 -9.48 2.15
N LEU A 53 -10.95 -9.12 1.62
CA LEU A 53 -12.15 -9.99 1.82
C LEU A 53 -12.48 -10.07 3.31
N SER A 54 -13.19 -11.08 3.73
CA SER A 54 -13.52 -11.21 5.18
C SER A 54 -13.88 -9.85 5.78
N ILE A 55 -15.10 -9.41 5.61
CA ILE A 55 -15.50 -8.09 6.17
C ILE A 55 -14.63 -6.97 5.60
N PRO A 56 -15.25 -5.85 5.35
CA PRO A 56 -14.52 -4.69 4.80
C PRO A 56 -13.47 -4.19 5.79
N GLU A 57 -12.22 -4.50 5.56
CA GLU A 57 -11.16 -4.04 6.49
C GLU A 57 -10.18 -3.12 5.76
N LEU A 58 -10.63 -2.48 4.72
CA LEU A 58 -9.73 -1.57 3.95
C LEU A 58 -9.45 -0.28 4.75
N SER A 59 -10.01 -0.17 5.93
CA SER A 59 -9.78 1.06 6.74
C SER A 59 -8.29 1.21 7.06
N TYR A 60 -7.61 0.13 7.28
CA TYR A 60 -6.16 0.22 7.60
C TYR A 60 -5.33 0.20 6.31
N ILE A 61 -5.82 -0.44 5.28
CA ILE A 61 -5.06 -0.48 3.99
C ILE A 61 -5.00 0.93 3.39
N TRP A 62 -6.04 1.69 3.56
CA TRP A 62 -6.07 3.08 3.00
C TRP A 62 -5.48 4.04 4.02
N GLU A 63 -5.76 3.85 5.27
CA GLU A 63 -5.21 4.77 6.31
C GLU A 63 -3.69 4.86 6.16
N LEU A 64 -3.08 3.82 5.65
CA LEU A 64 -1.60 3.84 5.46
C LEU A 64 -1.25 4.33 4.05
N SER A 65 -2.08 4.01 3.08
CA SER A 65 -1.78 4.47 1.70
C SER A 65 -1.66 5.99 1.66
N ASP A 66 -2.59 6.68 2.26
CA ASP A 66 -2.54 8.16 2.26
C ASP A 66 -1.77 8.66 3.50
N ALA A 67 -1.20 9.82 3.42
CA ALA A 67 -0.44 10.36 4.59
C ALA A 67 -0.67 11.86 4.73
N ASP A 68 -1.84 12.33 4.40
CA ASP A 68 -2.12 13.79 4.53
C ASP A 68 -3.62 14.02 4.40
N CYS A 69 -4.39 13.00 4.67
CA CYS A 69 -5.86 13.09 4.56
C CYS A 69 -6.26 13.97 3.38
N ASP A 70 -5.48 13.95 2.33
CA ASP A 70 -5.80 14.78 1.14
C ASP A 70 -6.81 14.06 0.25
N GLY A 71 -7.01 12.78 0.49
CA GLY A 71 -7.98 12.02 -0.35
C GLY A 71 -7.27 11.45 -1.57
N ALA A 72 -6.35 12.19 -2.13
CA ALA A 72 -5.61 11.69 -3.32
C ALA A 72 -4.28 11.06 -2.89
N LEU A 73 -3.72 10.24 -3.72
CA LEU A 73 -2.42 9.58 -3.37
C LEU A 73 -1.55 9.42 -4.61
N THR A 74 -0.36 9.96 -4.58
CA THR A 74 0.54 9.83 -5.76
C THR A 74 0.67 8.37 -6.19
N LEU A 75 1.14 8.12 -7.38
CA LEU A 75 1.27 6.71 -7.84
C LEU A 75 2.15 5.92 -6.85
N PRO A 76 3.23 6.53 -6.41
CA PRO A 76 4.12 5.86 -5.45
C PRO A 76 3.33 5.44 -4.20
N GLU A 77 2.31 6.16 -3.87
CA GLU A 77 1.49 5.81 -2.68
C GLU A 77 0.61 4.58 -2.99
N PHE A 78 0.21 4.43 -4.21
CA PHE A 78 -0.65 3.27 -4.58
C PHE A 78 0.20 2.01 -4.70
N CYS A 79 1.43 2.15 -5.13
CA CYS A 79 2.32 0.96 -5.27
C CYS A 79 2.54 0.29 -3.90
N ALA A 80 2.41 1.05 -2.85
CA ALA A 80 2.63 0.47 -1.50
C ALA A 80 1.34 -0.18 -0.98
N ALA A 81 0.27 0.57 -0.94
CA ALA A 81 -1.02 0.00 -0.44
C ALA A 81 -1.41 -1.25 -1.23
N PHE A 82 -1.11 -1.28 -2.50
CA PHE A 82 -1.47 -2.48 -3.32
C PHE A 82 -0.77 -3.73 -2.79
N HIS A 83 0.54 -3.77 -2.86
CA HIS A 83 1.26 -4.98 -2.36
C HIS A 83 0.73 -5.37 -0.97
N LEU A 84 0.23 -4.42 -0.24
CA LEU A 84 -0.30 -4.74 1.12
C LEU A 84 -1.52 -5.65 1.00
N ILE A 85 -2.43 -5.34 0.12
CA ILE A 85 -3.64 -6.18 -0.04
C ILE A 85 -3.23 -7.62 -0.39
N VAL A 86 -2.29 -7.77 -1.28
CA VAL A 86 -1.85 -9.14 -1.66
C VAL A 86 -1.42 -9.93 -0.41
N ALA A 87 -1.00 -9.23 0.61
CA ALA A 87 -0.57 -9.92 1.86
C ALA A 87 -1.72 -10.79 2.39
N ARG A 88 -2.89 -10.23 2.55
CA ARG A 88 -4.03 -11.03 3.07
C ARG A 88 -4.06 -12.41 2.41
N LYS A 89 -4.30 -12.46 1.13
CA LYS A 89 -4.34 -13.77 0.42
C LYS A 89 -3.15 -14.63 0.84
N ASN A 90 -1.96 -14.17 0.60
CA ASN A 90 -0.76 -14.97 0.99
C ASN A 90 0.52 -14.16 0.73
N GLY A 91 0.42 -12.87 0.74
CA GLY A 91 1.62 -12.03 0.50
C GLY A 91 2.28 -11.71 1.84
N TYR A 92 2.43 -12.69 2.69
CA TYR A 92 3.06 -12.45 4.02
C TYR A 92 2.13 -11.59 4.88
N PRO A 93 1.28 -12.26 5.62
CA PRO A 93 0.32 -11.55 6.49
C PRO A 93 1.05 -10.53 7.37
N LEU A 94 0.46 -9.38 7.57
CA LEU A 94 1.12 -8.34 8.41
C LEU A 94 0.12 -7.77 9.43
N PRO A 95 0.41 -7.97 10.68
CA PRO A 95 -0.49 -7.48 11.75
C PRO A 95 -0.74 -5.98 11.59
N GLU A 96 0.24 -5.25 11.12
CA GLU A 96 0.05 -3.77 10.95
C GLU A 96 0.90 -3.27 9.78
N GLY A 97 1.12 -1.98 9.71
CA GLY A 97 1.95 -1.43 8.59
C GLY A 97 3.32 -1.00 9.12
N LEU A 98 4.36 -1.68 8.73
CA LEU A 98 5.71 -1.32 9.21
C LEU A 98 6.75 -1.61 8.11
N PRO A 99 8.01 -1.58 8.47
CA PRO A 99 9.08 -1.84 7.49
C PRO A 99 8.85 -3.19 6.80
N PRO A 100 9.85 -3.62 6.06
CA PRO A 100 9.75 -4.91 5.33
C PRO A 100 9.77 -6.09 6.31
N THR A 101 8.66 -6.37 6.93
CA THR A 101 8.59 -7.51 7.89
C THR A 101 9.90 -7.69 8.64
N LEU A 102 10.51 -6.62 9.07
CA LEU A 102 11.80 -6.74 9.81
C LEU A 102 12.03 -5.53 10.72
N GLN A 103 12.40 -4.41 10.17
CA GLN A 103 12.63 -3.20 11.02
C GLN A 103 13.25 -2.08 10.19
N PRO A 104 13.20 -0.89 10.73
CA PRO A 104 13.76 0.29 10.04
C PRO A 104 15.28 0.19 9.97
N GLU A 105 15.80 -0.54 9.01
CA GLU A 105 17.28 -0.69 8.89
C GLU A 105 17.88 -1.12 10.23
N PHE A 106 17.07 -1.71 11.09
CA PHE A 106 17.57 -2.17 12.42
C PHE A 106 18.61 -1.20 12.97
N ILE A 107 18.30 0.07 13.02
CA ILE A 107 19.28 1.07 13.55
C ILE A 107 19.09 1.23 15.06
N VAL A 108 17.87 1.22 15.52
CA VAL A 108 17.62 1.38 16.98
C VAL A 108 16.76 0.22 17.50
N THR A 109 16.53 0.18 18.78
CA THR A 109 15.70 -0.92 19.36
C THR A 109 16.35 -2.28 19.07
N ASP A 110 17.63 -2.29 18.83
CA ASP A 110 18.32 -3.59 18.54
C ASP A 110 17.93 -4.64 19.59
CA CA B . -1.49 11.43 -0.43
N GLY A 1 23.66 10.81 -8.07
CA GLY A 1 22.50 11.29 -8.87
C GLY A 1 22.23 12.76 -8.56
N SER A 2 22.36 13.15 -7.32
CA SER A 2 22.13 14.58 -6.96
C SER A 2 22.51 14.81 -5.50
N LEU A 3 22.67 16.05 -5.11
CA LEU A 3 23.04 16.35 -3.69
C LEU A 3 22.03 17.31 -3.07
N GLN A 4 21.42 16.93 -1.98
CA GLN A 4 20.42 17.82 -1.32
C GLN A 4 20.54 17.72 0.20
N ASP A 5 20.30 18.80 0.89
CA ASP A 5 20.40 18.78 2.37
C ASP A 5 19.31 17.86 2.96
N ASN A 6 18.26 17.64 2.24
CA ASN A 6 17.17 16.76 2.74
C ASN A 6 16.14 16.50 1.64
N SER A 7 15.89 15.25 1.35
CA SER A 7 14.90 14.93 0.27
C SER A 7 14.49 13.45 0.35
N SER A 8 13.33 13.16 0.85
CA SER A 8 12.89 11.75 0.95
C SER A 8 12.77 11.13 -0.45
N TYR A 9 12.40 9.87 -0.52
CA TYR A 9 12.27 9.22 -1.85
C TYR A 9 12.00 7.73 -1.68
N PRO A 10 10.86 7.30 -2.15
CA PRO A 10 10.47 5.87 -2.06
C PRO A 10 11.48 5.00 -2.78
N ASP A 11 11.04 3.89 -3.32
CA ASP A 11 11.98 2.98 -4.05
C ASP A 11 12.95 2.30 -3.07
N GLU A 12 12.51 1.25 -2.44
CA GLU A 12 13.40 0.54 -1.48
C GLU A 12 12.82 -0.84 -1.13
N PRO A 13 11.69 -0.85 -0.49
CA PRO A 13 11.03 -2.13 -0.11
C PRO A 13 10.46 -2.81 -1.36
N TRP A 14 10.51 -2.14 -2.48
CA TRP A 14 9.96 -2.73 -3.73
C TRP A 14 11.06 -3.52 -4.46
N ARG A 15 12.00 -4.05 -3.74
CA ARG A 15 13.09 -4.83 -4.39
C ARG A 15 12.54 -5.71 -5.51
N ILE A 16 12.54 -5.22 -6.71
CA ILE A 16 12.01 -6.02 -7.85
C ILE A 16 12.16 -5.24 -9.16
N THR A 17 11.32 -5.52 -10.12
CA THR A 17 11.38 -4.80 -11.41
C THR A 17 10.00 -4.82 -12.06
N GLU A 18 9.94 -4.86 -13.36
CA GLU A 18 8.61 -4.91 -14.03
C GLU A 18 7.81 -6.13 -13.54
N GLU A 19 8.48 -7.05 -12.90
CA GLU A 19 7.78 -8.27 -12.39
C GLU A 19 6.49 -7.87 -11.67
N GLN A 20 6.54 -6.83 -10.89
CA GLN A 20 5.32 -6.40 -10.15
C GLN A 20 5.09 -4.89 -10.34
N ARG A 21 6.12 -4.16 -10.68
CA ARG A 21 5.96 -2.70 -10.88
C ARG A 21 5.15 -2.44 -12.15
N GLU A 22 5.33 -3.27 -13.14
CA GLU A 22 4.56 -3.08 -14.41
C GLU A 22 3.13 -3.59 -14.25
N TYR A 23 2.96 -4.60 -13.43
CA TYR A 23 1.59 -5.16 -13.23
C TYR A 23 0.84 -4.33 -12.18
N TYR A 24 1.55 -3.60 -11.36
CA TYR A 24 0.88 -2.78 -10.32
C TYR A 24 0.43 -1.46 -10.95
N VAL A 25 1.25 -0.89 -11.79
CA VAL A 25 0.87 0.39 -12.45
C VAL A 25 -0.26 0.14 -13.45
N ASN A 26 -0.36 -1.07 -13.94
CA ASN A 26 -1.44 -1.39 -14.91
C ASN A 26 -2.81 -1.16 -14.27
N GLN A 27 -2.88 -1.24 -12.96
CA GLN A 27 -4.18 -1.02 -12.27
C GLN A 27 -4.36 0.47 -11.98
N PHE A 28 -3.37 1.10 -11.41
CA PHE A 28 -3.48 2.55 -11.10
C PHE A 28 -3.57 3.35 -12.40
N ARG A 29 -3.24 2.73 -13.51
CA ARG A 29 -3.30 3.46 -14.82
C ARG A 29 -4.77 3.65 -15.24
N SER A 30 -5.57 2.62 -15.13
CA SER A 30 -7.00 2.76 -15.53
C SER A 30 -7.59 4.03 -14.91
N LEU A 31 -7.08 4.43 -13.78
CA LEU A 31 -7.60 5.66 -13.11
C LEU A 31 -6.67 6.84 -13.42
N GLN A 32 -5.44 6.57 -13.74
CA GLN A 32 -4.49 7.67 -14.06
C GLN A 32 -3.53 7.22 -15.17
N PRO A 33 -3.94 7.47 -16.37
CA PRO A 33 -3.11 7.10 -17.55
C PRO A 33 -1.73 7.76 -17.48
N ASP A 34 -1.64 8.90 -16.85
CA ASP A 34 -0.33 9.60 -16.75
C ASP A 34 0.71 8.66 -16.11
N PRO A 35 1.90 8.70 -16.67
CA PRO A 35 3.01 7.86 -16.15
C PRO A 35 3.41 8.31 -14.75
N SER A 36 3.06 9.50 -14.38
CA SER A 36 3.43 10.01 -13.02
C SER A 36 2.37 10.98 -12.51
N SER A 37 1.27 10.47 -12.02
CA SER A 37 0.19 11.37 -11.50
C SER A 37 -0.38 10.82 -10.20
N PHE A 38 -1.36 11.49 -9.65
CA PHE A 38 -1.98 11.02 -8.37
C PHE A 38 -3.45 10.68 -8.60
N ILE A 39 -3.92 9.59 -8.05
CA ILE A 39 -5.35 9.22 -8.24
C ILE A 39 -6.19 9.83 -7.11
N SER A 40 -7.48 9.93 -7.32
CA SER A 40 -8.35 10.52 -6.25
C SER A 40 -8.32 9.64 -5.00
N GLY A 41 -9.16 9.94 -4.05
CA GLY A 41 -9.19 9.12 -2.80
C GLY A 41 -10.30 8.07 -2.91
N SER A 42 -11.52 8.49 -2.99
CA SER A 42 -12.65 7.50 -3.10
C SER A 42 -12.56 6.76 -4.43
N VAL A 43 -12.06 7.40 -5.46
CA VAL A 43 -11.95 6.73 -6.78
C VAL A 43 -11.11 5.46 -6.65
N ALA A 44 -9.97 5.56 -6.03
CA ALA A 44 -9.11 4.36 -5.88
C ALA A 44 -9.70 3.41 -4.83
N LYS A 45 -10.18 3.94 -3.74
CA LYS A 45 -10.78 3.06 -2.69
C LYS A 45 -12.00 2.34 -3.25
N ASN A 46 -12.52 2.81 -4.34
CA ASN A 46 -13.71 2.15 -4.95
C ASN A 46 -13.35 0.74 -5.42
N PHE A 47 -12.41 0.63 -6.32
CA PHE A 47 -12.02 -0.72 -6.81
C PHE A 47 -11.11 -1.42 -5.79
N PHE A 48 -10.44 -0.67 -4.96
CA PHE A 48 -9.56 -1.31 -3.94
C PHE A 48 -10.31 -2.48 -3.29
N THR A 49 -11.56 -2.30 -2.99
CA THR A 49 -12.35 -3.39 -2.37
C THR A 49 -13.58 -3.71 -3.24
N LYS A 50 -13.37 -3.94 -4.51
CA LYS A 50 -14.51 -4.24 -5.41
C LYS A 50 -15.54 -5.13 -4.71
N SER A 51 -15.11 -6.22 -4.13
CA SER A 51 -16.09 -7.11 -3.43
C SER A 51 -15.52 -7.52 -2.07
N LYS A 52 -14.97 -6.58 -1.34
CA LYS A 52 -14.39 -6.90 -0.01
C LYS A 52 -13.66 -8.25 -0.05
N LEU A 53 -13.15 -8.59 -1.21
CA LEU A 53 -12.40 -9.89 -1.39
C LEU A 53 -12.59 -10.84 -0.21
N SER A 54 -13.75 -11.44 -0.09
CA SER A 54 -14.00 -12.39 1.05
C SER A 54 -14.07 -11.60 2.37
N ILE A 55 -13.17 -11.83 3.30
CA ILE A 55 -13.22 -11.09 4.58
C ILE A 55 -11.84 -10.52 4.95
N PRO A 56 -11.33 -9.68 4.10
CA PRO A 56 -10.01 -9.07 4.32
C PRO A 56 -10.15 -7.75 5.07
N GLU A 57 -9.18 -6.88 4.96
CA GLU A 57 -9.26 -5.55 5.65
C GLU A 57 -8.67 -4.47 4.76
N LEU A 58 -9.45 -3.92 3.87
CA LEU A 58 -8.92 -2.85 2.97
C LEU A 58 -9.15 -1.47 3.60
N SER A 59 -9.89 -1.41 4.67
CA SER A 59 -10.14 -0.09 5.32
C SER A 59 -8.88 0.39 6.04
N TYR A 60 -8.26 -0.45 6.82
CA TYR A 60 -7.03 -0.02 7.54
C TYR A 60 -5.86 0.11 6.55
N ILE A 61 -5.90 -0.61 5.46
CA ILE A 61 -4.81 -0.51 4.46
C ILE A 61 -4.80 0.91 3.87
N TRP A 62 -5.96 1.45 3.61
CA TRP A 62 -6.03 2.83 3.05
C TRP A 62 -5.63 3.83 4.13
N GLU A 63 -6.13 3.68 5.32
CA GLU A 63 -5.77 4.62 6.41
C GLU A 63 -4.24 4.70 6.54
N LEU A 64 -3.55 3.68 6.10
CA LEU A 64 -2.07 3.69 6.18
C LEU A 64 -1.48 4.24 4.88
N SER A 65 -2.17 4.08 3.78
CA SER A 65 -1.65 4.60 2.48
C SER A 65 -1.77 6.13 2.46
N ASP A 66 -2.69 6.67 3.22
CA ASP A 66 -2.86 8.15 3.26
C ASP A 66 -1.94 8.77 4.30
N ALA A 67 -1.63 10.03 4.17
CA ALA A 67 -0.73 10.68 5.16
C ALA A 67 -1.12 12.15 5.34
N ASP A 68 -2.26 12.54 4.84
CA ASP A 68 -2.69 13.96 4.99
C ASP A 68 -4.17 14.07 4.69
N CYS A 69 -4.86 12.96 4.75
CA CYS A 69 -6.32 12.94 4.47
C CYS A 69 -6.65 13.90 3.34
N ASP A 70 -5.73 14.08 2.43
CA ASP A 70 -6.00 15.01 1.28
C ASP A 70 -7.01 14.38 0.32
N GLY A 71 -7.42 13.16 0.59
CA GLY A 71 -8.41 12.49 -0.31
C GLY A 71 -7.76 12.17 -1.65
N ALA A 72 -6.48 12.37 -1.77
CA ALA A 72 -5.79 12.07 -3.04
C ALA A 72 -4.41 11.46 -2.76
N LEU A 73 -3.88 10.71 -3.69
CA LEU A 73 -2.55 10.09 -3.47
C LEU A 73 -1.76 10.05 -4.79
N THR A 74 -0.47 10.28 -4.72
CA THR A 74 0.36 10.27 -5.96
C THR A 74 0.67 8.82 -6.36
N LEU A 75 1.28 8.62 -7.50
CA LEU A 75 1.62 7.23 -7.92
C LEU A 75 2.42 6.54 -6.82
N PRO A 76 3.41 7.25 -6.34
CA PRO A 76 4.27 6.70 -5.26
C PRO A 76 3.41 6.23 -4.09
N GLU A 77 2.30 6.87 -3.87
CA GLU A 77 1.42 6.46 -2.74
C GLU A 77 0.68 5.16 -3.11
N PHE A 78 0.35 5.00 -4.36
CA PHE A 78 -0.35 3.76 -4.79
C PHE A 78 0.61 2.57 -4.76
N CYS A 79 1.89 2.83 -4.81
CA CYS A 79 2.87 1.71 -4.78
C CYS A 79 2.72 0.90 -3.49
N ALA A 80 3.01 1.50 -2.37
CA ALA A 80 2.89 0.77 -1.08
C ALA A 80 1.42 0.39 -0.83
N ALA A 81 0.50 1.11 -1.44
CA ALA A 81 -0.94 0.78 -1.24
C ALA A 81 -1.21 -0.66 -1.69
N PHE A 82 -1.10 -0.94 -2.96
CA PHE A 82 -1.36 -2.33 -3.44
C PHE A 82 -0.39 -3.31 -2.77
N HIS A 83 0.83 -2.90 -2.58
CA HIS A 83 1.82 -3.81 -1.92
C HIS A 83 1.24 -4.36 -0.62
N LEU A 84 0.38 -3.62 0.02
CA LEU A 84 -0.22 -4.09 1.29
C LEU A 84 -1.47 -4.93 1.01
N ILE A 85 -2.36 -4.43 0.19
CA ILE A 85 -3.60 -5.20 -0.12
C ILE A 85 -3.24 -6.62 -0.59
N VAL A 86 -2.50 -6.72 -1.66
CA VAL A 86 -2.11 -8.07 -2.16
C VAL A 86 -1.51 -8.90 -1.03
N ALA A 87 -0.96 -8.27 -0.03
CA ALA A 87 -0.36 -9.02 1.11
C ALA A 87 -1.46 -9.69 1.93
N ARG A 88 -2.41 -8.93 2.39
CA ARG A 88 -3.52 -9.52 3.20
C ARG A 88 -4.23 -10.61 2.40
N LYS A 89 -4.20 -10.52 1.10
CA LYS A 89 -4.88 -11.55 0.26
C LYS A 89 -3.93 -12.74 0.01
N ASN A 90 -2.65 -12.53 0.15
CA ASN A 90 -1.69 -13.64 -0.09
C ASN A 90 -1.14 -14.15 1.24
N GLY A 91 -1.67 -13.68 2.34
CA GLY A 91 -1.18 -14.15 3.66
C GLY A 91 0.27 -13.73 3.86
N TYR A 92 0.54 -12.45 3.78
CA TYR A 92 1.94 -11.97 3.95
C TYR A 92 2.05 -11.10 5.20
N PRO A 93 3.04 -11.38 6.00
CA PRO A 93 3.27 -10.62 7.24
C PRO A 93 3.46 -9.13 6.93
N LEU A 94 2.86 -8.27 7.71
CA LEU A 94 3.01 -6.81 7.45
C LEU A 94 4.03 -6.19 8.41
N PRO A 95 4.85 -5.34 7.87
CA PRO A 95 5.90 -4.67 8.69
C PRO A 95 5.25 -3.79 9.76
N GLU A 96 4.18 -3.11 9.43
CA GLU A 96 3.51 -2.24 10.43
C GLU A 96 2.00 -2.53 10.46
N GLY A 97 1.22 -1.60 10.95
CA GLY A 97 -0.26 -1.83 10.99
C GLY A 97 -0.72 -1.86 12.46
N LEU A 98 -1.47 -2.86 12.82
CA LEU A 98 -1.95 -2.94 14.23
C LEU A 98 -0.78 -3.16 15.19
N PRO A 99 -0.92 -2.66 16.38
CA PRO A 99 0.15 -2.80 17.39
C PRO A 99 0.44 -4.28 17.66
N PRO A 100 -0.61 -5.03 17.85
CA PRO A 100 -0.48 -6.48 18.12
C PRO A 100 0.29 -7.15 16.98
N THR A 101 0.70 -8.38 17.17
CA THR A 101 1.45 -9.09 16.11
C THR A 101 1.55 -10.58 16.43
N LEU A 102 0.45 -11.19 16.79
CA LEU A 102 0.48 -12.65 17.12
C LEU A 102 -0.93 -13.15 17.43
N GLN A 103 -1.87 -12.88 16.56
CA GLN A 103 -3.26 -13.34 16.80
C GLN A 103 -3.30 -14.86 16.95
N PRO A 104 -4.47 -15.39 17.19
CA PRO A 104 -4.64 -16.85 17.36
C PRO A 104 -4.23 -17.59 16.08
N GLU A 105 -2.96 -17.87 15.92
CA GLU A 105 -2.50 -18.57 14.70
C GLU A 105 -2.04 -19.99 15.06
N PHE A 106 -0.87 -20.12 15.61
CA PHE A 106 -0.37 -21.48 15.98
C PHE A 106 -0.13 -21.56 17.49
N ILE A 107 -1.03 -21.00 18.27
CA ILE A 107 -0.86 -21.05 19.75
C ILE A 107 -1.03 -22.48 20.27
N VAL A 108 -2.22 -23.02 20.16
CA VAL A 108 -2.49 -24.42 20.64
C VAL A 108 -1.64 -24.74 21.87
N THR A 109 -2.20 -24.56 23.04
CA THR A 109 -1.44 -24.85 24.29
C THR A 109 0.01 -24.37 24.16
N ASP A 110 0.23 -23.29 23.47
CA ASP A 110 1.62 -22.78 23.31
C ASP A 110 2.16 -22.29 24.65
CA CA B . -2.32 11.20 0.35
N GLY A 1 -1.53 4.79 23.45
CA GLY A 1 -0.54 4.46 22.38
C GLY A 1 0.13 5.74 21.88
N SER A 2 1.34 5.63 21.38
CA SER A 2 2.04 6.84 20.89
C SER A 2 1.41 7.34 19.58
N LEU A 3 0.95 8.56 19.56
CA LEU A 3 0.32 9.10 18.33
C LEU A 3 1.01 10.39 17.90
N GLN A 4 1.91 10.89 18.72
CA GLN A 4 2.61 12.15 18.36
C GLN A 4 4.05 11.85 17.96
N ASP A 5 4.57 10.73 18.38
CA ASP A 5 5.98 10.38 18.01
C ASP A 5 6.04 9.92 16.56
N ASN A 6 7.23 9.78 16.01
CA ASN A 6 7.36 9.34 14.59
C ASN A 6 8.78 8.82 14.33
N SER A 7 8.90 7.56 14.01
CA SER A 7 10.24 6.98 13.73
C SER A 7 10.12 5.50 13.35
N SER A 8 9.43 5.22 12.29
CA SER A 8 9.27 3.80 11.86
C SER A 8 8.70 3.73 10.45
N TYR A 9 9.55 3.70 9.45
CA TYR A 9 9.05 3.65 8.05
C TYR A 9 10.21 3.34 7.08
N PRO A 10 10.81 2.21 7.28
CA PRO A 10 11.94 1.78 6.42
C PRO A 10 11.45 1.54 4.99
N ASP A 11 12.27 0.95 4.16
CA ASP A 11 11.85 0.69 2.76
C ASP A 11 13.00 0.05 1.96
N GLU A 12 13.98 0.83 1.59
CA GLU A 12 15.11 0.25 0.81
C GLU A 12 14.55 -0.49 -0.41
N PRO A 13 15.38 -1.26 -1.05
CA PRO A 13 14.95 -2.02 -2.25
C PRO A 13 14.25 -3.32 -1.82
N TRP A 14 13.35 -3.24 -0.87
CA TRP A 14 12.64 -4.48 -0.42
C TRP A 14 11.36 -4.66 -1.25
N ARG A 15 11.19 -3.89 -2.29
CA ARG A 15 9.97 -4.01 -3.13
C ARG A 15 9.93 -5.39 -3.80
N ILE A 16 9.01 -5.60 -4.72
CA ILE A 16 8.93 -6.92 -5.40
C ILE A 16 10.06 -7.07 -6.41
N THR A 17 9.93 -7.99 -7.32
CA THR A 17 11.00 -8.18 -8.35
C THR A 17 10.65 -7.41 -9.61
N GLU A 18 10.30 -6.15 -9.47
CA GLU A 18 9.92 -5.33 -10.66
C GLU A 18 9.09 -6.16 -11.63
N GLU A 19 8.40 -7.15 -11.13
CA GLU A 19 7.56 -7.99 -12.00
C GLU A 19 6.11 -7.97 -11.52
N GLN A 20 5.90 -7.54 -10.31
CA GLN A 20 4.52 -7.48 -9.76
C GLN A 20 4.15 -6.02 -9.54
N ARG A 21 5.14 -5.17 -9.44
CA ARG A 21 4.86 -3.72 -9.24
C ARG A 21 4.43 -3.09 -10.56
N GLU A 22 4.70 -3.76 -11.65
CA GLU A 22 4.30 -3.20 -12.98
C GLU A 22 2.79 -3.35 -13.18
N TYR A 23 2.23 -4.46 -12.78
CA TYR A 23 0.77 -4.66 -12.93
C TYR A 23 0.01 -3.76 -11.97
N TYR A 24 0.55 -3.52 -10.80
CA TYR A 24 -0.13 -2.64 -9.82
C TYR A 24 -0.31 -1.23 -10.40
N VAL A 25 0.77 -0.63 -10.83
CA VAL A 25 0.65 0.75 -11.41
C VAL A 25 -0.18 0.70 -12.69
N ASN A 26 -0.08 -0.36 -13.44
CA ASN A 26 -0.87 -0.47 -14.69
C ASN A 26 -2.36 -0.29 -14.39
N GLN A 27 -2.77 -0.63 -13.19
CA GLN A 27 -4.21 -0.47 -12.84
C GLN A 27 -4.48 0.98 -12.43
N PHE A 28 -3.63 1.55 -11.62
CA PHE A 28 -3.83 2.97 -11.21
C PHE A 28 -3.91 3.86 -12.43
N ARG A 29 -3.35 3.42 -13.54
CA ARG A 29 -3.39 4.24 -14.78
C ARG A 29 -4.83 4.36 -15.29
N SER A 30 -5.56 3.29 -15.29
CA SER A 30 -6.98 3.36 -15.76
C SER A 30 -7.69 4.54 -15.10
N LEU A 31 -7.52 4.68 -13.81
CA LEU A 31 -8.19 5.81 -13.10
C LEU A 31 -7.33 7.08 -13.25
N GLN A 32 -6.08 6.92 -13.56
CA GLN A 32 -5.19 8.10 -13.73
C GLN A 32 -4.19 7.86 -14.86
N PRO A 33 -4.57 8.28 -16.04
CA PRO A 33 -3.69 8.11 -17.22
C PRO A 33 -2.37 8.84 -17.02
N ASP A 34 -2.42 10.02 -16.47
CA ASP A 34 -1.15 10.79 -16.25
C ASP A 34 -0.18 9.95 -15.41
N PRO A 35 0.90 9.56 -16.03
CA PRO A 35 1.93 8.75 -15.34
C PRO A 35 2.58 9.54 -14.21
N SER A 36 2.40 10.84 -14.20
CA SER A 36 3.00 11.66 -13.12
C SER A 36 1.93 12.49 -12.41
N SER A 37 1.00 11.83 -11.75
CA SER A 37 -0.07 12.58 -11.04
C SER A 37 -0.53 11.79 -9.82
N PHE A 38 -1.74 11.99 -9.39
CA PHE A 38 -2.25 11.26 -8.19
C PHE A 38 -3.76 11.04 -8.32
N ILE A 39 -4.30 10.09 -7.60
CA ILE A 39 -5.76 9.83 -7.68
C ILE A 39 -6.50 10.67 -6.63
N SER A 40 -7.70 11.08 -6.92
CA SER A 40 -8.47 11.90 -5.94
C SER A 40 -8.60 11.16 -4.60
N GLY A 41 -8.50 9.86 -4.62
CA GLY A 41 -8.62 9.09 -3.35
C GLY A 41 -9.84 8.18 -3.42
N SER A 42 -11.01 8.74 -3.58
CA SER A 42 -12.23 7.89 -3.66
C SER A 42 -12.26 7.12 -4.98
N VAL A 43 -11.70 7.69 -6.01
CA VAL A 43 -11.69 6.99 -7.33
C VAL A 43 -11.11 5.58 -7.18
N ALA A 44 -10.02 5.46 -6.49
CA ALA A 44 -9.39 4.11 -6.30
C ALA A 44 -10.17 3.32 -5.25
N LYS A 45 -10.38 3.89 -4.10
CA LYS A 45 -11.12 3.16 -3.03
C LYS A 45 -12.38 2.52 -3.61
N ASN A 46 -12.88 3.05 -4.69
CA ASN A 46 -14.11 2.48 -5.31
C ASN A 46 -13.91 1.00 -5.66
N PHE A 47 -12.88 0.69 -6.40
CA PHE A 47 -12.64 -0.72 -6.78
C PHE A 47 -11.81 -1.43 -5.70
N PHE A 48 -11.20 -0.68 -4.83
CA PHE A 48 -10.37 -1.32 -3.75
C PHE A 48 -11.20 -2.36 -3.00
N THR A 49 -12.50 -2.29 -3.10
CA THR A 49 -13.35 -3.29 -2.38
C THR A 49 -12.84 -4.71 -2.63
N LYS A 50 -12.48 -5.03 -3.84
CA LYS A 50 -11.98 -6.40 -4.14
C LYS A 50 -10.58 -6.59 -3.55
N SER A 51 -10.48 -7.24 -2.42
CA SER A 51 -9.15 -7.46 -1.80
C SER A 51 -9.30 -8.09 -0.41
N LYS A 52 -10.34 -7.75 0.30
CA LYS A 52 -10.55 -8.33 1.65
C LYS A 52 -11.24 -9.69 1.55
N LEU A 53 -11.39 -10.21 0.36
CA LEU A 53 -12.04 -11.53 0.20
C LEU A 53 -13.45 -11.50 0.81
N SER A 54 -13.58 -11.90 2.05
CA SER A 54 -14.93 -11.89 2.70
C SER A 54 -14.87 -11.16 4.04
N ILE A 55 -13.70 -10.86 4.53
CA ILE A 55 -13.59 -10.17 5.84
C ILE A 55 -13.35 -8.67 5.62
N PRO A 56 -14.32 -7.88 5.98
CA PRO A 56 -14.22 -6.41 5.82
C PRO A 56 -13.00 -5.88 6.58
N GLU A 57 -11.99 -5.42 5.88
CA GLU A 57 -10.78 -4.90 6.57
C GLU A 57 -9.97 -4.02 5.61
N LEU A 58 -10.62 -3.25 4.79
CA LEU A 58 -9.87 -2.37 3.84
C LEU A 58 -9.65 -1.00 4.47
N SER A 59 -9.99 -0.84 5.72
CA SER A 59 -9.80 0.49 6.39
C SER A 59 -8.35 0.68 6.77
N TYR A 60 -7.71 -0.35 7.28
CA TYR A 60 -6.28 -0.21 7.68
C TYR A 60 -5.38 -0.18 6.45
N ILE A 61 -5.78 -0.78 5.37
CA ILE A 61 -4.94 -0.75 4.14
C ILE A 61 -4.91 0.67 3.57
N TRP A 62 -6.06 1.29 3.50
CA TRP A 62 -6.11 2.68 2.97
C TRP A 62 -5.44 3.64 3.96
N GLU A 63 -5.76 3.53 5.21
CA GLU A 63 -5.12 4.42 6.22
C GLU A 63 -3.61 4.37 6.06
N LEU A 64 -3.10 3.25 5.61
CA LEU A 64 -1.62 3.12 5.41
C LEU A 64 -1.25 3.68 4.04
N SER A 65 -2.14 3.59 3.08
CA SER A 65 -1.83 4.12 1.72
C SER A 65 -1.73 5.64 1.76
N ASP A 66 -2.23 6.25 2.79
CA ASP A 66 -2.16 7.74 2.90
C ASP A 66 -1.45 8.15 4.18
N ALA A 67 -0.68 9.19 4.14
CA ALA A 67 0.03 9.64 5.37
C ALA A 67 0.03 11.17 5.47
N ASP A 68 -1.08 11.78 5.17
CA ASP A 68 -1.16 13.27 5.25
C ASP A 68 -2.62 13.69 5.12
N CYS A 69 -3.51 12.80 5.46
CA CYS A 69 -4.95 13.09 5.34
C CYS A 69 -5.24 13.85 4.05
N ASP A 70 -4.49 13.58 3.02
CA ASP A 70 -4.71 14.27 1.73
C ASP A 70 -5.83 13.57 0.97
N GLY A 71 -5.97 12.28 1.16
CA GLY A 71 -7.05 11.53 0.44
C GLY A 71 -6.55 11.11 -0.95
N ALA A 72 -5.71 11.89 -1.56
CA ALA A 72 -5.19 11.54 -2.90
C ALA A 72 -3.92 10.70 -2.77
N LEU A 73 -3.57 9.99 -3.81
CA LEU A 73 -2.35 9.13 -3.75
C LEU A 73 -1.59 9.21 -5.08
N THR A 74 -0.48 9.91 -5.10
CA THR A 74 0.31 10.02 -6.36
C THR A 74 0.60 8.63 -6.91
N LEU A 75 1.14 8.54 -8.10
CA LEU A 75 1.45 7.19 -8.66
C LEU A 75 2.29 6.41 -7.66
N PRO A 76 3.31 7.06 -7.16
CA PRO A 76 4.21 6.43 -6.16
C PRO A 76 3.41 6.05 -4.91
N GLU A 77 2.37 6.78 -4.62
CA GLU A 77 1.56 6.46 -3.41
C GLU A 77 0.76 5.16 -3.63
N PHE A 78 0.21 5.00 -4.81
CA PHE A 78 -0.57 3.76 -5.09
C PHE A 78 0.38 2.56 -5.20
N CYS A 79 1.63 2.80 -5.41
CA CYS A 79 2.60 1.68 -5.53
C CYS A 79 2.66 0.88 -4.23
N ALA A 80 2.84 1.55 -3.12
CA ALA A 80 2.89 0.83 -1.81
C ALA A 80 1.49 0.37 -1.40
N ALA A 81 0.49 1.13 -1.74
CA ALA A 81 -0.90 0.73 -1.37
C ALA A 81 -1.19 -0.69 -1.87
N PHE A 82 -0.97 -0.94 -3.14
CA PHE A 82 -1.23 -2.31 -3.69
C PHE A 82 -0.24 -3.31 -3.08
N HIS A 83 0.97 -2.88 -2.81
CA HIS A 83 1.97 -3.82 -2.23
C HIS A 83 1.39 -4.47 -0.97
N LEU A 84 0.60 -3.75 -0.23
CA LEU A 84 0.00 -4.33 1.02
C LEU A 84 -1.21 -5.20 0.67
N ILE A 85 -2.15 -4.67 -0.05
CA ILE A 85 -3.35 -5.46 -0.43
C ILE A 85 -2.92 -6.87 -0.87
N VAL A 86 -1.90 -6.95 -1.68
CA VAL A 86 -1.42 -8.29 -2.15
C VAL A 86 -0.72 -9.01 -1.01
N ALA A 87 -0.03 -8.28 -0.17
CA ALA A 87 0.69 -8.93 0.97
C ALA A 87 -0.28 -9.83 1.74
N ARG A 88 -1.55 -9.53 1.69
CA ARG A 88 -2.55 -10.36 2.42
C ARG A 88 -2.82 -11.65 1.63
N LYS A 89 -3.03 -11.54 0.35
CA LYS A 89 -3.31 -12.74 -0.48
C LYS A 89 -1.99 -13.36 -0.98
N ASN A 90 -0.92 -13.14 -0.26
CA ASN A 90 0.39 -13.70 -0.70
C ASN A 90 1.16 -14.23 0.51
N GLY A 91 0.48 -14.67 1.53
CA GLY A 91 1.18 -15.20 2.74
C GLY A 91 2.16 -14.15 3.27
N TYR A 92 1.87 -12.89 3.05
CA TYR A 92 2.79 -11.83 3.53
C TYR A 92 2.18 -11.12 4.76
N PRO A 93 2.69 -11.47 5.91
CA PRO A 93 2.20 -10.86 7.17
C PRO A 93 2.39 -9.33 7.15
N LEU A 94 1.33 -8.59 7.06
CA LEU A 94 1.46 -7.11 7.03
C LEU A 94 2.38 -6.64 8.16
N PRO A 95 3.54 -6.17 7.77
CA PRO A 95 4.53 -5.68 8.76
C PRO A 95 4.00 -4.44 9.48
N GLU A 96 3.88 -3.35 8.79
CA GLU A 96 3.37 -2.11 9.43
C GLU A 96 1.86 -2.23 9.68
N GLY A 97 1.26 -1.21 10.24
CA GLY A 97 -0.21 -1.27 10.51
C GLY A 97 -0.48 -2.25 11.66
N LEU A 98 0.47 -2.42 12.55
CA LEU A 98 0.26 -3.36 13.68
C LEU A 98 0.52 -2.64 15.01
N PRO A 99 -0.41 -2.80 15.92
CA PRO A 99 -0.28 -2.15 17.24
C PRO A 99 1.00 -2.62 17.93
N PRO A 100 1.11 -2.26 19.19
CA PRO A 100 2.31 -2.65 19.98
C PRO A 100 2.53 -4.17 19.91
N THR A 101 3.34 -4.61 18.97
CA THR A 101 3.60 -6.08 18.85
C THR A 101 5.07 -6.32 18.52
N LEU A 102 5.91 -6.31 19.51
CA LEU A 102 7.37 -6.55 19.27
C LEU A 102 7.77 -7.92 19.82
N GLN A 103 6.92 -8.89 19.70
CA GLN A 103 7.24 -10.24 20.22
C GLN A 103 8.49 -10.79 19.52
N PRO A 104 8.99 -11.88 20.04
CA PRO A 104 10.20 -12.52 19.46
C PRO A 104 9.93 -12.97 18.03
N GLU A 105 10.07 -12.09 17.08
CA GLU A 105 9.82 -12.47 15.67
C GLU A 105 11.03 -12.12 14.80
N PHE A 106 12.19 -12.06 15.40
CA PHE A 106 13.41 -11.72 14.62
C PHE A 106 14.67 -12.18 15.36
N ILE A 107 14.60 -13.34 15.97
CA ILE A 107 15.79 -13.85 16.72
C ILE A 107 17.07 -13.61 15.92
N VAL A 108 17.44 -14.55 15.08
CA VAL A 108 18.68 -14.39 14.28
C VAL A 108 18.47 -13.32 13.20
N THR A 109 19.49 -12.57 12.88
CA THR A 109 19.35 -11.51 11.84
C THR A 109 20.58 -11.51 10.92
N ASP A 110 21.46 -12.45 11.08
CA ASP A 110 22.68 -12.50 10.21
C ASP A 110 23.56 -13.70 10.60
CA CA B . -1.54 11.59 -0.07
N GLY A 1 13.85 25.91 3.46
CA GLY A 1 15.02 25.88 2.54
C GLY A 1 15.71 24.52 2.64
N SER A 2 14.96 23.45 2.48
CA SER A 2 15.57 22.10 2.57
C SER A 2 15.37 21.35 1.25
N LEU A 3 16.44 20.95 0.62
CA LEU A 3 16.31 20.20 -0.67
C LEU A 3 16.70 18.73 -0.47
N GLN A 4 17.15 18.38 0.69
CA GLN A 4 17.55 16.96 0.94
C GLN A 4 16.30 16.08 1.10
N ASP A 5 16.12 15.15 0.21
CA ASP A 5 14.93 14.25 0.32
C ASP A 5 15.22 12.91 -0.36
N ASN A 6 16.16 12.16 0.16
CA ASN A 6 16.49 10.85 -0.47
C ASN A 6 16.49 9.75 0.59
N SER A 7 17.06 8.61 0.29
CA SER A 7 17.09 7.50 1.28
C SER A 7 15.67 7.19 1.77
N SER A 8 14.83 6.70 0.90
CA SER A 8 13.43 6.38 1.32
C SER A 8 13.21 4.87 1.32
N TYR A 9 14.27 4.11 1.19
CA TYR A 9 14.13 2.63 1.18
C TYR A 9 13.17 2.19 0.07
N PRO A 10 13.38 2.74 -1.09
CA PRO A 10 12.52 2.40 -2.26
C PRO A 10 12.87 1.00 -2.79
N ASP A 11 11.90 0.27 -3.25
CA ASP A 11 12.17 -1.09 -3.78
C ASP A 11 13.16 -1.83 -2.88
N GLU A 12 12.67 -2.63 -1.97
CA GLU A 12 13.59 -3.37 -1.05
C GLU A 12 12.91 -4.63 -0.50
N PRO A 13 11.88 -4.42 0.29
CA PRO A 13 11.17 -5.57 0.90
C PRO A 13 10.61 -6.49 -0.20
N TRP A 14 9.94 -5.92 -1.17
CA TRP A 14 9.38 -6.76 -2.26
C TRP A 14 10.34 -6.83 -3.44
N ARG A 15 10.69 -5.68 -3.99
CA ARG A 15 11.64 -5.66 -5.14
C ARG A 15 11.37 -6.84 -6.08
N ILE A 16 10.33 -6.77 -6.87
CA ILE A 16 10.02 -7.90 -7.79
C ILE A 16 10.94 -7.86 -9.01
N THR A 17 10.60 -8.56 -10.05
CA THR A 17 11.45 -8.56 -11.27
C THR A 17 10.82 -7.68 -12.34
N GLU A 18 10.57 -6.43 -12.01
CA GLU A 18 9.93 -5.50 -12.99
C GLU A 18 8.86 -6.24 -13.79
N GLU A 19 8.28 -7.26 -13.21
CA GLU A 19 7.22 -8.02 -13.93
C GLU A 19 5.92 -7.93 -13.15
N GLN A 20 5.99 -7.59 -11.89
CA GLN A 20 4.76 -7.47 -11.08
C GLN A 20 4.55 -6.01 -10.69
N ARG A 21 5.62 -5.26 -10.67
CA ARG A 21 5.52 -3.81 -10.31
C ARG A 21 4.94 -3.04 -11.51
N GLU A 22 5.19 -3.52 -12.69
CA GLU A 22 4.65 -2.82 -13.89
C GLU A 22 3.14 -2.97 -13.95
N TYR A 23 2.62 -4.04 -13.40
CA TYR A 23 1.15 -4.25 -13.42
C TYR A 23 0.47 -3.30 -12.42
N TYR A 24 1.00 -3.21 -11.23
CA TYR A 24 0.39 -2.30 -10.21
C TYR A 24 0.30 -0.88 -10.78
N VAL A 25 1.37 -0.37 -11.33
CA VAL A 25 1.35 1.00 -11.90
C VAL A 25 0.36 1.07 -13.06
N ASN A 26 0.22 0.01 -13.79
CA ASN A 26 -0.74 0.02 -14.94
C ASN A 26 -2.18 0.06 -14.43
N GLN A 27 -2.40 -0.35 -13.22
CA GLN A 27 -3.77 -0.33 -12.65
C GLN A 27 -4.14 1.11 -12.26
N PHE A 28 -3.37 1.71 -11.40
CA PHE A 28 -3.66 3.12 -10.99
C PHE A 28 -3.86 3.98 -12.24
N ARG A 29 -3.20 3.64 -13.32
CA ARG A 29 -3.34 4.44 -14.57
C ARG A 29 -4.77 4.32 -15.11
N SER A 30 -5.31 3.13 -15.14
CA SER A 30 -6.70 2.96 -15.64
C SER A 30 -7.63 3.94 -14.94
N LEU A 31 -7.35 4.23 -13.69
CA LEU A 31 -8.22 5.19 -12.95
C LEU A 31 -7.68 6.61 -13.12
N GLN A 32 -6.42 6.74 -13.44
CA GLN A 32 -5.83 8.09 -13.63
C GLN A 32 -5.35 8.26 -15.08
N PRO A 33 -6.03 9.10 -15.80
CA PRO A 33 -5.68 9.37 -17.21
C PRO A 33 -4.18 9.67 -17.33
N ASP A 34 -3.62 10.29 -16.33
CA ASP A 34 -2.17 10.62 -16.36
C ASP A 34 -1.36 9.51 -15.69
N PRO A 35 -0.52 8.87 -16.45
CA PRO A 35 0.32 7.77 -15.91
C PRO A 35 1.07 8.26 -14.67
N SER A 36 1.73 9.37 -14.77
CA SER A 36 2.48 9.90 -13.59
C SER A 36 1.63 10.95 -12.85
N SER A 37 0.49 10.56 -12.37
CA SER A 37 -0.38 11.53 -11.65
C SER A 37 -0.88 10.94 -10.33
N PHE A 38 -1.61 11.70 -9.55
CA PHE A 38 -2.11 11.18 -8.25
C PHE A 38 -3.63 10.95 -8.34
N ILE A 39 -4.15 10.08 -7.51
CA ILE A 39 -5.62 9.81 -7.53
C ILE A 39 -6.33 10.73 -6.53
N SER A 40 -7.61 10.92 -6.70
CA SER A 40 -8.37 11.80 -5.75
C SER A 40 -8.68 11.08 -4.44
N GLY A 41 -8.79 9.78 -4.49
CA GLY A 41 -9.10 9.02 -3.25
C GLY A 41 -10.27 8.05 -3.51
N SER A 42 -11.47 8.54 -3.45
CA SER A 42 -12.65 7.66 -3.69
C SER A 42 -12.50 6.94 -5.03
N VAL A 43 -11.75 7.49 -5.94
CA VAL A 43 -11.57 6.84 -7.26
C VAL A 43 -10.95 5.44 -7.09
N ALA A 44 -9.87 5.35 -6.37
CA ALA A 44 -9.21 4.03 -6.16
C ALA A 44 -9.97 3.22 -5.11
N LYS A 45 -10.41 3.84 -4.05
CA LYS A 45 -11.14 3.09 -2.99
C LYS A 45 -12.39 2.43 -3.58
N ASN A 46 -12.82 2.88 -4.72
CA ASN A 46 -14.04 2.29 -5.34
C ASN A 46 -13.78 0.83 -5.75
N PHE A 47 -12.70 0.58 -6.44
CA PHE A 47 -12.40 -0.81 -6.86
C PHE A 47 -11.51 -1.51 -5.83
N PHE A 48 -10.91 -0.76 -4.94
CA PHE A 48 -10.03 -1.39 -3.91
C PHE A 48 -10.76 -2.54 -3.21
N THR A 49 -11.99 -2.32 -2.84
CA THR A 49 -12.75 -3.41 -2.16
C THR A 49 -13.86 -3.94 -3.07
N LYS A 50 -13.54 -4.23 -4.30
CA LYS A 50 -14.58 -4.76 -5.23
C LYS A 50 -15.42 -5.81 -4.51
N SER A 51 -14.85 -6.46 -3.54
CA SER A 51 -15.59 -7.50 -2.78
C SER A 51 -15.02 -7.61 -1.36
N LYS A 52 -14.80 -6.49 -0.71
CA LYS A 52 -14.22 -6.51 0.66
C LYS A 52 -13.16 -7.61 0.77
N LEU A 53 -12.51 -7.92 -0.31
CA LEU A 53 -11.46 -8.97 -0.28
C LEU A 53 -11.92 -10.16 0.57
N SER A 54 -11.59 -10.18 1.83
CA SER A 54 -12.01 -11.30 2.71
C SER A 54 -11.51 -11.09 4.13
N ILE A 55 -10.24 -11.34 4.36
CA ILE A 55 -9.68 -11.15 5.73
C ILE A 55 -9.19 -9.70 5.93
N PRO A 56 -8.55 -9.16 4.91
CA PRO A 56 -8.04 -7.78 5.00
C PRO A 56 -9.19 -6.80 5.23
N GLU A 57 -9.08 -5.60 4.73
CA GLU A 57 -10.17 -4.60 4.92
C GLU A 57 -9.73 -3.23 4.38
N LEU A 58 -10.36 -2.76 3.34
CA LEU A 58 -9.96 -1.43 2.79
C LEU A 58 -9.83 -0.38 3.89
N SER A 59 -10.46 -0.61 5.01
CA SER A 59 -10.38 0.38 6.12
C SER A 59 -8.97 0.41 6.72
N TYR A 60 -8.38 -0.73 6.94
CA TYR A 60 -7.02 -0.75 7.54
C TYR A 60 -5.94 -0.58 6.46
N ILE A 61 -6.18 -1.09 5.27
CA ILE A 61 -5.18 -0.94 4.18
C ILE A 61 -5.13 0.52 3.73
N TRP A 62 -6.27 1.17 3.69
CA TRP A 62 -6.28 2.60 3.26
C TRP A 62 -5.61 3.47 4.33
N GLU A 63 -5.89 3.21 5.57
CA GLU A 63 -5.24 4.01 6.66
C GLU A 63 -3.73 3.86 6.56
N LEU A 64 -3.27 2.77 6.01
CA LEU A 64 -1.80 2.56 5.88
C LEU A 64 -1.37 2.79 4.42
N SER A 65 -2.32 2.95 3.54
CA SER A 65 -1.97 3.17 2.10
C SER A 65 -1.94 4.68 1.80
N ASP A 66 -2.33 5.49 2.75
CA ASP A 66 -2.33 6.96 2.51
C ASP A 66 -1.05 7.59 3.08
N ALA A 67 -0.43 8.47 2.36
CA ALA A 67 0.81 9.12 2.86
C ALA A 67 0.48 10.23 3.84
N ASP A 68 -0.78 10.58 3.95
CA ASP A 68 -1.18 11.66 4.89
C ASP A 68 -2.70 11.80 4.86
N CYS A 69 -3.36 10.71 4.59
CA CYS A 69 -4.84 10.73 4.52
C CYS A 69 -5.33 12.01 3.84
N ASP A 70 -4.59 12.50 2.89
CA ASP A 70 -5.01 13.74 2.19
C ASP A 70 -6.18 13.44 1.25
N GLY A 71 -6.44 12.18 1.02
CA GLY A 71 -7.56 11.79 0.12
C GLY A 71 -7.00 11.33 -1.23
N ALA A 72 -5.99 11.99 -1.72
CA ALA A 72 -5.39 11.59 -3.02
C ALA A 72 -4.09 10.82 -2.80
N LEU A 73 -3.66 10.08 -3.77
CA LEU A 73 -2.40 9.30 -3.62
C LEU A 73 -1.58 9.35 -4.92
N THR A 74 -0.49 10.07 -4.92
CA THR A 74 0.35 10.15 -6.15
C THR A 74 0.68 8.74 -6.64
N LEU A 75 1.28 8.62 -7.80
CA LEU A 75 1.62 7.26 -8.31
C LEU A 75 2.44 6.52 -7.25
N PRO A 76 3.43 7.21 -6.73
CA PRO A 76 4.29 6.61 -5.69
C PRO A 76 3.45 6.16 -4.49
N GLU A 77 2.36 6.84 -4.24
CA GLU A 77 1.49 6.44 -3.09
C GLU A 77 0.74 5.15 -3.42
N PHE A 78 0.28 5.00 -4.62
CA PHE A 78 -0.45 3.76 -5.01
C PHE A 78 0.51 2.59 -5.09
N CYS A 79 1.77 2.85 -5.33
CA CYS A 79 2.77 1.75 -5.42
C CYS A 79 2.78 0.94 -4.12
N ALA A 80 2.86 1.60 -3.01
CA ALA A 80 2.87 0.88 -1.70
C ALA A 80 1.46 0.45 -1.33
N ALA A 81 0.46 1.08 -1.90
CA ALA A 81 -0.94 0.71 -1.56
C ALA A 81 -1.23 -0.73 -1.99
N PHE A 82 -1.19 -0.99 -3.28
CA PHE A 82 -1.46 -2.37 -3.77
C PHE A 82 -0.60 -3.39 -3.01
N HIS A 83 0.53 -2.96 -2.50
CA HIS A 83 1.41 -3.91 -1.75
C HIS A 83 0.73 -4.36 -0.46
N LEU A 84 0.13 -3.46 0.26
CA LEU A 84 -0.55 -3.84 1.52
C LEU A 84 -1.68 -4.84 1.25
N ILE A 85 -2.49 -4.58 0.26
CA ILE A 85 -3.61 -5.51 -0.06
C ILE A 85 -3.08 -6.93 -0.22
N VAL A 86 -2.07 -7.12 -1.03
CA VAL A 86 -1.52 -8.49 -1.23
C VAL A 86 -0.79 -8.96 0.03
N ALA A 87 -0.32 -8.04 0.83
CA ALA A 87 0.41 -8.44 2.07
C ALA A 87 -0.50 -9.25 2.99
N ARG A 88 -1.78 -8.99 2.95
CA ARG A 88 -2.74 -9.73 3.82
C ARG A 88 -3.29 -10.96 3.08
N LYS A 89 -2.99 -11.08 1.81
CA LYS A 89 -3.50 -12.25 1.04
C LYS A 89 -2.58 -13.46 1.24
N ASN A 90 -1.35 -13.36 0.84
CA ASN A 90 -0.41 -14.50 1.00
C ASN A 90 -0.03 -14.67 2.47
N GLY A 91 -0.20 -13.66 3.26
CA GLY A 91 0.15 -13.76 4.70
C GLY A 91 1.60 -13.33 4.92
N TYR A 92 2.02 -12.29 4.25
CA TYR A 92 3.42 -11.82 4.41
C TYR A 92 3.62 -11.24 5.82
N PRO A 93 4.85 -11.32 6.28
CA PRO A 93 5.18 -10.79 7.63
C PRO A 93 5.10 -9.27 7.65
N LEU A 94 4.64 -8.71 8.74
CA LEU A 94 4.52 -7.23 8.82
C LEU A 94 5.09 -6.74 10.16
N PRO A 95 6.34 -6.32 10.12
CA PRO A 95 7.01 -5.82 11.34
C PRO A 95 6.24 -4.65 11.94
N GLU A 96 5.92 -3.67 11.14
CA GLU A 96 5.16 -2.49 11.65
C GLU A 96 3.77 -2.43 11.02
N GLY A 97 3.19 -1.26 10.97
CA GLY A 97 1.83 -1.13 10.36
C GLY A 97 0.77 -1.29 11.45
N LEU A 98 0.82 -2.36 12.19
CA LEU A 98 -0.19 -2.57 13.26
C LEU A 98 0.51 -2.71 14.63
N PRO A 99 -0.28 -2.54 15.66
CA PRO A 99 0.27 -2.63 17.04
C PRO A 99 0.83 -4.04 17.30
N PRO A 100 1.49 -4.18 18.41
CA PRO A 100 2.09 -5.48 18.80
C PRO A 100 0.99 -6.52 19.06
N THR A 101 0.93 -7.54 18.24
CA THR A 101 -0.11 -8.58 18.45
C THR A 101 0.54 -9.93 18.75
N LEU A 102 1.72 -10.14 18.25
CA LEU A 102 2.44 -11.44 18.47
C LEU A 102 1.89 -12.46 17.50
N GLN A 103 2.14 -12.27 16.25
CA GLN A 103 1.60 -13.23 15.27
C GLN A 103 1.90 -14.66 15.72
N PRO A 104 1.36 -15.61 15.00
CA PRO A 104 1.56 -17.03 15.35
C PRO A 104 3.04 -17.29 15.66
N GLU A 105 3.89 -17.24 14.67
CA GLU A 105 5.34 -17.48 14.92
C GLU A 105 5.55 -18.86 15.55
N PHE A 106 4.56 -19.70 15.52
CA PHE A 106 4.71 -21.06 16.11
C PHE A 106 5.39 -20.97 17.48
N ILE A 107 4.64 -20.78 18.53
CA ILE A 107 5.25 -20.69 19.88
C ILE A 107 5.40 -22.08 20.50
N VAL A 108 4.35 -22.86 20.51
CA VAL A 108 4.46 -24.23 21.09
C VAL A 108 5.10 -25.18 20.08
N THR A 109 6.05 -25.97 20.53
CA THR A 109 6.72 -26.92 19.60
C THR A 109 6.23 -28.35 19.86
N ASP A 110 5.00 -28.51 20.25
CA ASP A 110 4.47 -29.88 20.53
C ASP A 110 5.27 -30.54 21.65
CA CA B . -1.89 10.64 0.46
N GLY A 1 -0.62 5.84 23.97
CA GLY A 1 0.40 6.92 24.06
C GLY A 1 1.09 7.10 22.72
N SER A 2 2.40 7.02 22.68
CA SER A 2 3.12 7.18 21.41
C SER A 2 3.02 5.90 20.57
N LEU A 3 3.22 6.00 19.29
CA LEU A 3 3.13 4.79 18.42
C LEU A 3 4.41 4.64 17.59
N GLN A 4 5.07 3.52 17.67
CA GLN A 4 6.32 3.31 16.89
C GLN A 4 6.35 1.91 16.29
N ASP A 5 6.73 1.79 15.05
CA ASP A 5 6.79 0.44 14.42
C ASP A 5 8.25 0.01 14.23
N ASN A 6 9.17 0.76 14.77
CA ASN A 6 10.61 0.39 14.61
C ASN A 6 10.98 0.26 13.14
N SER A 7 10.85 1.32 12.39
CA SER A 7 11.20 1.26 10.94
C SER A 7 12.42 2.12 10.65
N SER A 8 13.41 1.58 9.98
CA SER A 8 14.63 2.37 9.68
C SER A 8 14.58 2.89 8.23
N TYR A 9 15.33 3.90 7.94
CA TYR A 9 15.33 4.45 6.55
C TYR A 9 13.93 4.97 6.19
N PRO A 10 13.91 5.98 5.35
CA PRO A 10 12.63 6.58 4.92
C PRO A 10 11.78 5.54 4.18
N ASP A 11 10.86 5.99 3.37
CA ASP A 11 9.99 5.03 2.62
C ASP A 11 10.04 5.35 1.13
N GLU A 12 11.09 5.95 0.66
CA GLU A 12 11.18 6.22 -0.80
C GLU A 12 10.82 4.93 -1.51
N PRO A 13 10.57 5.01 -2.78
CA PRO A 13 10.18 3.80 -3.56
C PRO A 13 11.12 2.62 -3.25
N TRP A 14 10.88 1.91 -2.16
CA TRP A 14 11.75 0.75 -1.84
C TRP A 14 10.99 -0.57 -2.07
N ARG A 15 9.80 -0.48 -2.60
CA ARG A 15 9.00 -1.71 -2.85
C ARG A 15 9.74 -2.67 -3.78
N ILE A 16 9.01 -3.39 -4.59
CA ILE A 16 9.65 -4.36 -5.53
C ILE A 16 10.72 -3.67 -6.39
N THR A 17 10.98 -4.21 -7.55
CA THR A 17 11.99 -3.60 -8.45
C THR A 17 11.52 -3.69 -9.91
N GLU A 18 10.55 -2.90 -10.26
CA GLU A 18 10.04 -2.94 -11.66
C GLU A 18 9.60 -4.36 -12.04
N GLU A 19 9.42 -5.21 -11.06
CA GLU A 19 9.00 -6.59 -11.36
C GLU A 19 7.52 -6.77 -11.01
N GLN A 20 7.04 -6.02 -10.05
CA GLN A 20 5.61 -6.14 -9.67
C GLN A 20 4.97 -4.74 -9.61
N ARG A 21 5.77 -3.71 -9.68
CA ARG A 21 5.21 -2.34 -9.65
C ARG A 21 4.71 -1.96 -11.05
N GLU A 22 5.28 -2.57 -12.05
CA GLU A 22 4.84 -2.27 -13.44
C GLU A 22 3.47 -2.91 -13.68
N TYR A 23 3.32 -4.15 -13.30
CA TYR A 23 2.00 -4.83 -13.49
C TYR A 23 0.94 -4.12 -12.66
N TYR A 24 1.26 -3.72 -11.46
CA TYR A 24 0.26 -3.03 -10.61
C TYR A 24 -0.07 -1.66 -11.22
N VAL A 25 0.91 -1.00 -11.77
CA VAL A 25 0.65 0.33 -12.38
C VAL A 25 -0.31 0.17 -13.56
N ASN A 26 -0.25 -0.93 -14.25
CA ASN A 26 -1.17 -1.15 -15.40
C ASN A 26 -2.62 -0.92 -14.94
N GLN A 27 -2.87 -1.09 -13.67
CA GLN A 27 -4.25 -0.88 -13.15
C GLN A 27 -4.45 0.60 -12.83
N PHE A 28 -3.56 1.18 -12.07
CA PHE A 28 -3.70 2.62 -11.72
C PHE A 28 -3.81 3.45 -13.00
N ARG A 29 -3.41 2.89 -14.11
CA ARG A 29 -3.51 3.64 -15.39
C ARG A 29 -4.96 3.80 -15.82
N SER A 30 -5.72 2.73 -15.81
CA SER A 30 -7.15 2.83 -16.20
C SER A 30 -7.82 3.98 -15.45
N LEU A 31 -7.58 4.07 -14.17
CA LEU A 31 -8.19 5.17 -13.38
C LEU A 31 -7.43 6.48 -13.63
N GLN A 32 -6.20 6.38 -14.05
CA GLN A 32 -5.40 7.60 -14.32
C GLN A 32 -4.68 7.48 -15.67
N PRO A 33 -5.26 8.08 -16.68
CA PRO A 33 -4.66 8.02 -18.03
C PRO A 33 -3.22 8.54 -18.00
N ASP A 34 -2.98 9.57 -17.23
CA ASP A 34 -1.60 10.13 -17.16
C ASP A 34 -0.59 9.00 -16.91
N PRO A 35 0.66 9.29 -17.18
CA PRO A 35 1.72 8.29 -16.98
C PRO A 35 1.80 7.88 -15.50
N SER A 36 1.61 8.81 -14.61
CA SER A 36 1.68 8.48 -13.16
C SER A 36 0.66 9.32 -12.38
N SER A 37 0.94 10.58 -12.20
CA SER A 37 -0.01 11.46 -11.45
C SER A 37 -0.51 10.75 -10.19
N PHE A 38 -1.60 11.21 -9.64
CA PHE A 38 -2.16 10.58 -8.41
C PHE A 38 -3.67 10.32 -8.58
N ILE A 39 -4.17 9.27 -8.02
CA ILE A 39 -5.63 8.98 -8.14
C ILE A 39 -6.39 9.65 -6.99
N SER A 40 -7.66 9.89 -7.17
CA SER A 40 -8.45 10.54 -6.08
C SER A 40 -8.45 9.66 -4.83
N GLY A 41 -8.89 10.20 -3.73
CA GLY A 41 -8.92 9.41 -2.46
C GLY A 41 -10.06 8.39 -2.52
N SER A 42 -11.23 8.77 -2.12
CA SER A 42 -12.38 7.82 -2.15
C SER A 42 -12.36 7.02 -3.45
N VAL A 43 -12.02 7.65 -4.54
CA VAL A 43 -11.98 6.93 -5.85
C VAL A 43 -11.06 5.70 -5.73
N ALA A 44 -9.85 5.90 -5.28
CA ALA A 44 -8.91 4.76 -5.14
C ALA A 44 -9.46 3.74 -4.13
N LYS A 45 -9.90 4.21 -3.00
CA LYS A 45 -10.45 3.27 -1.97
C LYS A 45 -11.65 2.51 -2.54
N ASN A 46 -12.18 2.98 -3.63
CA ASN A 46 -13.36 2.28 -4.24
C ASN A 46 -12.94 0.93 -4.80
N PHE A 47 -11.80 0.84 -5.43
CA PHE A 47 -11.36 -0.46 -5.99
C PHE A 47 -10.45 -1.21 -5.02
N PHE A 48 -9.75 -0.52 -4.15
CA PHE A 48 -8.85 -1.22 -3.18
C PHE A 48 -9.65 -2.27 -2.40
N THR A 49 -10.95 -2.14 -2.36
CA THR A 49 -11.78 -3.13 -1.60
C THR A 49 -11.39 -4.56 -1.97
N LYS A 50 -10.79 -4.75 -3.12
CA LYS A 50 -10.39 -6.11 -3.55
C LYS A 50 -9.31 -6.67 -2.62
N SER A 51 -9.71 -7.35 -1.58
CA SER A 51 -8.70 -7.92 -0.64
C SER A 51 -9.40 -8.71 0.46
N LYS A 52 -10.11 -8.05 1.34
CA LYS A 52 -10.82 -8.77 2.43
C LYS A 52 -11.74 -9.85 1.84
N LEU A 53 -12.26 -9.61 0.67
CA LEU A 53 -13.17 -10.61 0.04
C LEU A 53 -14.14 -11.18 1.08
N SER A 54 -14.46 -10.41 2.08
CA SER A 54 -15.41 -10.91 3.12
C SER A 54 -15.70 -9.80 4.15
N ILE A 55 -14.97 -9.77 5.23
CA ILE A 55 -15.20 -8.73 6.26
C ILE A 55 -14.70 -7.37 5.76
N PRO A 56 -15.53 -6.38 5.89
CA PRO A 56 -15.17 -5.01 5.44
C PRO A 56 -13.98 -4.48 6.26
N GLU A 57 -12.84 -4.34 5.65
CA GLU A 57 -11.65 -3.84 6.39
C GLU A 57 -10.82 -2.91 5.50
N LEU A 58 -11.47 -2.03 4.79
CA LEU A 58 -10.72 -1.09 3.90
C LEU A 58 -10.17 0.08 4.72
N SER A 59 -10.37 0.06 6.00
CA SER A 59 -9.85 1.18 6.85
C SER A 59 -8.32 1.13 6.93
N TYR A 60 -7.76 -0.03 7.11
CA TYR A 60 -6.28 -0.14 7.20
C TYR A 60 -5.66 -0.05 5.80
N ILE A 61 -6.37 -0.49 4.80
CA ILE A 61 -5.83 -0.42 3.41
C ILE A 61 -5.58 1.04 3.02
N TRP A 62 -6.58 1.86 3.15
CA TRP A 62 -6.42 3.30 2.79
C TRP A 62 -5.46 3.96 3.78
N GLU A 63 -5.46 3.53 5.01
CA GLU A 63 -4.54 4.14 6.02
C GLU A 63 -3.10 4.01 5.54
N LEU A 64 -2.79 2.96 4.84
CA LEU A 64 -1.40 2.77 4.33
C LEU A 64 -1.28 3.33 2.91
N SER A 65 -2.38 3.45 2.22
CA SER A 65 -2.33 3.98 0.83
C SER A 65 -2.24 5.51 0.85
N ASP A 66 -2.59 6.11 1.96
CA ASP A 66 -2.53 7.60 2.05
C ASP A 66 -1.48 8.02 3.09
N ALA A 67 -0.70 9.01 2.79
CA ALA A 67 0.34 9.45 3.75
C ALA A 67 0.57 10.96 3.64
N ASP A 68 -0.48 11.70 3.40
CA ASP A 68 -0.34 13.19 3.28
C ASP A 68 -1.67 13.83 3.59
N CYS A 69 -2.55 13.10 4.22
CA CYS A 69 -3.89 13.61 4.57
C CYS A 69 -4.41 14.54 3.47
N ASP A 70 -4.02 14.28 2.25
CA ASP A 70 -4.48 15.14 1.12
C ASP A 70 -5.64 14.49 0.38
N GLY A 71 -5.84 13.21 0.59
CA GLY A 71 -6.96 12.52 -0.12
C GLY A 71 -6.46 11.98 -1.46
N ALA A 72 -5.49 12.62 -2.05
CA ALA A 72 -4.96 12.15 -3.35
C ALA A 72 -3.82 11.16 -3.11
N LEU A 73 -3.50 10.37 -4.09
CA LEU A 73 -2.40 9.37 -3.93
C LEU A 73 -1.56 9.27 -5.20
N THR A 74 -0.37 9.81 -5.17
CA THR A 74 0.50 9.75 -6.38
C THR A 74 0.73 8.28 -6.77
N LEU A 75 1.42 8.04 -7.85
CA LEU A 75 1.67 6.63 -8.26
C LEU A 75 2.33 5.88 -7.10
N PRO A 76 3.35 6.50 -6.55
CA PRO A 76 4.07 5.88 -5.42
C PRO A 76 3.09 5.52 -4.28
N GLU A 77 2.01 6.25 -4.17
CA GLU A 77 1.03 5.95 -3.09
C GLU A 77 0.18 4.74 -3.48
N PHE A 78 -0.15 4.62 -4.73
CA PHE A 78 -0.98 3.46 -5.18
C PHE A 78 -0.09 2.22 -5.31
N CYS A 79 1.21 2.39 -5.32
CA CYS A 79 2.11 1.21 -5.44
C CYS A 79 2.17 0.45 -4.12
N ALA A 80 2.68 1.07 -3.09
CA ALA A 80 2.76 0.37 -1.77
C ALA A 80 1.37 -0.07 -1.31
N ALA A 81 0.38 0.74 -1.55
CA ALA A 81 -1.00 0.37 -1.13
C ALA A 81 -1.41 -0.95 -1.78
N PHE A 82 -1.17 -1.09 -3.06
CA PHE A 82 -1.54 -2.35 -3.75
C PHE A 82 -0.78 -3.54 -3.14
N HIS A 83 0.51 -3.42 -2.99
CA HIS A 83 1.30 -4.54 -2.40
C HIS A 83 0.68 -4.99 -1.08
N LEU A 84 -0.01 -4.10 -0.40
CA LEU A 84 -0.63 -4.49 0.90
C LEU A 84 -1.90 -5.32 0.64
N ILE A 85 -2.72 -4.91 -0.28
CA ILE A 85 -3.96 -5.68 -0.57
C ILE A 85 -3.62 -7.08 -1.08
N VAL A 86 -2.58 -7.20 -1.86
CA VAL A 86 -2.20 -8.55 -2.38
C VAL A 86 -1.36 -9.29 -1.35
N ALA A 87 -0.68 -8.57 -0.49
CA ALA A 87 0.16 -9.25 0.54
C ALA A 87 -0.73 -9.93 1.59
N ARG A 88 -2.02 -9.73 1.50
CA ARG A 88 -2.94 -10.38 2.49
C ARG A 88 -3.54 -11.65 1.88
N LYS A 89 -3.91 -11.61 0.64
CA LYS A 89 -4.51 -12.82 0.00
C LYS A 89 -3.48 -13.96 -0.02
N ASN A 90 -2.22 -13.63 -0.03
CA ASN A 90 -1.17 -14.70 -0.05
C ASN A 90 -0.21 -14.51 1.13
N GLY A 91 -0.54 -13.63 2.04
CA GLY A 91 0.36 -13.40 3.21
C GLY A 91 1.81 -13.33 2.73
N TYR A 92 2.08 -12.51 1.75
CA TYR A 92 3.49 -12.40 1.24
C TYR A 92 4.45 -12.12 2.39
N PRO A 93 5.72 -12.25 2.12
CA PRO A 93 6.75 -12.02 3.15
C PRO A 93 6.64 -10.59 3.70
N LEU A 94 7.34 -10.29 4.76
CA LEU A 94 7.27 -8.93 5.34
C LEU A 94 5.81 -8.54 5.60
N PRO A 95 5.18 -9.30 6.46
CA PRO A 95 3.76 -9.05 6.81
C PRO A 95 3.62 -7.69 7.48
N GLU A 96 3.31 -6.66 6.74
CA GLU A 96 3.15 -5.31 7.34
C GLU A 96 1.72 -4.82 7.17
N GLY A 97 1.38 -3.70 7.76
CA GLY A 97 -0.01 -3.18 7.63
C GLY A 97 -0.88 -3.77 8.74
N LEU A 98 -0.27 -4.31 9.75
CA LEU A 98 -1.05 -4.90 10.87
C LEU A 98 -0.14 -5.18 12.07
N PRO A 99 -0.21 -4.30 13.03
CA PRO A 99 0.62 -4.45 14.25
C PRO A 99 0.41 -5.84 14.86
N PRO A 100 1.08 -6.07 15.96
CA PRO A 100 0.97 -7.38 16.65
C PRO A 100 -0.45 -7.57 17.21
N THR A 101 -1.27 -6.57 17.13
CA THR A 101 -2.66 -6.69 17.65
C THR A 101 -3.25 -8.05 17.30
N LEU A 102 -2.81 -8.65 16.22
CA LEU A 102 -3.35 -9.98 15.83
C LEU A 102 -2.30 -10.76 15.03
N GLN A 103 -1.07 -10.74 15.47
CA GLN A 103 -0.01 -11.49 14.75
C GLN A 103 -0.46 -12.94 14.50
N PRO A 104 0.02 -13.49 13.42
CA PRO A 104 -0.34 -14.89 13.06
C PRO A 104 0.19 -15.86 14.12
N GLU A 105 1.03 -15.38 15.01
CA GLU A 105 1.57 -16.28 16.07
C GLU A 105 0.55 -16.48 17.18
N PHE A 106 -0.62 -15.89 17.05
CA PHE A 106 -1.66 -16.04 18.10
C PHE A 106 -3.05 -15.80 17.51
N ILE A 107 -3.37 -16.47 16.42
CA ILE A 107 -4.71 -16.28 15.81
C ILE A 107 -5.76 -17.11 16.55
N VAL A 108 -5.68 -18.41 16.46
CA VAL A 108 -6.66 -19.28 17.15
C VAL A 108 -5.95 -20.42 17.87
N THR A 109 -6.50 -20.89 18.96
CA THR A 109 -5.84 -22.00 19.72
C THR A 109 -5.70 -23.22 18.81
N ASP A 110 -6.43 -23.28 17.73
CA ASP A 110 -6.34 -24.45 16.82
C ASP A 110 -5.18 -24.25 15.83
CA CA B . -1.72 11.03 0.29
N GLY A 1 -0.56 24.12 7.09
CA GLY A 1 0.89 24.15 7.38
C GLY A 1 1.67 24.46 6.10
N SER A 2 1.22 23.96 4.99
CA SER A 2 1.93 24.22 3.70
C SER A 2 3.34 23.63 3.74
N LEU A 3 3.46 22.34 3.83
CA LEU A 3 4.80 21.71 3.87
C LEU A 3 5.08 20.95 2.57
N GLN A 4 6.15 21.28 1.90
CA GLN A 4 6.46 20.57 0.63
C GLN A 4 7.50 19.47 0.88
N ASP A 5 7.11 18.23 0.73
CA ASP A 5 8.07 17.12 0.96
C ASP A 5 8.23 16.27 -0.31
N ASN A 6 9.43 15.87 -0.63
CA ASN A 6 9.64 15.06 -1.86
C ASN A 6 10.76 14.04 -1.62
N SER A 7 10.42 12.78 -1.51
CA SER A 7 11.48 11.74 -1.29
C SER A 7 12.11 11.93 0.09
N SER A 8 11.92 11.00 0.98
CA SER A 8 12.52 11.13 2.35
C SER A 8 12.26 9.85 3.16
N TYR A 9 13.15 9.51 4.04
CA TYR A 9 12.96 8.28 4.86
C TYR A 9 12.88 7.05 3.96
N PRO A 10 13.17 5.92 4.55
CA PRO A 10 13.13 4.64 3.79
C PRO A 10 11.73 4.42 3.19
N ASP A 11 11.34 3.18 3.05
CA ASP A 11 10.00 2.88 2.46
C ASP A 11 9.88 3.47 1.06
N GLU A 12 10.74 3.06 0.15
CA GLU A 12 10.67 3.59 -1.23
C GLU A 12 11.76 2.95 -2.09
N PRO A 13 12.99 3.16 -1.68
CA PRO A 13 14.15 2.60 -2.43
C PRO A 13 14.17 1.07 -2.31
N TRP A 14 13.29 0.53 -1.50
CA TRP A 14 13.26 -0.95 -1.32
C TRP A 14 12.12 -1.54 -2.18
N ARG A 15 11.56 -0.75 -3.05
CA ARG A 15 10.44 -1.25 -3.92
C ARG A 15 10.83 -2.58 -4.57
N ILE A 16 9.97 -3.12 -5.40
CA ILE A 16 10.28 -4.42 -6.06
C ILE A 16 11.37 -4.23 -7.12
N THR A 17 11.41 -5.09 -8.09
CA THR A 17 12.42 -4.97 -9.17
C THR A 17 11.74 -4.69 -10.50
N GLU A 18 11.06 -3.58 -10.60
CA GLU A 18 10.36 -3.22 -11.86
C GLU A 18 9.68 -4.46 -12.44
N GLU A 19 9.32 -5.40 -11.61
CA GLU A 19 8.64 -6.62 -12.11
C GLU A 19 7.24 -6.67 -11.52
N GLN A 20 7.01 -5.97 -10.44
CA GLN A 20 5.66 -5.97 -9.81
C GLN A 20 5.12 -4.55 -9.81
N ARG A 21 6.00 -3.58 -9.85
CA ARG A 21 5.54 -2.16 -9.84
C ARG A 21 4.89 -1.83 -11.19
N GLU A 22 5.24 -2.55 -12.21
CA GLU A 22 4.64 -2.29 -13.55
C GLU A 22 3.18 -2.75 -13.57
N TYR A 23 2.91 -3.87 -12.93
CA TYR A 23 1.52 -4.38 -12.90
C TYR A 23 0.63 -3.46 -12.04
N TYR A 24 1.22 -2.81 -11.07
CA TYR A 24 0.42 -1.89 -10.21
C TYR A 24 0.09 -0.60 -10.96
N VAL A 25 1.01 -0.14 -11.77
CA VAL A 25 0.75 1.12 -12.54
C VAL A 25 -0.27 0.85 -13.66
N ASN A 26 -0.38 -0.38 -14.08
CA ASN A 26 -1.35 -0.70 -15.17
C ASN A 26 -2.78 -0.44 -14.69
N GLN A 27 -3.22 -1.17 -13.70
CA GLN A 27 -4.61 -0.97 -13.19
C GLN A 27 -4.81 0.48 -12.76
N PHE A 28 -3.84 1.07 -12.12
CA PHE A 28 -3.98 2.50 -11.68
C PHE A 28 -4.07 3.40 -12.90
N ARG A 29 -3.53 2.97 -14.01
CA ARG A 29 -3.58 3.82 -15.24
C ARG A 29 -5.04 4.11 -15.62
N SER A 30 -5.86 3.10 -15.71
CA SER A 30 -7.28 3.33 -16.07
C SER A 30 -7.93 4.28 -15.07
N LEU A 31 -7.49 4.26 -13.84
CA LEU A 31 -8.07 5.16 -12.82
C LEU A 31 -7.47 6.56 -12.95
N GLN A 32 -6.31 6.66 -13.53
CA GLN A 32 -5.66 8.00 -13.70
C GLN A 32 -5.35 8.25 -15.18
N PRO A 33 -5.91 9.32 -15.69
CA PRO A 33 -5.70 9.67 -17.12
C PRO A 33 -4.20 9.76 -17.43
N ASP A 34 -3.43 10.27 -16.51
CA ASP A 34 -1.96 10.38 -16.75
C ASP A 34 -1.26 9.10 -16.33
N PRO A 35 -0.28 8.72 -17.10
CA PRO A 35 0.49 7.48 -16.80
C PRO A 35 1.26 7.64 -15.49
N SER A 36 1.57 8.85 -15.11
CA SER A 36 2.32 9.07 -13.85
C SER A 36 1.70 10.21 -13.05
N SER A 37 0.60 9.97 -12.40
CA SER A 37 -0.05 11.05 -11.60
C SER A 37 -0.64 10.49 -10.31
N PHE A 38 -1.29 11.31 -9.53
CA PHE A 38 -1.88 10.82 -8.26
C PHE A 38 -3.40 10.68 -8.41
N ILE A 39 -4.01 9.80 -7.65
CA ILE A 39 -5.49 9.63 -7.75
C ILE A 39 -6.19 10.48 -6.70
N SER A 40 -7.39 10.90 -6.95
CA SER A 40 -8.12 11.73 -5.96
C SER A 40 -8.35 10.95 -4.66
N GLY A 41 -8.46 9.65 -4.75
CA GLY A 41 -8.67 8.84 -3.53
C GLY A 41 -9.85 7.88 -3.75
N SER A 42 -11.06 8.36 -3.55
CA SER A 42 -12.24 7.48 -3.73
C SER A 42 -12.11 6.66 -5.03
N VAL A 43 -11.37 7.14 -5.98
CA VAL A 43 -11.21 6.38 -7.26
C VAL A 43 -10.57 5.02 -6.99
N ALA A 44 -9.40 5.00 -6.39
CA ALA A 44 -8.73 3.70 -6.11
C ALA A 44 -9.44 2.97 -4.98
N LYS A 45 -9.97 3.69 -4.02
CA LYS A 45 -10.68 3.02 -2.89
C LYS A 45 -11.95 2.37 -3.41
N ASN A 46 -12.35 2.70 -4.60
CA ASN A 46 -13.60 2.11 -5.16
C ASN A 46 -13.39 0.63 -5.47
N PHE A 47 -12.34 0.29 -6.15
CA PHE A 47 -12.09 -1.14 -6.48
C PHE A 47 -11.19 -1.79 -5.42
N PHE A 48 -10.49 -1.00 -4.65
CA PHE A 48 -9.60 -1.57 -3.60
C PHE A 48 -10.34 -2.61 -2.77
N THR A 49 -11.65 -2.55 -2.74
CA THR A 49 -12.44 -3.53 -1.95
C THR A 49 -11.86 -4.94 -2.11
N LYS A 50 -11.35 -5.26 -3.26
CA LYS A 50 -10.77 -6.62 -3.48
C LYS A 50 -9.47 -6.77 -2.68
N SER A 51 -9.57 -7.20 -1.45
CA SER A 51 -8.34 -7.37 -0.63
C SER A 51 -8.52 -8.54 0.35
N LYS A 52 -9.33 -8.38 1.35
CA LYS A 52 -9.54 -9.48 2.33
C LYS A 52 -10.73 -10.35 1.88
N LEU A 53 -11.53 -9.86 0.97
CA LEU A 53 -12.69 -10.66 0.49
C LEU A 53 -13.49 -11.19 1.68
N SER A 54 -13.65 -10.38 2.71
CA SER A 54 -14.42 -10.85 3.89
C SER A 54 -14.86 -9.63 4.72
N ILE A 55 -14.91 -9.77 6.03
CA ILE A 55 -15.33 -8.63 6.89
C ILE A 55 -14.65 -7.35 6.41
N PRO A 56 -15.38 -6.26 6.48
CA PRO A 56 -14.85 -4.96 6.05
C PRO A 56 -13.63 -4.57 6.89
N GLU A 57 -12.45 -4.72 6.35
CA GLU A 57 -11.23 -4.37 7.12
C GLU A 57 -10.22 -3.66 6.22
N LEU A 58 -10.68 -2.87 5.30
CA LEU A 58 -9.74 -2.15 4.38
C LEU A 58 -9.43 -0.76 4.94
N SER A 59 -9.82 -0.50 6.15
CA SER A 59 -9.54 0.84 6.76
C SER A 59 -8.06 0.97 7.10
N TYR A 60 -7.43 -0.12 7.44
CA TYR A 60 -5.97 -0.05 7.78
C TYR A 60 -5.14 0.01 6.49
N ILE A 61 -5.64 -0.55 5.42
CA ILE A 61 -4.88 -0.51 4.15
C ILE A 61 -4.83 0.93 3.62
N TRP A 62 -5.94 1.61 3.67
CA TRP A 62 -5.98 3.02 3.19
C TRP A 62 -5.30 3.94 4.21
N GLU A 63 -5.53 3.70 5.47
CA GLU A 63 -4.90 4.56 6.53
C GLU A 63 -3.38 4.53 6.34
N LEU A 64 -2.86 3.47 5.79
CA LEU A 64 -1.39 3.38 5.57
C LEU A 64 -1.04 3.77 4.14
N SER A 65 -1.98 3.65 3.23
CA SER A 65 -1.68 4.02 1.81
C SER A 65 -1.53 5.53 1.69
N ASP A 66 -2.18 6.28 2.53
CA ASP A 66 -2.06 7.77 2.46
C ASP A 66 -0.93 8.24 3.37
N ALA A 67 -0.38 9.40 3.09
CA ALA A 67 0.73 9.91 3.93
C ALA A 67 0.56 11.41 4.18
N ASP A 68 -0.64 11.90 4.12
CA ASP A 68 -0.88 13.36 4.35
C ASP A 68 -2.37 13.63 4.42
N CYS A 69 -3.12 12.61 4.78
CA CYS A 69 -4.59 12.74 4.87
C CYS A 69 -5.12 13.65 3.76
N ASP A 70 -4.46 13.64 2.63
CA ASP A 70 -4.91 14.50 1.50
C ASP A 70 -6.04 13.82 0.73
N GLY A 71 -6.28 12.56 0.99
CA GLY A 71 -7.37 11.84 0.27
C GLY A 71 -6.82 11.26 -1.03
N ALA A 72 -5.99 12.00 -1.72
CA ALA A 72 -5.42 11.49 -2.99
C ALA A 72 -4.10 10.77 -2.71
N LEU A 73 -3.67 9.94 -3.62
CA LEU A 73 -2.40 9.19 -3.40
C LEU A 73 -1.56 9.19 -4.68
N THR A 74 -0.37 9.72 -4.62
CA THR A 74 0.50 9.74 -5.83
C THR A 74 0.59 8.33 -6.43
N LEU A 75 0.79 8.23 -7.72
CA LEU A 75 0.91 6.88 -8.34
C LEU A 75 1.99 6.09 -7.59
N PRO A 76 3.14 6.68 -7.43
CA PRO A 76 4.25 5.99 -6.72
C PRO A 76 3.79 5.56 -5.32
N GLU A 77 2.88 6.27 -4.72
CA GLU A 77 2.41 5.87 -3.37
C GLU A 77 1.34 4.77 -3.50
N PHE A 78 0.69 4.72 -4.64
CA PHE A 78 -0.35 3.68 -4.85
C PHE A 78 0.32 2.34 -5.15
N CYS A 79 1.48 2.37 -5.74
CA CYS A 79 2.19 1.09 -6.05
C CYS A 79 2.34 0.26 -4.77
N ALA A 80 2.61 0.91 -3.67
CA ALA A 80 2.78 0.17 -2.39
C ALA A 80 1.40 -0.20 -1.82
N ALA A 81 0.44 0.68 -1.98
CA ALA A 81 -0.93 0.40 -1.45
C ALA A 81 -1.49 -0.86 -2.12
N PHE A 82 -0.91 -1.28 -3.21
CA PHE A 82 -1.43 -2.50 -3.89
C PHE A 82 -0.91 -3.76 -3.19
N HIS A 83 0.39 -3.94 -3.12
CA HIS A 83 0.93 -5.15 -2.44
C HIS A 83 0.33 -5.24 -1.03
N LEU A 84 -0.15 -4.14 -0.51
CA LEU A 84 -0.75 -4.15 0.84
C LEU A 84 -2.15 -4.80 0.78
N ILE A 85 -2.90 -4.47 -0.24
CA ILE A 85 -4.26 -5.06 -0.38
C ILE A 85 -4.16 -6.57 -0.54
N VAL A 86 -3.25 -7.02 -1.36
CA VAL A 86 -3.10 -8.49 -1.56
C VAL A 86 -2.38 -9.12 -0.37
N ALA A 87 -1.63 -8.33 0.36
CA ALA A 87 -0.90 -8.87 1.55
C ALA A 87 -1.80 -9.84 2.32
N ARG A 88 -3.07 -9.55 2.40
CA ARG A 88 -4.00 -10.44 3.15
C ARG A 88 -4.10 -11.79 2.43
N LYS A 89 -4.30 -11.78 1.14
CA LYS A 89 -4.41 -13.07 0.39
C LYS A 89 -3.07 -13.82 0.43
N ASN A 90 -2.07 -13.29 -0.21
CA ASN A 90 -0.75 -13.99 -0.21
C ASN A 90 -0.40 -14.46 1.20
N GLY A 91 -0.79 -13.73 2.20
CA GLY A 91 -0.49 -14.15 3.60
C GLY A 91 0.89 -13.61 4.00
N TYR A 92 1.32 -12.54 3.39
CA TYR A 92 2.65 -11.97 3.74
C TYR A 92 2.81 -11.90 5.26
N PRO A 93 4.05 -11.92 5.68
CA PRO A 93 4.35 -11.86 7.14
C PRO A 93 3.73 -10.61 7.77
N LEU A 94 4.30 -10.13 8.83
CA LEU A 94 3.74 -8.91 9.50
C LEU A 94 3.35 -7.88 8.45
N PRO A 95 2.25 -7.22 8.71
CA PRO A 95 1.74 -6.18 7.77
C PRO A 95 2.68 -4.98 7.77
N GLU A 96 2.30 -3.92 7.09
CA GLU A 96 3.17 -2.71 7.03
C GLU A 96 2.81 -1.76 8.17
N GLY A 97 3.41 -0.59 8.20
CA GLY A 97 3.09 0.37 9.28
C GLY A 97 3.55 -0.21 10.63
N LEU A 98 3.58 0.60 11.65
CA LEU A 98 4.02 0.08 12.98
C LEU A 98 2.86 0.12 13.97
N PRO A 99 1.86 -0.67 13.69
CA PRO A 99 0.67 -0.74 14.57
C PRO A 99 1.11 -0.85 16.03
N PRO A 100 1.86 -1.88 16.31
CA PRO A 100 2.35 -2.10 17.70
C PRO A 100 3.34 -0.99 18.09
N THR A 101 3.44 -0.69 19.35
CA THR A 101 4.39 0.38 19.78
C THR A 101 4.96 0.05 21.16
N LEU A 102 5.39 -1.16 21.35
CA LEU A 102 5.96 -1.56 22.68
C LEU A 102 7.29 -2.29 22.46
N GLN A 103 8.13 -1.79 21.61
CA GLN A 103 9.44 -2.46 21.37
C GLN A 103 10.26 -2.50 22.66
N PRO A 104 11.20 -3.42 22.68
CA PRO A 104 12.07 -3.59 23.86
C PRO A 104 12.92 -2.34 24.08
N GLU A 105 12.39 -1.34 24.71
CA GLU A 105 13.17 -0.09 24.95
C GLU A 105 13.73 -0.08 26.38
N PHE A 106 12.98 -0.57 27.32
CA PHE A 106 13.45 -0.59 28.73
C PHE A 106 13.76 -2.02 29.17
N ILE A 107 14.67 -2.68 28.50
CA ILE A 107 15.01 -4.07 28.89
C ILE A 107 16.51 -4.30 28.76
N VAL A 108 16.96 -4.72 27.60
CA VAL A 108 18.42 -4.95 27.42
C VAL A 108 19.06 -3.77 26.68
N THR A 109 20.27 -3.42 27.04
CA THR A 109 20.94 -2.28 26.35
C THR A 109 21.30 -2.66 24.92
N ASP A 110 21.83 -3.84 24.72
CA ASP A 110 22.20 -4.27 23.34
C ASP A 110 21.88 -5.75 23.14
CA CA B . -1.36 10.58 -0.09
N GLY A 1 37.09 -0.84 -9.92
CA GLY A 1 36.93 0.63 -10.12
C GLY A 1 37.49 1.38 -8.91
N SER A 2 37.03 1.07 -7.74
CA SER A 2 37.53 1.77 -6.52
C SER A 2 37.31 3.28 -6.64
N LEU A 3 38.24 3.98 -7.23
CA LEU A 3 38.07 5.46 -7.38
C LEU A 3 36.85 5.77 -8.26
N GLN A 4 36.64 5.00 -9.30
CA GLN A 4 35.47 5.25 -10.18
C GLN A 4 34.16 5.16 -9.37
N ASP A 5 33.29 6.13 -9.54
CA ASP A 5 32.01 6.08 -8.77
C ASP A 5 31.06 5.05 -9.40
N ASN A 6 29.85 4.98 -8.91
CA ASN A 6 28.88 4.00 -9.47
C ASN A 6 27.44 4.51 -9.28
N SER A 7 26.52 3.62 -9.01
CA SER A 7 25.11 4.05 -8.82
C SER A 7 24.45 3.23 -7.70
N SER A 8 23.73 3.88 -6.83
CA SER A 8 23.06 3.14 -5.73
C SER A 8 21.77 2.51 -6.22
N TYR A 9 21.19 1.62 -5.46
CA TYR A 9 19.92 0.97 -5.89
C TYR A 9 18.72 1.82 -5.47
N PRO A 10 17.94 2.19 -6.46
CA PRO A 10 16.73 3.01 -6.20
C PRO A 10 15.57 2.14 -5.72
N ASP A 11 15.82 1.22 -4.83
CA ASP A 11 14.72 0.34 -4.34
C ASP A 11 15.23 -0.54 -3.19
N GLU A 12 14.33 -1.20 -2.51
CA GLU A 12 14.76 -2.08 -1.38
C GLU A 12 13.55 -2.83 -0.81
N PRO A 13 12.61 -2.07 -0.32
CA PRO A 13 11.38 -2.67 0.27
C PRO A 13 10.61 -3.44 -0.81
N TRP A 14 10.60 -2.94 -2.01
CA TRP A 14 9.86 -3.65 -3.10
C TRP A 14 10.77 -4.67 -3.77
N ARG A 15 11.90 -4.23 -4.25
CA ARG A 15 12.85 -5.17 -4.92
C ARG A 15 12.14 -5.96 -6.02
N ILE A 16 12.43 -5.66 -7.25
CA ILE A 16 11.79 -6.40 -8.38
C ILE A 16 12.44 -5.99 -9.70
N THR A 17 11.71 -6.05 -10.78
CA THR A 17 12.29 -5.66 -12.11
C THR A 17 11.23 -5.75 -13.19
N GLU A 18 10.47 -4.71 -13.39
CA GLU A 18 9.42 -4.73 -14.43
C GLU A 18 8.57 -6.01 -14.30
N GLU A 19 8.59 -6.61 -13.15
CA GLU A 19 7.78 -7.85 -12.96
C GLU A 19 6.50 -7.50 -12.18
N GLN A 20 6.58 -6.50 -11.35
CA GLN A 20 5.39 -6.07 -10.57
C GLN A 20 5.08 -4.61 -10.85
N ARG A 21 6.06 -3.84 -11.26
CA ARG A 21 5.81 -2.40 -11.56
C ARG A 21 5.00 -2.29 -12.85
N GLU A 22 5.19 -3.19 -13.76
CA GLU A 22 4.43 -3.15 -15.03
C GLU A 22 2.95 -3.45 -14.77
N TYR A 23 2.69 -4.42 -13.93
CA TYR A 23 1.27 -4.77 -13.62
C TYR A 23 0.73 -3.79 -12.58
N TYR A 24 1.59 -3.12 -11.87
CA TYR A 24 1.11 -2.15 -10.84
C TYR A 24 0.59 -0.88 -11.53
N VAL A 25 1.34 -0.36 -12.47
CA VAL A 25 0.88 0.87 -13.18
C VAL A 25 -0.30 0.52 -14.10
N ASN A 26 -0.39 -0.70 -14.54
CA ASN A 26 -1.51 -1.10 -15.43
C ASN A 26 -2.84 -1.02 -14.66
N GLN A 27 -2.80 -1.18 -13.37
CA GLN A 27 -4.04 -1.11 -12.56
C GLN A 27 -4.33 0.35 -12.18
N PHE A 28 -3.44 0.96 -11.46
CA PHE A 28 -3.65 2.38 -11.07
C PHE A 28 -3.87 3.24 -12.32
N ARG A 29 -3.49 2.73 -13.46
CA ARG A 29 -3.67 3.50 -14.73
C ARG A 29 -5.15 3.52 -15.13
N SER A 30 -5.83 2.41 -14.97
CA SER A 30 -7.27 2.37 -15.34
C SER A 30 -7.97 3.64 -14.83
N LEU A 31 -7.48 4.21 -13.78
CA LEU A 31 -8.11 5.45 -13.24
C LEU A 31 -7.21 6.65 -13.52
N GLN A 32 -5.94 6.42 -13.73
CA GLN A 32 -5.01 7.54 -14.02
C GLN A 32 -4.40 7.39 -15.42
N PRO A 33 -4.84 8.22 -16.31
CA PRO A 33 -4.33 8.19 -17.70
C PRO A 33 -2.82 8.36 -17.73
N ASP A 34 -2.32 9.37 -17.08
CA ASP A 34 -0.85 9.61 -17.05
C ASP A 34 -0.13 8.36 -16.53
N PRO A 35 1.13 8.26 -16.87
CA PRO A 35 1.95 7.11 -16.44
C PRO A 35 2.11 7.10 -14.92
N SER A 36 2.17 8.26 -14.32
CA SER A 36 2.33 8.32 -12.84
C SER A 36 1.20 9.18 -12.23
N SER A 37 1.37 10.47 -12.21
CA SER A 37 0.32 11.35 -11.63
C SER A 37 -0.16 10.79 -10.29
N PHE A 38 -1.35 11.13 -9.89
CA PHE A 38 -1.88 10.63 -8.58
C PHE A 38 -3.40 10.41 -8.67
N ILE A 39 -3.89 9.36 -8.06
CA ILE A 39 -5.36 9.10 -8.10
C ILE A 39 -6.04 9.80 -6.93
N SER A 40 -7.29 10.16 -7.09
CA SER A 40 -8.00 10.85 -5.97
C SER A 40 -8.04 9.94 -4.73
N GLY A 41 -8.66 10.40 -3.68
CA GLY A 41 -8.73 9.57 -2.44
C GLY A 41 -9.91 8.59 -2.54
N SER A 42 -11.11 9.10 -2.60
CA SER A 42 -12.29 8.19 -2.71
C SER A 42 -12.19 7.35 -3.99
N VAL A 43 -11.81 7.97 -5.07
CA VAL A 43 -11.70 7.21 -6.36
C VAL A 43 -10.82 5.97 -6.16
N ALA A 44 -9.71 6.10 -5.50
CA ALA A 44 -8.81 4.92 -5.30
C ALA A 44 -9.45 3.94 -4.32
N LYS A 45 -9.92 4.41 -3.18
CA LYS A 45 -10.54 3.50 -2.19
C LYS A 45 -11.75 2.80 -2.80
N ASN A 46 -12.22 3.26 -3.92
CA ASN A 46 -13.40 2.63 -4.56
C ASN A 46 -13.03 1.26 -5.14
N PHE A 47 -11.83 1.11 -5.65
CA PHE A 47 -11.44 -0.20 -6.23
C PHE A 47 -10.69 -1.06 -5.21
N PHE A 48 -9.87 -0.48 -4.37
CA PHE A 48 -9.15 -1.31 -3.36
C PHE A 48 -10.10 -2.34 -2.76
N THR A 49 -11.37 -2.06 -2.74
CA THR A 49 -12.35 -3.02 -2.17
C THR A 49 -13.42 -3.36 -3.21
N LYS A 50 -13.01 -3.79 -4.37
CA LYS A 50 -14.00 -4.14 -5.43
C LYS A 50 -15.04 -5.12 -4.87
N SER A 51 -14.66 -5.95 -3.95
CA SER A 51 -15.61 -6.93 -3.37
C SER A 51 -15.15 -7.35 -1.97
N LYS A 52 -15.26 -6.46 -1.01
CA LYS A 52 -14.82 -6.79 0.39
C LYS A 52 -13.62 -7.74 0.38
N LEU A 53 -12.56 -7.35 -0.28
CA LEU A 53 -11.34 -8.22 -0.34
C LEU A 53 -11.13 -8.93 1.00
N SER A 54 -11.63 -10.13 1.13
CA SER A 54 -11.47 -10.87 2.42
C SER A 54 -12.13 -10.10 3.56
N ILE A 55 -13.37 -10.39 3.83
CA ILE A 55 -14.09 -9.67 4.92
C ILE A 55 -14.11 -8.16 4.66
N PRO A 56 -15.30 -7.59 4.74
CA PRO A 56 -15.45 -6.14 4.50
C PRO A 56 -14.62 -5.34 5.50
N GLU A 57 -13.46 -4.88 5.10
CA GLU A 57 -12.61 -4.10 6.04
C GLU A 57 -11.52 -3.33 5.27
N LEU A 58 -11.72 -3.10 4.00
CA LEU A 58 -10.70 -2.36 3.20
C LEU A 58 -10.54 -0.94 3.75
N SER A 59 -11.41 -0.53 4.62
CA SER A 59 -11.30 0.84 5.19
C SER A 59 -9.95 1.02 5.88
N TYR A 60 -9.59 0.11 6.75
CA TYR A 60 -8.28 0.23 7.45
C TYR A 60 -7.13 0.09 6.44
N ILE A 61 -7.40 -0.48 5.30
CA ILE A 61 -6.33 -0.63 4.27
C ILE A 61 -5.96 0.76 3.73
N TRP A 62 -6.94 1.52 3.31
CA TRP A 62 -6.66 2.89 2.79
C TRP A 62 -6.01 3.73 3.89
N GLU A 63 -6.48 3.61 5.10
CA GLU A 63 -5.88 4.40 6.21
C GLU A 63 -4.36 4.22 6.20
N LEU A 64 -3.89 3.04 5.95
CA LEU A 64 -2.42 2.80 5.92
C LEU A 64 -1.87 3.14 4.53
N SER A 65 -2.70 3.15 3.53
CA SER A 65 -2.22 3.48 2.16
C SER A 65 -2.06 5.00 2.01
N ASP A 66 -2.64 5.76 2.90
CA ASP A 66 -2.52 7.24 2.81
C ASP A 66 -1.26 7.72 3.54
N ALA A 67 -0.89 8.96 3.36
CA ALA A 67 0.32 9.47 4.04
C ALA A 67 0.04 10.84 4.68
N ASP A 68 -1.18 11.32 4.58
CA ASP A 68 -1.51 12.63 5.17
C ASP A 68 -2.99 12.93 4.93
N CYS A 69 -3.77 11.89 4.83
CA CYS A 69 -5.22 12.06 4.57
C CYS A 69 -5.46 13.19 3.57
N ASP A 70 -4.52 13.40 2.69
CA ASP A 70 -4.68 14.49 1.67
C ASP A 70 -5.79 14.14 0.68
N GLY A 71 -6.25 12.92 0.70
CA GLY A 71 -7.34 12.52 -0.24
C GLY A 71 -6.75 12.23 -1.62
N ALA A 72 -5.47 12.00 -1.70
CA ALA A 72 -4.84 11.72 -3.03
C ALA A 72 -3.62 10.81 -2.84
N LEU A 73 -3.25 10.08 -3.86
CA LEU A 73 -2.07 9.17 -3.73
C LEU A 73 -1.31 9.08 -5.06
N THR A 74 -0.19 9.76 -5.17
CA THR A 74 0.60 9.69 -6.44
C THR A 74 0.91 8.24 -6.80
N LEU A 75 1.54 8.00 -7.91
CA LEU A 75 1.87 6.59 -8.28
C LEU A 75 2.67 5.95 -7.13
N PRO A 76 3.65 6.67 -6.66
CA PRO A 76 4.48 6.17 -5.54
C PRO A 76 3.59 5.85 -4.34
N GLU A 77 2.49 6.53 -4.21
CA GLU A 77 1.58 6.26 -3.07
C GLU A 77 0.75 5.00 -3.35
N PHE A 78 0.52 4.71 -4.61
CA PHE A 78 -0.28 3.50 -4.95
C PHE A 78 0.62 2.26 -4.91
N CYS A 79 1.90 2.43 -4.96
CA CYS A 79 2.82 1.25 -4.92
C CYS A 79 2.74 0.56 -3.56
N ALA A 80 2.79 1.31 -2.50
CA ALA A 80 2.71 0.70 -1.14
C ALA A 80 1.28 0.29 -0.82
N ALA A 81 0.34 1.13 -1.17
CA ALA A 81 -1.09 0.79 -0.89
C ALA A 81 -1.39 -0.64 -1.34
N PHE A 82 -1.07 -0.96 -2.57
CA PHE A 82 -1.34 -2.35 -3.06
C PHE A 82 -0.50 -3.36 -2.27
N HIS A 83 0.70 -3.01 -1.92
CA HIS A 83 1.56 -3.95 -1.16
C HIS A 83 0.91 -4.31 0.18
N LEU A 84 -0.09 -3.57 0.57
CA LEU A 84 -0.77 -3.87 1.86
C LEU A 84 -1.99 -4.77 1.63
N ILE A 85 -2.70 -4.55 0.57
CA ILE A 85 -3.91 -5.39 0.29
C ILE A 85 -3.48 -6.77 -0.23
N VAL A 86 -2.29 -6.85 -0.79
CA VAL A 86 -1.82 -8.16 -1.31
C VAL A 86 -1.07 -8.93 -0.21
N ALA A 87 -0.47 -8.24 0.70
CA ALA A 87 0.28 -8.93 1.80
C ALA A 87 -0.54 -10.12 2.32
N ARG A 88 -1.83 -9.96 2.44
CA ARG A 88 -2.67 -11.09 2.94
C ARG A 88 -2.47 -12.33 2.07
N LYS A 89 -2.57 -12.19 0.79
CA LYS A 89 -2.37 -13.37 -0.11
C LYS A 89 -0.88 -13.71 -0.23
N ASN A 90 -0.03 -12.86 0.26
CA ASN A 90 1.43 -13.12 0.18
C ASN A 90 2.01 -13.34 1.58
N GLY A 91 1.17 -13.59 2.55
CA GLY A 91 1.68 -13.81 3.93
C GLY A 91 2.73 -12.75 4.28
N TYR A 92 2.32 -11.51 4.37
CA TYR A 92 3.29 -10.44 4.70
C TYR A 92 2.98 -9.86 6.09
N PRO A 93 3.87 -10.11 7.01
CA PRO A 93 3.69 -9.60 8.39
C PRO A 93 3.90 -8.08 8.44
N LEU A 94 3.01 -7.38 9.08
CA LEU A 94 3.16 -5.90 9.16
C LEU A 94 2.32 -5.34 10.32
N PRO A 95 2.89 -4.42 11.04
CA PRO A 95 2.20 -3.79 12.18
C PRO A 95 0.81 -3.32 11.77
N GLU A 96 0.62 -3.01 10.51
CA GLU A 96 -0.71 -2.54 10.02
C GLU A 96 -1.39 -1.64 11.06
N GLY A 97 -2.68 -1.48 10.96
CA GLY A 97 -3.40 -0.61 11.94
C GLY A 97 -4.40 -1.47 12.71
N LEU A 98 -5.06 -0.91 13.69
CA LEU A 98 -6.06 -1.70 14.45
C LEU A 98 -7.31 -0.88 14.79
N PRO A 99 -7.75 -0.08 13.85
CA PRO A 99 -8.95 0.75 14.08
C PRO A 99 -10.20 -0.12 14.36
N PRO A 100 -10.32 -1.20 13.63
CA PRO A 100 -11.49 -2.10 13.81
C PRO A 100 -11.70 -2.46 15.29
N THR A 101 -10.70 -3.00 15.93
CA THR A 101 -10.86 -3.38 17.36
C THR A 101 -10.17 -2.34 18.27
N LEU A 102 -9.08 -2.68 18.90
CA LEU A 102 -8.40 -1.70 19.79
C LEU A 102 -7.20 -2.36 20.49
N GLN A 103 -6.42 -3.10 19.76
CA GLN A 103 -5.24 -3.77 20.38
C GLN A 103 -4.54 -2.82 21.35
N PRO A 104 -4.47 -3.21 22.59
CA PRO A 104 -3.83 -2.38 23.63
C PRO A 104 -2.32 -2.29 23.37
N GLU A 105 -1.91 -1.39 22.51
CA GLU A 105 -0.46 -1.25 22.21
C GLU A 105 0.00 0.19 22.48
N PHE A 106 -0.93 1.07 22.79
CA PHE A 106 -0.54 2.49 23.06
C PHE A 106 -1.44 3.08 24.14
N ILE A 107 -1.73 2.34 25.17
CA ILE A 107 -2.60 2.86 26.25
C ILE A 107 -2.19 4.28 26.63
N VAL A 108 -0.92 4.48 26.90
CA VAL A 108 -0.42 5.85 27.26
C VAL A 108 -1.46 6.59 28.11
N THR A 109 -1.38 6.46 29.39
CA THR A 109 -2.36 7.17 30.28
C THR A 109 -1.65 8.23 31.12
N ASP A 110 -0.64 8.86 30.55
CA ASP A 110 0.09 9.91 31.32
C ASP A 110 0.65 9.33 32.62
CA CA B . -1.48 10.71 0.51
N GLY A 1 2.79 13.07 7.44
CA GLY A 1 4.20 12.66 7.69
C GLY A 1 4.21 11.28 8.36
N SER A 2 5.37 10.78 8.68
CA SER A 2 5.45 9.43 9.33
C SER A 2 6.90 9.12 9.72
N LEU A 3 7.11 8.00 10.36
CA LEU A 3 8.51 7.64 10.77
C LEU A 3 9.05 6.54 9.84
N GLN A 4 8.73 6.61 8.57
CA GLN A 4 9.24 5.58 7.62
C GLN A 4 10.50 6.07 6.92
N ASP A 5 11.46 5.22 6.72
CA ASP A 5 12.72 5.64 6.05
C ASP A 5 12.39 6.48 4.81
N ASN A 6 13.11 7.55 4.60
CA ASN A 6 12.84 8.41 3.41
C ASN A 6 14.15 8.90 2.81
N SER A 7 14.09 9.51 1.65
CA SER A 7 15.34 10.01 1.00
C SER A 7 16.31 8.86 0.76
N SER A 8 16.02 8.01 -0.19
CA SER A 8 16.94 6.87 -0.47
C SER A 8 16.66 6.30 -1.86
N TYR A 9 15.84 5.27 -1.95
CA TYR A 9 15.54 4.68 -3.28
C TYR A 9 14.23 3.88 -3.21
N PRO A 10 13.40 4.09 -4.19
CA PRO A 10 12.09 3.36 -4.25
C PRO A 10 12.33 1.85 -4.25
N ASP A 11 11.29 1.08 -4.26
CA ASP A 11 11.45 -0.41 -4.25
C ASP A 11 12.30 -0.84 -3.06
N GLU A 12 11.70 -1.50 -2.10
CA GLU A 12 12.49 -1.95 -0.91
C GLU A 12 11.71 -3.01 -0.13
N PRO A 13 10.58 -2.62 0.40
CA PRO A 13 9.74 -3.55 1.18
C PRO A 13 9.51 -4.85 0.40
N TRP A 14 9.17 -4.75 -0.86
CA TRP A 14 8.95 -5.98 -1.67
C TRP A 14 10.25 -6.43 -2.33
N ARG A 15 11.17 -5.52 -2.55
CA ARG A 15 12.46 -5.89 -3.17
C ARG A 15 12.23 -6.45 -4.59
N ILE A 16 12.75 -5.80 -5.58
CA ILE A 16 12.57 -6.29 -6.97
C ILE A 16 13.34 -5.40 -7.95
N THR A 17 12.89 -5.31 -9.17
CA THR A 17 13.60 -4.45 -10.17
C THR A 17 12.78 -4.35 -11.45
N GLU A 18 12.14 -3.24 -11.66
CA GLU A 18 11.31 -3.06 -12.89
C GLU A 18 10.56 -4.36 -13.22
N GLU A 19 10.28 -5.15 -12.23
CA GLU A 19 9.55 -6.42 -12.47
C GLU A 19 8.21 -6.38 -11.74
N GLN A 20 8.03 -5.43 -10.85
CA GLN A 20 6.75 -5.33 -10.12
C GLN A 20 6.02 -4.07 -10.56
N ARG A 21 6.77 -3.06 -10.93
CA ARG A 21 6.13 -1.79 -11.39
C ARG A 21 5.38 -2.03 -12.70
N GLU A 22 5.64 -3.14 -13.35
CA GLU A 22 4.95 -3.44 -14.63
C GLU A 22 3.50 -3.82 -14.34
N TYR A 23 3.28 -4.81 -13.52
CA TYR A 23 1.88 -5.23 -13.21
C TYR A 23 1.28 -4.29 -12.16
N TYR A 24 2.10 -3.54 -11.47
CA TYR A 24 1.57 -2.61 -10.43
C TYR A 24 1.04 -1.34 -11.10
N VAL A 25 1.82 -0.76 -11.97
CA VAL A 25 1.37 0.48 -12.67
C VAL A 25 0.24 0.15 -13.64
N ASN A 26 0.17 -1.07 -14.09
CA ASN A 26 -0.91 -1.45 -15.05
C ASN A 26 -2.26 -1.52 -14.32
N GLN A 27 -2.23 -1.65 -13.02
CA GLN A 27 -3.50 -1.72 -12.25
C GLN A 27 -3.97 -0.29 -11.92
N PHE A 28 -3.19 0.46 -11.22
CA PHE A 28 -3.59 1.86 -10.88
C PHE A 28 -3.83 2.64 -12.17
N ARG A 29 -3.16 2.27 -13.24
CA ARG A 29 -3.36 2.99 -14.53
C ARG A 29 -4.79 2.77 -15.04
N SER A 30 -5.28 1.57 -14.97
CA SER A 30 -6.67 1.30 -15.45
C SER A 30 -7.62 2.35 -14.86
N LEU A 31 -7.27 2.91 -13.74
CA LEU A 31 -8.14 3.94 -13.11
C LEU A 31 -7.58 5.34 -13.37
N GLN A 32 -6.30 5.45 -13.62
CA GLN A 32 -5.69 6.77 -13.88
C GLN A 32 -4.93 6.75 -15.22
N PRO A 33 -5.49 7.41 -16.20
CA PRO A 33 -4.87 7.46 -17.54
C PRO A 33 -3.55 8.25 -17.47
N ASP A 34 -3.52 9.31 -16.71
CA ASP A 34 -2.27 10.12 -16.61
C ASP A 34 -1.12 9.25 -16.08
N PRO A 35 -0.02 9.31 -16.77
CA PRO A 35 1.18 8.52 -16.36
C PRO A 35 1.72 9.04 -15.02
N SER A 36 1.44 10.27 -14.70
CA SER A 36 1.93 10.83 -13.41
C SER A 36 0.79 11.50 -12.65
N SER A 37 -0.27 10.77 -12.40
CA SER A 37 -1.42 11.36 -11.67
C SER A 37 -1.50 10.79 -10.24
N PHE A 38 -2.62 10.93 -9.61
CA PHE A 38 -2.77 10.40 -8.21
C PHE A 38 -4.23 10.00 -7.96
N ILE A 39 -4.44 8.84 -7.39
CA ILE A 39 -5.84 8.41 -7.10
C ILE A 39 -6.21 8.86 -5.69
N SER A 40 -7.33 9.50 -5.53
CA SER A 40 -7.72 9.98 -4.18
C SER A 40 -9.23 9.91 -3.95
N GLY A 41 -9.62 9.65 -2.72
CA GLY A 41 -11.07 9.60 -2.39
C GLY A 41 -11.59 8.18 -2.57
N SER A 42 -12.77 8.04 -3.10
CA SER A 42 -13.34 6.68 -3.32
C SER A 42 -12.77 6.08 -4.61
N VAL A 43 -11.75 6.69 -5.16
CA VAL A 43 -11.17 6.15 -6.42
C VAL A 43 -10.40 4.86 -6.12
N ALA A 44 -9.59 4.84 -5.10
CA ALA A 44 -8.83 3.60 -4.78
C ALA A 44 -9.56 2.77 -3.73
N LYS A 45 -10.19 3.40 -2.77
CA LYS A 45 -10.91 2.63 -1.73
C LYS A 45 -12.07 1.84 -2.35
N ASN A 46 -12.37 2.10 -3.59
CA ASN A 46 -13.49 1.38 -4.26
C ASN A 46 -13.03 -0.01 -4.72
N PHE A 47 -12.16 -0.06 -5.68
CA PHE A 47 -11.69 -1.38 -6.20
C PHE A 47 -10.71 -2.04 -5.21
N PHE A 48 -10.01 -1.25 -4.44
CA PHE A 48 -9.04 -1.81 -3.46
C PHE A 48 -9.62 -3.06 -2.79
N THR A 49 -10.72 -2.92 -2.09
CA THR A 49 -11.32 -4.09 -1.41
C THR A 49 -12.26 -4.85 -2.34
N LYS A 50 -12.63 -4.25 -3.45
CA LYS A 50 -13.56 -4.91 -4.41
C LYS A 50 -14.98 -4.91 -3.85
N SER A 51 -15.28 -5.78 -2.92
CA SER A 51 -16.65 -5.82 -2.35
C SER A 51 -16.57 -6.16 -0.86
N LYS A 52 -15.80 -5.40 -0.10
CA LYS A 52 -15.64 -5.68 1.35
C LYS A 52 -15.65 -7.19 1.60
N LEU A 53 -14.74 -7.90 0.99
CA LEU A 53 -14.66 -9.37 1.14
C LEU A 53 -15.18 -9.81 2.52
N SER A 54 -14.81 -9.12 3.55
CA SER A 54 -15.30 -9.50 4.91
C SER A 54 -14.78 -8.49 5.94
N ILE A 55 -15.42 -8.40 7.08
CA ILE A 55 -14.98 -7.44 8.13
C ILE A 55 -14.48 -6.14 7.50
N PRO A 56 -15.41 -5.40 6.96
CA PRO A 56 -15.08 -4.11 6.30
C PRO A 56 -14.25 -3.23 7.24
N GLU A 57 -13.16 -2.70 6.76
CA GLU A 57 -12.30 -1.83 7.62
C GLU A 57 -11.28 -1.09 6.76
N LEU A 58 -11.61 -0.80 5.53
CA LEU A 58 -10.64 -0.08 4.65
C LEU A 58 -10.05 1.14 5.36
N SER A 59 -10.71 1.63 6.38
CA SER A 59 -10.20 2.83 7.10
C SER A 59 -8.69 2.69 7.42
N TYR A 60 -8.23 1.49 7.66
CA TYR A 60 -6.77 1.32 7.97
C TYR A 60 -5.97 1.05 6.70
N ILE A 61 -6.58 0.43 5.72
CA ILE A 61 -5.83 0.16 4.45
C ILE A 61 -5.51 1.48 3.75
N TRP A 62 -6.34 2.47 3.93
CA TRP A 62 -6.11 3.78 3.27
C TRP A 62 -5.28 4.67 4.19
N GLU A 63 -5.51 4.61 5.48
CA GLU A 63 -4.71 5.44 6.42
C GLU A 63 -3.24 5.10 6.28
N LEU A 64 -2.94 3.93 5.78
CA LEU A 64 -1.51 3.53 5.61
C LEU A 64 -1.08 3.78 4.18
N SER A 65 -1.99 3.70 3.23
CA SER A 65 -1.61 3.95 1.81
C SER A 65 -1.17 5.39 1.63
N ASP A 66 -1.84 6.31 2.27
CA ASP A 66 -1.46 7.75 2.14
C ASP A 66 -0.31 8.08 3.09
N ALA A 67 0.30 9.23 2.93
CA ALA A 67 1.43 9.59 3.82
C ALA A 67 1.44 11.11 4.05
N ASP A 68 0.30 11.75 4.03
CA ASP A 68 0.26 13.22 4.26
C ASP A 68 -1.14 13.59 4.72
N CYS A 69 -1.87 12.63 5.20
CA CYS A 69 -3.25 12.87 5.66
C CYS A 69 -3.96 13.87 4.74
N ASP A 70 -3.59 13.87 3.49
CA ASP A 70 -4.23 14.80 2.53
C ASP A 70 -5.47 14.16 1.90
N GLY A 71 -5.47 12.85 1.79
CA GLY A 71 -6.66 12.17 1.20
C GLY A 71 -6.41 11.83 -0.27
N ALA A 72 -5.17 11.73 -0.66
CA ALA A 72 -4.88 11.41 -2.10
C ALA A 72 -3.56 10.64 -2.21
N LEU A 73 -3.34 9.94 -3.30
CA LEU A 73 -2.07 9.18 -3.45
C LEU A 73 -1.54 9.28 -4.88
N THR A 74 -0.32 9.71 -5.03
CA THR A 74 0.26 9.82 -6.39
C THR A 74 0.53 8.43 -6.97
N LEU A 75 0.89 8.33 -8.21
CA LEU A 75 1.17 6.99 -8.79
C LEU A 75 2.14 6.25 -7.89
N PRO A 76 3.19 6.93 -7.52
CA PRO A 76 4.22 6.33 -6.63
C PRO A 76 3.58 5.91 -5.31
N GLU A 77 2.60 6.64 -4.85
CA GLU A 77 1.94 6.29 -3.56
C GLU A 77 1.15 4.98 -3.71
N PHE A 78 0.65 4.72 -4.89
CA PHE A 78 -0.13 3.46 -5.10
C PHE A 78 0.81 2.25 -5.08
N CYS A 79 1.99 2.38 -5.60
CA CYS A 79 2.95 1.25 -5.61
C CYS A 79 3.02 0.59 -4.22
N ALA A 80 2.66 1.31 -3.19
CA ALA A 80 2.71 0.72 -1.82
C ALA A 80 1.31 0.27 -1.39
N ALA A 81 0.31 1.00 -1.76
CA ALA A 81 -1.08 0.62 -1.38
C ALA A 81 -1.40 -0.79 -1.88
N PHE A 82 -1.12 -1.07 -3.12
CA PHE A 82 -1.42 -2.42 -3.67
C PHE A 82 -0.50 -3.48 -3.05
N HIS A 83 0.51 -3.07 -2.33
CA HIS A 83 1.42 -4.07 -1.70
C HIS A 83 0.75 -4.68 -0.47
N LEU A 84 0.08 -3.88 0.32
CA LEU A 84 -0.58 -4.42 1.54
C LEU A 84 -1.96 -5.00 1.21
N ILE A 85 -2.53 -4.61 0.10
CA ILE A 85 -3.88 -5.14 -0.27
C ILE A 85 -3.72 -6.50 -0.98
N VAL A 86 -2.96 -6.54 -2.03
CA VAL A 86 -2.77 -7.83 -2.76
C VAL A 86 -2.13 -8.87 -1.83
N ALA A 87 -1.42 -8.42 -0.84
CA ALA A 87 -0.76 -9.37 0.11
C ALA A 87 -1.78 -10.37 0.66
N ARG A 88 -3.05 -10.03 0.61
CA ARG A 88 -4.08 -10.96 1.15
C ARG A 88 -4.87 -11.60 -0.01
N LYS A 89 -5.23 -10.84 -1.00
CA LYS A 89 -5.99 -11.41 -2.14
C LYS A 89 -5.25 -12.61 -2.73
N ASN A 90 -4.00 -12.46 -3.04
CA ASN A 90 -3.22 -13.59 -3.61
C ASN A 90 -3.04 -14.69 -2.56
N GLY A 91 -3.22 -14.37 -1.31
CA GLY A 91 -3.06 -15.40 -0.24
C GLY A 91 -1.69 -15.23 0.41
N TYR A 92 -1.00 -14.16 0.11
CA TYR A 92 0.36 -13.95 0.71
C TYR A 92 0.23 -13.67 2.21
N PRO A 93 1.27 -13.96 2.93
CA PRO A 93 1.29 -13.73 4.40
C PRO A 93 1.00 -12.26 4.70
N LEU A 94 -0.09 -11.99 5.38
CA LEU A 94 -0.43 -10.57 5.71
C LEU A 94 0.75 -9.90 6.42
N PRO A 95 1.10 -8.73 5.94
CA PRO A 95 2.22 -7.97 6.54
C PRO A 95 1.89 -7.56 7.98
N GLU A 96 1.09 -6.55 8.14
CA GLU A 96 0.72 -6.10 9.51
C GLU A 96 -0.66 -5.44 9.49
N GLY A 97 -1.19 -5.12 10.65
CA GLY A 97 -2.53 -4.47 10.70
C GLY A 97 -2.58 -3.49 11.88
N LEU A 98 -1.44 -3.10 12.37
CA LEU A 98 -1.43 -2.14 13.52
C LEU A 98 -0.45 -0.99 13.24
N PRO A 99 -0.70 0.11 13.87
CA PRO A 99 0.17 1.31 13.70
C PRO A 99 1.59 1.00 14.17
N PRO A 100 2.45 1.96 14.00
CA PRO A 100 3.87 1.79 14.41
C PRO A 100 3.95 1.49 15.91
N THR A 101 3.90 0.24 16.28
CA THR A 101 3.97 -0.12 17.72
C THR A 101 4.19 -1.63 17.88
N LEU A 102 5.26 -2.14 17.34
CA LEU A 102 5.53 -3.60 17.47
C LEU A 102 6.94 -3.91 16.96
N GLN A 103 7.92 -3.21 17.43
CA GLN A 103 9.32 -3.47 16.97
C GLN A 103 10.29 -3.38 18.14
N PRO A 104 10.06 -4.19 19.14
CA PRO A 104 10.94 -4.20 20.34
C PRO A 104 12.34 -4.71 19.95
N GLU A 105 12.42 -5.82 19.29
CA GLU A 105 13.74 -6.37 18.89
C GLU A 105 14.15 -5.81 17.53
N PHE A 106 13.19 -5.44 16.72
CA PHE A 106 13.52 -4.88 15.37
C PHE A 106 13.80 -3.38 15.47
N ILE A 107 14.57 -2.97 16.43
CA ILE A 107 14.87 -1.51 16.59
C ILE A 107 15.88 -1.08 15.51
N VAL A 108 16.93 -1.83 15.33
CA VAL A 108 17.94 -1.45 14.30
C VAL A 108 17.46 -1.87 12.90
N THR A 109 18.10 -1.36 11.88
CA THR A 109 17.70 -1.70 10.48
C THR A 109 16.17 -1.81 10.38
N ASP A 110 15.45 -0.88 10.94
CA ASP A 110 13.97 -0.93 10.87
C ASP A 110 13.50 -0.75 9.42
CA CA B . -0.37 11.54 -0.07
N GLY A 1 21.92 17.22 4.54
CA GLY A 1 22.86 16.88 3.45
C GLY A 1 22.07 16.64 2.15
N SER A 2 21.90 15.41 1.77
CA SER A 2 21.13 15.13 0.52
C SER A 2 19.62 15.27 0.76
N LEU A 3 18.93 15.91 -0.12
CA LEU A 3 17.45 16.07 0.06
C LEU A 3 16.76 16.18 -1.30
N GLN A 4 17.28 15.52 -2.30
CA GLN A 4 16.66 15.58 -3.65
C GLN A 4 15.14 15.38 -3.54
N ASP A 5 14.41 15.74 -4.56
CA ASP A 5 12.92 15.58 -4.52
C ASP A 5 12.48 14.51 -5.52
N ASN A 6 13.01 14.55 -6.72
CA ASN A 6 12.61 13.53 -7.73
C ASN A 6 13.85 13.04 -8.50
N SER A 7 14.90 12.74 -7.80
CA SER A 7 16.14 12.25 -8.51
C SER A 7 16.50 10.85 -8.00
N SER A 8 15.54 10.12 -7.50
CA SER A 8 15.84 8.75 -7.00
C SER A 8 14.64 7.81 -7.27
N TYR A 9 14.91 6.59 -7.62
CA TYR A 9 13.80 5.63 -7.91
C TYR A 9 12.79 5.63 -6.75
N PRO A 10 11.53 5.65 -7.10
CA PRO A 10 10.45 5.66 -6.09
C PRO A 10 10.19 4.24 -5.58
N ASP A 11 11.15 3.63 -4.95
CA ASP A 11 10.95 2.25 -4.42
C ASP A 11 11.92 1.97 -3.27
N GLU A 12 11.92 2.82 -2.29
CA GLU A 12 12.85 2.61 -1.13
C GLU A 12 12.16 1.86 0.04
N PRO A 13 10.84 1.94 0.15
CA PRO A 13 10.17 1.24 1.26
C PRO A 13 10.10 -0.27 0.98
N TRP A 14 9.89 -0.65 -0.25
CA TRP A 14 9.81 -2.11 -0.56
C TRP A 14 11.03 -2.53 -1.41
N ARG A 15 11.57 -1.63 -2.17
CA ARG A 15 12.75 -1.97 -3.01
C ARG A 15 12.37 -3.01 -4.06
N ILE A 16 12.56 -2.70 -5.31
CA ILE A 16 12.22 -3.69 -6.39
C ILE A 16 12.57 -3.11 -7.76
N THR A 17 11.87 -3.53 -8.77
CA THR A 17 12.12 -3.04 -10.15
C THR A 17 10.86 -3.23 -10.98
N GLU A 18 11.00 -3.64 -12.19
CA GLU A 18 9.80 -3.86 -13.04
C GLU A 18 9.02 -5.09 -12.54
N GLU A 19 9.51 -5.74 -11.52
CA GLU A 19 8.81 -6.95 -10.99
C GLU A 19 7.44 -6.58 -10.39
N GLN A 20 7.38 -5.51 -9.64
CA GLN A 20 6.08 -5.12 -9.04
C GLN A 20 5.70 -3.70 -9.48
N ARG A 21 6.67 -2.93 -9.89
CA ARG A 21 6.37 -1.54 -10.34
C ARG A 21 5.70 -1.58 -11.70
N GLU A 22 5.87 -2.66 -12.42
CA GLU A 22 5.23 -2.76 -13.77
C GLU A 22 3.74 -3.05 -13.60
N TYR A 23 3.40 -4.04 -12.81
CA TYR A 23 1.96 -4.37 -12.62
C TYR A 23 1.27 -3.31 -11.77
N TYR A 24 1.98 -2.65 -10.90
CA TYR A 24 1.35 -1.61 -10.05
C TYR A 24 1.14 -0.32 -10.84
N VAL A 25 2.01 -0.04 -11.77
CA VAL A 25 1.86 1.20 -12.57
C VAL A 25 0.91 0.96 -13.75
N ASN A 26 0.81 -0.25 -14.23
CA ASN A 26 -0.10 -0.53 -15.37
C ASN A 26 -1.55 -0.56 -14.90
N GLN A 27 -1.78 -0.85 -13.65
CA GLN A 27 -3.17 -0.89 -13.13
C GLN A 27 -3.62 0.53 -12.75
N PHE A 28 -2.94 1.15 -11.82
CA PHE A 28 -3.32 2.53 -11.41
C PHE A 28 -3.43 3.41 -12.65
N ARG A 29 -2.80 3.01 -13.73
CA ARG A 29 -2.86 3.83 -14.97
C ARG A 29 -4.30 3.87 -15.50
N SER A 30 -4.97 2.76 -15.51
CA SER A 30 -6.37 2.74 -16.01
C SER A 30 -7.18 3.83 -15.29
N LEU A 31 -7.05 3.91 -13.99
CA LEU A 31 -7.78 4.96 -13.23
C LEU A 31 -7.08 6.30 -13.40
N GLN A 32 -5.83 6.28 -13.76
CA GLN A 32 -5.08 7.54 -13.95
C GLN A 32 -4.26 7.48 -15.25
N PRO A 33 -4.85 7.97 -16.30
CA PRO A 33 -4.18 7.96 -17.62
C PRO A 33 -2.81 8.63 -17.52
N ASP A 34 -2.72 9.72 -16.81
CA ASP A 34 -1.42 10.42 -16.67
C ASP A 34 -0.31 9.42 -16.31
N PRO A 35 0.85 9.64 -16.86
CA PRO A 35 2.00 8.75 -16.59
C PRO A 35 2.40 8.84 -15.11
N SER A 36 2.29 10.00 -14.53
CA SER A 36 2.67 10.16 -13.09
C SER A 36 1.71 11.14 -12.41
N SER A 37 0.54 10.71 -12.06
CA SER A 37 -0.43 11.63 -11.40
C SER A 37 -0.94 11.01 -10.09
N PHE A 38 -1.87 11.67 -9.44
CA PHE A 38 -2.42 11.13 -8.17
C PHE A 38 -3.93 10.89 -8.30
N ILE A 39 -4.44 9.93 -7.58
CA ILE A 39 -5.91 9.65 -7.65
C ILE A 39 -6.64 10.50 -6.61
N SER A 40 -7.55 11.32 -7.03
CA SER A 40 -8.29 12.18 -6.06
C SER A 40 -8.73 11.37 -4.84
N GLY A 41 -8.85 10.07 -4.99
CA GLY A 41 -9.28 9.23 -3.83
C GLY A 41 -10.70 8.72 -4.08
N SER A 42 -11.10 7.69 -3.35
CA SER A 42 -12.47 7.10 -3.51
C SER A 42 -12.51 6.17 -4.73
N VAL A 43 -11.87 6.53 -5.81
CA VAL A 43 -11.88 5.64 -7.01
C VAL A 43 -11.14 4.33 -6.70
N ALA A 44 -9.95 4.42 -6.18
CA ALA A 44 -9.19 3.19 -5.85
C ALA A 44 -9.51 2.73 -4.43
N LYS A 45 -10.24 3.50 -3.69
CA LYS A 45 -10.60 3.06 -2.31
C LYS A 45 -11.53 1.85 -2.42
N ASN A 46 -12.49 1.92 -3.30
CA ASN A 46 -13.40 0.76 -3.50
C ASN A 46 -12.58 -0.39 -4.09
N PHE A 47 -11.55 -0.05 -4.81
CA PHE A 47 -10.67 -1.08 -5.41
C PHE A 47 -10.19 -2.04 -4.32
N PHE A 48 -9.75 -1.50 -3.22
CA PHE A 48 -9.26 -2.34 -2.10
C PHE A 48 -10.42 -2.84 -1.24
N THR A 49 -11.60 -2.32 -1.44
CA THR A 49 -12.76 -2.79 -0.64
C THR A 49 -12.74 -4.30 -0.49
N LYS A 50 -12.28 -5.00 -1.49
CA LYS A 50 -12.24 -6.50 -1.41
C LYS A 50 -10.96 -6.95 -0.71
N SER A 51 -11.03 -7.28 0.55
CA SER A 51 -9.82 -7.73 1.28
C SER A 51 -10.12 -7.85 2.78
N LYS A 52 -10.73 -6.84 3.35
CA LYS A 52 -11.05 -6.90 4.81
C LYS A 52 -11.68 -8.25 5.16
N LEU A 53 -12.28 -8.91 4.20
CA LEU A 53 -12.91 -10.23 4.48
C LEU A 53 -13.99 -10.09 5.55
N SER A 54 -15.22 -9.91 5.15
CA SER A 54 -16.32 -9.77 6.15
C SER A 54 -15.97 -8.66 7.15
N ILE A 55 -15.30 -8.99 8.22
CA ILE A 55 -14.93 -7.96 9.23
C ILE A 55 -14.33 -6.73 8.54
N PRO A 56 -14.96 -5.60 8.72
CA PRO A 56 -14.47 -4.35 8.10
C PRO A 56 -13.12 -3.95 8.70
N GLU A 57 -12.08 -3.95 7.91
CA GLU A 57 -10.74 -3.57 8.44
C GLU A 57 -9.86 -3.05 7.31
N LEU A 58 -10.44 -2.42 6.32
CA LEU A 58 -9.63 -1.89 5.19
C LEU A 58 -9.22 -0.44 5.46
N SER A 59 -9.48 0.04 6.64
CA SER A 59 -9.11 1.45 6.98
C SER A 59 -7.59 1.57 7.11
N TYR A 60 -6.93 0.51 7.49
CA TYR A 60 -5.44 0.58 7.63
C TYR A 60 -4.78 0.47 6.26
N ILE A 61 -5.42 -0.20 5.33
CA ILE A 61 -4.83 -0.32 3.97
C ILE A 61 -4.83 1.05 3.28
N TRP A 62 -5.89 1.79 3.45
CA TRP A 62 -5.96 3.14 2.82
C TRP A 62 -5.14 4.14 3.65
N GLU A 63 -5.22 4.05 4.95
CA GLU A 63 -4.43 4.98 5.80
C GLU A 63 -2.96 4.89 5.42
N LEU A 64 -2.55 3.78 4.87
CA LEU A 64 -1.12 3.62 4.46
C LEU A 64 -0.93 4.11 3.02
N SER A 65 -1.96 4.02 2.22
CA SER A 65 -1.83 4.49 0.81
C SER A 65 -1.73 6.01 0.77
N ASP A 66 -2.30 6.67 1.74
CA ASP A 66 -2.24 8.17 1.77
C ASP A 66 -1.09 8.63 2.68
N ALA A 67 -0.79 9.90 2.67
CA ALA A 67 0.31 10.40 3.54
C ALA A 67 -0.01 11.80 4.05
N ASP A 68 -1.26 12.17 4.08
CA ASP A 68 -1.64 13.53 4.58
C ASP A 68 -3.16 13.64 4.60
N CYS A 69 -3.82 12.53 4.75
CA CYS A 69 -5.29 12.52 4.76
C CYS A 69 -5.85 13.55 3.76
N ASP A 70 -5.14 13.76 2.69
CA ASP A 70 -5.61 14.73 1.66
C ASP A 70 -6.73 14.11 0.83
N GLY A 71 -6.94 12.83 0.96
CA GLY A 71 -8.01 12.16 0.16
C GLY A 71 -7.42 11.61 -1.14
N ALA A 72 -6.46 12.30 -1.70
CA ALA A 72 -5.84 11.82 -2.96
C ALA A 72 -4.52 11.10 -2.67
N LEU A 73 -4.06 10.29 -3.58
CA LEU A 73 -2.79 9.55 -3.36
C LEU A 73 -1.96 9.53 -4.64
N THR A 74 -0.81 10.15 -4.61
CA THR A 74 0.06 10.18 -5.83
C THR A 74 0.20 8.76 -6.40
N LEU A 75 0.67 8.64 -7.61
CA LEU A 75 0.83 7.29 -8.20
C LEU A 75 1.77 6.44 -7.32
N PRO A 76 2.84 7.05 -6.88
CA PRO A 76 3.81 6.33 -6.00
C PRO A 76 3.08 5.80 -4.77
N GLU A 77 2.01 6.42 -4.37
CA GLU A 77 1.26 5.94 -3.17
C GLU A 77 0.49 4.67 -3.52
N PHE A 78 -0.08 4.61 -4.69
CA PHE A 78 -0.84 3.39 -5.10
C PHE A 78 0.12 2.23 -5.37
N CYS A 79 1.34 2.53 -5.72
CA CYS A 79 2.34 1.46 -6.00
C CYS A 79 2.44 0.51 -4.80
N ALA A 80 2.13 0.97 -3.63
CA ALA A 80 2.22 0.09 -2.44
C ALA A 80 0.82 -0.40 -2.02
N ALA A 81 -0.18 0.40 -2.23
CA ALA A 81 -1.56 -0.01 -1.85
C ALA A 81 -1.97 -1.29 -2.60
N PHE A 82 -1.51 -1.45 -3.81
CA PHE A 82 -1.89 -2.67 -4.58
C PHE A 82 -1.32 -3.93 -3.93
N HIS A 83 -0.02 -4.09 -3.94
CA HIS A 83 0.57 -5.31 -3.31
C HIS A 83 -0.07 -5.58 -1.95
N LEU A 84 -0.60 -4.56 -1.32
CA LEU A 84 -1.25 -4.76 0.00
C LEU A 84 -2.49 -5.65 -0.16
N ILE A 85 -3.35 -5.33 -1.09
CA ILE A 85 -4.57 -6.15 -1.29
C ILE A 85 -4.20 -7.63 -1.52
N VAL A 86 -3.39 -7.89 -2.50
CA VAL A 86 -2.98 -9.30 -2.78
C VAL A 86 -2.31 -9.92 -1.54
N ALA A 87 -1.63 -9.11 -0.77
CA ALA A 87 -0.96 -9.66 0.45
C ALA A 87 -1.98 -10.35 1.36
N ARG A 88 -2.99 -9.63 1.78
CA ARG A 88 -4.02 -10.25 2.67
C ARG A 88 -4.81 -11.32 1.91
N LYS A 89 -4.95 -11.17 0.62
CA LYS A 89 -5.71 -12.17 -0.17
C LYS A 89 -5.19 -13.58 0.11
N ASN A 90 -3.95 -13.85 -0.23
CA ASN A 90 -3.39 -15.20 0.03
C ASN A 90 -2.79 -15.28 1.43
N GLY A 91 -3.15 -14.38 2.30
CA GLY A 91 -2.61 -14.40 3.69
C GLY A 91 -1.08 -14.34 3.64
N TYR A 92 -0.53 -13.89 2.55
CA TYR A 92 0.96 -13.80 2.46
C TYR A 92 1.54 -13.21 3.75
N PRO A 93 2.54 -13.87 4.26
CA PRO A 93 3.19 -13.40 5.52
C PRO A 93 3.79 -12.01 5.32
N LEU A 94 3.43 -11.08 6.16
CA LEU A 94 3.98 -9.69 6.01
C LEU A 94 4.77 -9.31 7.26
N PRO A 95 6.06 -9.48 7.17
CA PRO A 95 6.95 -9.14 8.31
C PRO A 95 6.89 -7.64 8.60
N GLU A 96 6.59 -6.84 7.61
CA GLU A 96 6.51 -5.37 7.83
C GLU A 96 5.05 -4.92 7.86
N GLY A 97 4.82 -3.64 7.99
CA GLY A 97 3.42 -3.13 8.02
C GLY A 97 2.91 -3.13 9.46
N LEU A 98 1.88 -3.88 9.74
CA LEU A 98 1.33 -3.91 11.13
C LEU A 98 2.47 -4.09 12.14
N PRO A 99 2.48 -3.24 13.13
CA PRO A 99 3.53 -3.30 14.18
C PRO A 99 3.56 -4.69 14.83
N PRO A 100 2.40 -5.17 15.19
CA PRO A 100 2.30 -6.50 15.84
C PRO A 100 2.44 -7.62 14.80
N THR A 101 3.65 -7.93 14.41
CA THR A 101 3.85 -9.01 13.39
C THR A 101 3.99 -10.36 14.08
N LEU A 102 3.62 -10.44 15.33
CA LEU A 102 3.75 -11.74 16.07
C LEU A 102 2.39 -12.14 16.65
N GLN A 103 1.77 -11.25 17.39
CA GLN A 103 0.44 -11.59 17.99
C GLN A 103 0.59 -12.77 18.96
N PRO A 104 0.24 -12.53 20.20
CA PRO A 104 0.34 -13.59 21.23
C PRO A 104 -0.70 -14.69 20.96
N GLU A 105 -0.39 -15.61 20.09
CA GLU A 105 -1.36 -16.72 19.79
C GLU A 105 -0.64 -18.07 19.83
N PHE A 106 0.27 -18.24 20.76
CA PHE A 106 1.01 -19.53 20.88
C PHE A 106 1.30 -20.11 19.48
N ILE A 107 1.57 -19.26 18.53
CA ILE A 107 1.86 -19.75 17.15
C ILE A 107 2.94 -20.83 17.19
N VAL A 108 4.07 -20.53 17.78
CA VAL A 108 5.17 -21.54 17.86
C VAL A 108 5.56 -21.78 19.32
N THR A 109 5.43 -22.99 19.79
CA THR A 109 5.79 -23.28 21.20
C THR A 109 7.25 -23.75 21.28
N ASP A 110 7.79 -24.23 20.19
CA ASP A 110 9.20 -24.71 20.21
C ASP A 110 10.05 -23.87 19.26
CA CA B . -1.79 11.28 -0.07
#